data_8STV
#
_entry.id   8STV
#
_cell.length_a   111.591
_cell.length_b   73.222
_cell.length_c   170.655
_cell.angle_alpha   90.00
_cell.angle_beta   97.73
_cell.angle_gamma   90.00
#
_symmetry.space_group_name_H-M   'P 1 21 1'
#
loop_
_entity.id
_entity.type
_entity.pdbx_description
1 polymer 'Reverse transcriptase/ribonuclease H'
2 polymer 'p51 RT'
3 non-polymer 'SULFATE ION'
4 non-polymer 1,2-ETHANEDIOL
5 non-polymer 5-{2-[2-(2,4-dioxo-3,4-dihydropyrimidin-1(2H)-yl)ethoxy]phenoxy}naphthalene-2-carbonitrile
6 non-polymer 'MAGNESIUM ION'
7 water water
#
loop_
_entity_poly.entity_id
_entity_poly.type
_entity_poly.pdbx_seq_one_letter_code
_entity_poly.pdbx_strand_id
1 'polypeptide(L)'
;MVPISPIETVPVKLKPGMDGPKVKQWPLTEEKIKALVEICTEMEKEGKISKIGPENPYNTPVFAIKKKDSTKWRKLVDFR
ELNKRTQDFWEVQLGIPHPAGLKKKKSATVLDVGDAYFSVPLDEDFRKYTAFTIPSINNETPGIRYQYNVLPQGWKGSPA
IFQSSMTKILEPFAAQNPDIVICQYMDDLYVGSDLEIGQHRTKIEELRQHLLRWGLTTPDKKHQKEPPFLWMGYELHPDK
WTVQPIVLPEKDSWTVNDIQKLVGKLNWASQIYPGIKVRQLSKLLRGTKALTEVIPLTEEAELELAENREILKEPVHGVY
YDPSKDLIAEIQKQGQGQWTYQIYQEPFKNLKTGKYARMRGAHTNDVKQLTEAVQKITTESIVIWGKTPKFKLPIQKETW
ETWWTEYWQATWIPEWEFVNTPPLVKLWYQLEKEPIVGAETFYVDGAANRETKLGKAGYVTNKGRQKVVPLTNTTNQKTE
LQAIYLALQDSGLEVNIVTDSQYALGIIQAQPDKSESELVNQIIEQLIKKEKVYLAWVPAHKGIGGNEQVDKLVSAGI
;
A,C
2 'polypeptide(L)'
;PISPIETVPVKLKPGMDGPKVKQWPLTEEKIKALVEICTEMEKEGKISKIGPENPYNTPVFAIKKKDSTKWRKLVDFREL
NKRTQDFWEVQLGIPHPAGLKKKKSVTVLDVGDAYFSVPLDEDFRKYTAFTIPSINNETPGIRYQYNVLPQGWKGSPAIF
QSSMTKILEPFKKQNPDIVIYQYMDDLYVGSDLEIGQHRTKIEELRQHLLRWGLTTPDKKHQKEPPFLWMGYELHPDKWT
VQPIVLPEKDSWTVNDIQKLVGKLNWASQIYPGIKVRQLSKLLRGTKALTEVIPLTEEAELELAENREILKEPVHGVYYD
PSKDLIAEIQKQGQGQWTYQIYQEPFKNLKTGKYARMRGAHTNDVKQLTEAVQKITTESIVIWGKTPKFKLPIQKETWET
WWTEYWQATWIPEWEFVNTPPLVKLWYQ
;
B,D
#
loop_
_chem_comp.id
_chem_comp.type
_chem_comp.name
_chem_comp.formula
3LQ non-polymer 5-{2-[2-(2,4-dioxo-3,4-dihydropyrimidin-1(2H)-yl)ethoxy]phenoxy}naphthalene-2-carbonitrile 'C23 H17 N3 O4'
EDO non-polymer 1,2-ETHANEDIOL 'C2 H6 O2'
MG non-polymer 'MAGNESIUM ION' 'Mg 2'
SO4 non-polymer 'SULFATE ION' 'O4 S -2'
#
# COMPACT_ATOMS: atom_id res chain seq x y z
N PRO A 6 -18.37 9.94 29.11
CA PRO A 6 -18.57 9.32 27.79
C PRO A 6 -17.58 9.86 26.76
N ILE A 7 -16.90 10.95 27.10
CA ILE A 7 -15.95 11.57 26.19
C ILE A 7 -14.77 10.64 25.95
N GLU A 8 -14.38 10.50 24.69
CA GLU A 8 -13.21 9.71 24.33
C GLU A 8 -11.95 10.36 24.87
N THR A 9 -11.02 9.54 25.36
CA THR A 9 -9.77 10.05 25.89
C THR A 9 -8.80 10.40 24.77
N VAL A 10 -7.89 11.32 25.10
CA VAL A 10 -6.77 11.69 24.22
C VAL A 10 -5.54 10.95 24.72
N PRO A 11 -4.93 10.08 23.90
CA PRO A 11 -3.72 9.39 24.36
C PRO A 11 -2.61 10.38 24.71
N VAL A 12 -2.04 10.20 25.90
CA VAL A 12 -1.03 11.10 26.44
C VAL A 12 0.20 10.27 26.79
N LYS A 13 1.38 10.86 26.58
CA LYS A 13 2.64 10.19 26.85
C LYS A 13 3.60 11.15 27.52
N LEU A 14 4.58 10.59 28.23
CA LEU A 14 5.65 11.38 28.82
C LEU A 14 6.76 11.58 27.79
N LYS A 15 7.63 12.54 28.08
CA LYS A 15 8.77 12.78 27.21
C LYS A 15 9.62 11.51 27.15
N PRO A 16 10.28 11.26 26.01
CA PRO A 16 10.95 9.95 25.84
C PRO A 16 11.97 9.63 26.91
N GLY A 17 12.93 10.52 27.16
CA GLY A 17 13.98 10.24 28.12
C GLY A 17 13.46 10.16 29.56
N MET A 18 12.49 10.99 29.89
CA MET A 18 12.07 11.16 31.28
C MET A 18 11.15 10.03 31.73
N ASP A 19 10.89 9.99 33.04
CA ASP A 19 9.99 9.03 33.64
C ASP A 19 9.12 9.75 34.67
N GLY A 20 8.08 9.06 35.12
CA GLY A 20 7.10 9.62 36.03
C GLY A 20 7.70 10.26 37.26
N PRO A 21 7.02 11.27 37.80
CA PRO A 21 7.54 11.99 38.95
C PRO A 21 7.56 11.13 40.20
N LYS A 22 8.47 11.46 41.12
CA LYS A 22 8.53 10.79 42.41
C LYS A 22 9.04 11.82 43.43
N VAL A 23 8.09 12.49 44.10
CA VAL A 23 8.41 13.53 45.06
C VAL A 23 7.83 13.14 46.41
N LYS A 24 8.35 13.77 47.46
CA LYS A 24 7.93 13.49 48.82
C LYS A 24 7.00 14.60 49.31
N GLN A 25 5.93 14.20 50.00
CA GLN A 25 4.92 15.15 50.44
C GLN A 25 5.38 15.84 51.71
N TRP A 26 5.43 17.17 51.66
CA TRP A 26 5.80 17.95 52.85
C TRP A 26 4.69 17.86 53.90
N PRO A 27 5.05 17.88 55.18
CA PRO A 27 4.04 17.80 56.23
C PRO A 27 3.16 19.05 56.25
N LEU A 28 1.97 18.89 56.82
CA LEU A 28 0.99 19.96 56.83
C LEU A 28 0.14 19.87 58.09
N THR A 29 -0.54 20.98 58.39
CA THR A 29 -1.39 21.04 59.57
C THR A 29 -2.53 20.03 59.46
N GLU A 30 -2.92 19.46 60.60
CA GLU A 30 -3.94 18.41 60.60
C GLU A 30 -5.30 18.93 60.18
N GLU A 31 -5.62 20.19 60.50
CA GLU A 31 -6.87 20.77 60.03
C GLU A 31 -6.93 20.76 58.51
N LYS A 32 -5.82 21.09 57.84
CA LYS A 32 -5.77 20.98 56.39
C LYS A 32 -5.89 19.54 55.94
N ILE A 33 -5.25 18.61 56.66
CA ILE A 33 -5.27 17.21 56.28
C ILE A 33 -6.70 16.67 56.28
N LYS A 34 -7.47 17.00 57.31
CA LYS A 34 -8.88 16.60 57.33
C LYS A 34 -9.64 17.24 56.18
N ALA A 35 -9.34 18.50 55.87
CA ALA A 35 -9.99 19.17 54.75
C ALA A 35 -9.67 18.50 53.43
N LEU A 36 -8.38 18.18 53.21
CA LEU A 36 -8.00 17.43 52.01
C LEU A 36 -8.69 16.08 51.99
N VAL A 37 -8.82 15.43 53.15
CA VAL A 37 -9.53 14.16 53.23
C VAL A 37 -10.99 14.33 52.82
N GLU A 38 -11.64 15.39 53.30
CA GLU A 38 -13.04 15.61 52.94
C GLU A 38 -13.20 15.88 51.45
N ILE A 39 -12.31 16.69 50.87
CA ILE A 39 -12.39 17.00 49.45
C ILE A 39 -12.16 15.76 48.60
N CYS A 40 -11.18 14.95 48.98
CA CYS A 40 -10.84 13.76 48.20
C CYS A 40 -11.91 12.69 48.31
N THR A 41 -12.59 12.59 49.46
CA THR A 41 -13.69 11.64 49.57
C THR A 41 -14.84 11.99 48.62
N GLU A 42 -15.17 13.27 48.51
CA GLU A 42 -16.23 13.68 47.60
C GLU A 42 -15.85 13.40 46.16
N MET A 43 -14.62 13.77 45.77
CA MET A 43 -14.16 13.53 44.41
C MET A 43 -14.15 12.04 44.09
N GLU A 44 -13.75 11.21 45.05
CA GLU A 44 -13.77 9.76 44.83
C GLU A 44 -15.18 9.28 44.52
N LYS A 45 -16.19 9.87 45.17
CA LYS A 45 -17.57 9.45 44.93
C LYS A 45 -18.01 9.75 43.50
N GLU A 46 -17.53 10.84 42.91
CA GLU A 46 -17.95 11.25 41.58
C GLU A 46 -17.09 10.65 40.47
N GLY A 47 -16.13 9.79 40.81
CA GLY A 47 -15.29 9.14 39.83
C GLY A 47 -14.09 9.94 39.39
N LYS A 48 -13.88 11.13 39.93
CA LYS A 48 -12.79 11.98 39.48
C LYS A 48 -11.43 11.43 39.90
N ILE A 49 -11.32 10.96 41.14
CA ILE A 49 -10.08 10.38 41.64
C ILE A 49 -10.38 8.99 42.21
N SER A 50 -9.33 8.17 42.27
CA SER A 50 -9.45 6.82 42.80
C SER A 50 -8.23 6.50 43.65
N LYS A 51 -8.47 5.82 44.78
CA LYS A 51 -7.40 5.45 45.68
C LYS A 51 -6.54 4.35 45.06
N ILE A 52 -5.25 4.38 45.37
CA ILE A 52 -4.27 3.45 44.85
C ILE A 52 -3.48 2.85 45.99
N GLY A 53 -2.79 1.74 45.69
CA GLY A 53 -1.93 1.10 46.65
C GLY A 53 -0.48 1.51 46.48
N PRO A 54 0.43 0.73 47.07
CA PRO A 54 1.86 1.03 46.95
C PRO A 54 2.50 0.48 45.69
N GLU A 55 1.74 -0.22 44.84
CA GLU A 55 2.28 -0.69 43.57
C GLU A 55 2.72 0.48 42.70
N ASN A 56 2.04 1.61 42.80
CA ASN A 56 2.44 2.81 42.08
C ASN A 56 3.65 3.43 42.75
N PRO A 57 4.70 3.79 42.00
CA PRO A 57 5.87 4.43 42.59
C PRO A 57 5.87 5.95 42.54
N TYR A 58 4.87 6.56 41.92
CA TYR A 58 4.90 7.99 41.61
C TYR A 58 4.05 8.79 42.60
N ASN A 59 4.54 9.97 42.96
CA ASN A 59 3.79 10.90 43.80
C ASN A 59 4.13 12.33 43.41
N THR A 60 3.12 13.20 43.51
CA THR A 60 3.32 14.63 43.35
C THR A 60 2.67 15.36 44.52
N PRO A 61 3.26 16.46 44.98
CA PRO A 61 2.85 17.05 46.25
C PRO A 61 1.48 17.73 46.21
N VAL A 62 0.71 17.50 47.27
CA VAL A 62 -0.60 18.12 47.44
C VAL A 62 -0.48 19.23 48.48
N PHE A 63 -1.44 20.16 48.44
CA PHE A 63 -1.46 21.29 49.36
C PHE A 63 -2.91 21.72 49.57
N ALA A 64 -3.13 22.59 50.55
CA ALA A 64 -4.45 23.11 50.85
C ALA A 64 -4.38 24.61 51.06
N ILE A 65 -5.33 25.34 50.49
CA ILE A 65 -5.39 26.79 50.63
C ILE A 65 -6.83 27.23 50.85
N ASP A 69 -13.14 29.10 55.42
CA ASP A 69 -13.98 29.66 54.37
C ASP A 69 -13.37 30.94 53.80
N SER A 70 -13.76 31.27 52.57
CA SER A 70 -13.26 32.44 51.83
C SER A 70 -11.75 32.63 51.95
N LYS A 72 -12.10 28.80 49.37
CA LYS A 72 -11.07 28.56 50.37
C LYS A 72 -11.00 27.09 50.76
N TRP A 73 -9.86 26.70 51.33
CA TRP A 73 -9.60 25.31 51.69
C TRP A 73 -9.82 24.39 50.50
N ARG A 74 -9.37 24.85 49.32
CA ARG A 74 -9.38 24.07 48.11
C ARG A 74 -8.10 23.25 48.01
N LYS A 75 -8.08 22.31 47.08
CA LYS A 75 -6.95 21.41 46.89
C LYS A 75 -6.07 21.92 45.76
N LEU A 76 -4.77 22.02 46.04
CA LEU A 76 -3.78 22.42 45.04
C LEU A 76 -2.70 21.34 44.95
N VAL A 77 -2.36 20.95 43.74
CA VAL A 77 -1.32 19.96 43.48
C VAL A 77 -0.24 20.60 42.63
N ASP A 78 1.02 20.42 43.04
CA ASP A 78 2.15 20.98 42.31
C ASP A 78 2.60 19.94 41.27
N PHE A 79 2.16 20.12 40.03
CA PHE A 79 2.47 19.22 38.94
C PHE A 79 3.71 19.63 38.15
N ARG A 80 4.48 20.60 38.66
CA ARG A 80 5.61 21.13 37.92
C ARG A 80 6.54 20.02 37.44
N GLU A 81 6.87 19.09 38.33
CA GLU A 81 7.73 17.97 37.93
C GLU A 81 7.05 17.10 36.88
N LEU A 82 5.77 16.77 37.10
CA LEU A 82 5.03 15.99 36.11
C LEU A 82 4.94 16.75 34.79
N ASN A 83 4.70 18.07 34.85
CA ASN A 83 4.65 18.86 33.63
C ASN A 83 6.00 18.85 32.92
N LYS A 84 7.10 18.93 33.66
CA LYS A 84 8.43 18.88 33.04
C LYS A 84 8.65 17.55 32.32
N ARG A 85 8.02 16.48 32.78
CA ARG A 85 8.19 15.17 32.16
C ARG A 85 7.12 14.85 31.13
N THR A 86 6.09 15.69 31.00
CA THR A 86 4.98 15.43 30.11
C THR A 86 5.29 15.94 28.70
N GLN A 87 4.86 15.18 27.69
CA GLN A 87 5.05 15.56 26.29
C GLN A 87 4.51 16.96 26.03
N ASP A 88 5.08 17.61 25.03
CA ASP A 88 4.50 18.85 24.53
C ASP A 88 3.20 18.54 23.79
N PHE A 89 2.23 19.44 23.91
CA PHE A 89 0.97 19.34 23.19
C PHE A 89 0.87 20.46 22.17
N TRP A 90 -0.19 20.43 21.38
CA TRP A 90 -0.47 21.56 20.50
C TRP A 90 -1.07 22.66 21.35
N GLU A 91 -0.34 23.77 21.48
CA GLU A 91 -0.68 24.79 22.46
C GLU A 91 -1.98 25.49 22.11
N VAL A 92 -2.77 25.82 23.14
CA VAL A 92 -3.97 26.59 22.94
C VAL A 92 -3.62 28.00 22.44
N GLN A 93 -4.58 28.63 21.79
CA GLN A 93 -4.33 29.90 21.11
C GLN A 93 -4.15 31.03 22.13
N LEU A 94 -2.96 31.61 22.14
CA LEU A 94 -2.66 32.68 23.09
C LEU A 94 -3.45 33.95 22.78
N GLY A 95 -3.59 34.30 21.51
CA GLY A 95 -4.31 35.51 21.15
C GLY A 95 -5.78 35.43 21.53
N ILE A 96 -6.29 36.51 22.09
CA ILE A 96 -7.70 36.57 22.49
C ILE A 96 -8.47 37.34 21.43
N PRO A 97 -9.74 37.02 21.19
CA PRO A 97 -10.52 37.74 20.18
C PRO A 97 -10.56 39.24 20.46
N HIS A 98 -10.28 40.01 19.44
CA HIS A 98 -10.34 41.45 19.67
C HIS A 98 -11.76 41.93 19.47
N PRO A 99 -12.29 42.77 20.37
CA PRO A 99 -13.70 43.18 20.26
C PRO A 99 -14.03 43.85 18.95
N ALA A 100 -13.10 44.62 18.38
CA ALA A 100 -13.35 45.27 17.10
C ALA A 100 -13.59 44.27 15.97
N GLY A 101 -13.17 43.01 16.15
CA GLY A 101 -13.46 42.00 15.15
C GLY A 101 -14.82 41.36 15.26
N LEU A 102 -15.52 41.57 16.37
CA LEU A 102 -16.83 40.98 16.57
C LEU A 102 -17.86 41.66 15.69
N LYS A 103 -18.86 40.88 15.27
CA LYS A 103 -19.97 41.39 14.47
C LYS A 103 -21.19 41.54 15.36
N LYS A 104 -21.86 42.69 15.28
CA LYS A 104 -23.01 42.98 16.12
C LYS A 104 -24.08 41.91 15.93
N LYS A 105 -24.60 41.41 17.05
CA LYS A 105 -25.61 40.36 17.05
C LYS A 105 -26.76 40.77 17.95
N LYS A 106 -27.95 40.29 17.63
CA LYS A 106 -29.15 40.70 18.36
C LYS A 106 -29.04 40.32 19.84
N SER A 107 -28.56 39.12 20.12
CA SER A 107 -28.33 38.68 21.49
C SER A 107 -27.03 37.89 21.56
N ALA A 108 -26.41 37.90 22.74
CA ALA A 108 -25.15 37.20 22.95
C ALA A 108 -25.08 36.75 24.40
N THR A 109 -24.72 35.48 24.61
CA THR A 109 -24.79 34.87 25.93
C THR A 109 -23.45 34.27 26.31
N VAL A 110 -23.12 34.36 27.60
CA VAL A 110 -21.94 33.71 28.16
C VAL A 110 -22.40 32.47 28.91
N LEU A 111 -21.97 31.31 28.45
CA LEU A 111 -22.17 30.03 29.14
C LEU A 111 -20.80 29.57 29.60
N ASP A 112 -20.44 29.91 30.84
CA ASP A 112 -19.22 29.37 31.43
C ASP A 112 -19.45 27.92 31.87
N VAL A 113 -18.42 27.11 31.71
CA VAL A 113 -18.48 25.69 32.04
C VAL A 113 -17.89 25.49 33.44
N GLY A 114 -18.63 24.82 34.31
CA GLY A 114 -18.18 24.56 35.66
C GLY A 114 -17.42 23.24 35.75
N ASP A 115 -16.40 23.23 36.61
CA ASP A 115 -15.55 22.05 36.81
C ASP A 115 -15.16 21.43 35.48
N ALA A 116 -14.73 22.30 34.56
CA ALA A 116 -14.57 21.93 33.16
C ALA A 116 -13.55 20.80 33.00
N TYR A 117 -12.37 20.97 33.59
CA TYR A 117 -11.34 19.94 33.45
C TYR A 117 -11.79 18.63 34.07
N PHE A 118 -12.46 18.68 35.21
CA PHE A 118 -12.87 17.47 35.90
C PHE A 118 -13.97 16.71 35.17
N SER A 119 -14.61 17.33 34.18
CA SER A 119 -15.61 16.61 33.39
C SER A 119 -14.99 15.71 32.33
N VAL A 120 -13.76 15.97 31.94
CA VAL A 120 -13.13 15.30 30.80
C VAL A 120 -12.22 14.19 31.30
N PRO A 121 -12.30 12.98 30.75
CA PRO A 121 -11.47 11.87 31.24
C PRO A 121 -10.00 12.06 30.94
N LEU A 122 -9.18 11.32 31.68
CA LEU A 122 -7.75 11.26 31.48
C LEU A 122 -7.36 9.89 30.96
N ASP A 123 -6.32 9.84 30.13
CA ASP A 123 -5.84 8.59 29.58
C ASP A 123 -5.50 7.61 30.70
N GLU A 124 -6.01 6.38 30.58
CA GLU A 124 -5.83 5.40 31.64
C GLU A 124 -4.34 5.09 31.87
N ASP A 125 -3.57 5.02 30.78
CA ASP A 125 -2.15 4.71 30.91
C ASP A 125 -1.36 5.86 31.53
N PHE A 126 -1.89 7.08 31.50
CA PHE A 126 -1.21 8.21 32.10
C PHE A 126 -1.66 8.50 33.52
N ARG A 127 -2.74 7.86 33.98
CA ARG A 127 -3.28 8.17 35.30
C ARG A 127 -2.26 7.92 36.40
N LYS A 128 -1.44 6.87 36.25
CA LYS A 128 -0.48 6.50 37.28
C LYS A 128 0.39 7.69 37.69
N TYR A 129 0.84 8.47 36.73
CA TYR A 129 1.77 9.56 37.02
C TYR A 129 1.12 10.69 37.83
N THR A 130 -0.21 10.81 37.80
CA THR A 130 -0.90 11.87 38.50
C THR A 130 -1.15 11.54 39.97
N ALA A 131 -0.42 10.56 40.51
CA ALA A 131 -0.71 10.03 41.83
C ALA A 131 -0.27 11.00 42.93
N PHE A 132 -1.10 11.09 43.97
CA PHE A 132 -0.81 11.98 45.09
C PHE A 132 -1.12 11.28 46.41
N THR A 133 -0.44 11.71 47.46
CA THR A 133 -0.53 11.09 48.77
C THR A 133 -1.03 12.13 49.77
N ILE A 134 -2.16 11.86 50.40
CA ILE A 134 -2.71 12.77 51.42
C ILE A 134 -1.80 12.75 52.63
N PRO A 135 -1.42 13.91 53.18
CA PRO A 135 -0.52 13.90 54.34
C PRO A 135 -1.14 13.15 55.50
N SER A 136 -0.34 12.33 56.16
CA SER A 136 -0.81 11.66 57.36
C SER A 136 -0.85 12.64 58.52
N ILE A 137 -1.93 12.56 59.30
CA ILE A 137 -2.09 13.45 60.45
C ILE A 137 -0.94 13.23 61.43
N ASN A 138 -0.61 11.97 61.72
CA ASN A 138 0.55 11.60 62.49
C ASN A 138 1.59 10.96 61.57
N ASN A 139 2.86 11.32 61.76
CA ASN A 139 3.91 10.79 60.90
C ASN A 139 3.97 9.27 60.92
N GLU A 140 3.44 8.65 61.97
CA GLU A 140 3.46 7.19 62.07
C GLU A 140 2.59 6.52 61.01
N THR A 141 1.48 7.15 60.61
CA THR A 141 0.67 6.36 59.71
C THR A 141 1.03 6.64 58.25
N PRO A 142 0.95 5.65 57.37
CA PRO A 142 1.06 5.94 55.94
C PRO A 142 -0.18 6.67 55.45
N GLY A 143 0.03 7.70 54.66
CA GLY A 143 -1.09 8.49 54.16
C GLY A 143 -1.91 7.74 53.13
N ILE A 144 -3.13 8.23 52.92
CA ILE A 144 -3.96 7.71 51.83
C ILE A 144 -3.40 8.17 50.50
N ARG A 145 -3.59 7.35 49.46
CA ARG A 145 -3.06 7.64 48.14
C ARG A 145 -4.18 7.60 47.11
N TYR A 146 -4.09 8.50 46.12
CA TYR A 146 -5.09 8.63 45.08
C TYR A 146 -4.40 8.82 43.74
N GLN A 147 -5.19 8.69 42.66
CA GLN A 147 -4.74 9.01 41.31
C GLN A 147 -5.91 9.61 40.54
N TYR A 148 -5.61 10.58 39.67
CA TYR A 148 -6.65 11.25 38.92
C TYR A 148 -7.18 10.36 37.80
N ASN A 149 -8.49 10.44 37.57
CA ASN A 149 -9.13 9.84 36.40
C ASN A 149 -9.62 10.89 35.42
N VAL A 150 -9.51 12.17 35.77
CA VAL A 150 -9.91 13.29 34.92
C VAL A 150 -8.74 14.27 34.87
N LEU A 151 -8.93 15.37 34.15
CA LEU A 151 -7.84 16.29 33.90
C LEU A 151 -7.47 17.04 35.17
N PRO A 152 -6.25 16.89 35.68
CA PRO A 152 -5.84 17.67 36.85
C PRO A 152 -5.76 19.15 36.53
N GLN A 153 -6.02 19.97 37.55
CA GLN A 153 -6.15 21.42 37.34
C GLN A 153 -4.84 22.02 36.83
N GLY A 154 -3.72 21.70 37.48
CA GLY A 154 -2.45 22.30 37.15
C GLY A 154 -1.60 21.55 36.15
N TRP A 155 -2.17 20.56 35.45
CA TRP A 155 -1.39 19.74 34.53
C TRP A 155 -1.22 20.43 33.19
N LYS A 156 -0.15 20.04 32.47
CA LYS A 156 0.23 20.74 31.25
C LYS A 156 -0.80 20.55 30.14
N GLY A 157 -1.36 19.34 30.02
CA GLY A 157 -2.26 19.03 28.93
C GLY A 157 -3.73 19.25 29.18
N SER A 158 -4.12 19.57 30.41
CA SER A 158 -5.53 19.80 30.70
C SER A 158 -6.16 20.91 29.86
N PRO A 159 -5.54 22.09 29.67
CA PRO A 159 -6.18 23.11 28.82
C PRO A 159 -6.41 22.65 27.39
N ALA A 160 -5.41 22.00 26.79
CA ALA A 160 -5.52 21.61 25.39
C ALA A 160 -6.49 20.46 25.20
N ILE A 161 -6.44 19.46 26.10
CA ILE A 161 -7.35 18.33 25.98
C ILE A 161 -8.79 18.77 26.21
N PHE A 162 -9.02 19.73 27.11
CA PHE A 162 -10.37 20.23 27.29
C PHE A 162 -10.88 20.91 26.04
N GLN A 163 -10.04 21.72 25.38
CA GLN A 163 -10.46 22.44 24.19
C GLN A 163 -10.84 21.48 23.07
N SER A 164 -10.01 20.46 22.83
CA SER A 164 -10.31 19.50 21.77
C SER A 164 -11.59 18.74 22.07
N SER A 165 -11.79 18.34 23.32
CA SER A 165 -13.01 17.65 23.70
C SER A 165 -14.24 18.53 23.51
N MET A 166 -14.13 19.81 23.89
CA MET A 166 -15.25 20.73 23.69
C MET A 166 -15.54 20.92 22.21
N THR A 167 -14.50 21.04 21.39
CA THR A 167 -14.71 21.20 19.94
C THR A 167 -15.47 20.01 19.36
N LYS A 168 -15.10 18.78 19.78
CA LYS A 168 -15.81 17.60 19.29
C LYS A 168 -17.26 17.60 19.71
N ILE A 169 -17.53 17.96 20.97
CA ILE A 169 -18.90 17.98 21.48
C ILE A 169 -19.74 19.01 20.74
N LEU A 170 -19.12 20.13 20.36
CA LEU A 170 -19.86 21.20 19.72
C LEU A 170 -20.15 20.92 18.25
N GLU A 171 -19.26 20.21 17.55
CA GLU A 171 -19.34 20.10 16.09
C GLU A 171 -20.71 19.67 15.57
N PRO A 172 -21.38 18.65 16.12
CA PRO A 172 -22.72 18.32 15.61
C PRO A 172 -23.73 19.45 15.78
N PHE A 173 -23.85 19.98 17.01
CA PHE A 173 -24.80 21.07 17.25
C PHE A 173 -24.53 22.26 16.35
N ALA A 174 -23.26 22.56 16.09
CA ALA A 174 -22.91 23.66 15.21
C ALA A 174 -23.46 23.43 13.80
N ALA A 175 -23.30 22.21 13.29
CA ALA A 175 -23.84 21.90 11.96
C ALA A 175 -25.36 22.00 11.95
N GLN A 176 -26.01 21.53 13.02
CA GLN A 176 -27.46 21.58 13.10
C GLN A 176 -27.98 23.02 13.06
N ASN A 177 -27.20 23.97 13.59
CA ASN A 177 -27.64 25.36 13.71
C ASN A 177 -26.56 26.28 13.16
N PRO A 178 -26.41 26.33 11.83
CA PRO A 178 -25.40 27.21 11.23
C PRO A 178 -25.64 28.69 11.49
N ASP A 179 -26.87 29.08 11.83
CA ASP A 179 -27.15 30.48 12.14
C ASP A 179 -26.40 30.93 13.40
N ILE A 180 -26.33 30.05 14.40
CA ILE A 180 -25.72 30.40 15.68
C ILE A 180 -24.20 30.49 15.53
N VAL A 181 -23.60 31.46 16.21
CA VAL A 181 -22.15 31.63 16.25
C VAL A 181 -21.67 31.29 17.67
N ILE A 182 -20.80 30.29 17.77
CA ILE A 182 -20.25 29.84 19.04
C ILE A 182 -18.76 30.15 19.06
N CYS A 183 -18.32 30.90 20.06
CA CYS A 183 -16.92 31.24 20.26
C CYS A 183 -16.41 30.56 21.52
N GLN A 184 -15.26 29.91 21.42
CA GLN A 184 -14.66 29.18 22.54
C GLN A 184 -13.43 29.93 23.03
N TYR A 185 -13.42 30.28 24.31
CA TYR A 185 -12.26 30.88 24.96
C TYR A 185 -12.19 30.33 26.37
N MET A 186 -11.15 29.54 26.66
CA MET A 186 -10.92 28.92 27.97
C MET A 186 -12.17 28.10 28.34
N ASP A 187 -12.69 28.21 29.56
CA ASP A 187 -13.88 27.49 29.97
C ASP A 187 -15.17 28.17 29.57
N ASP A 188 -15.09 29.37 29.00
CA ASP A 188 -16.29 30.11 28.60
C ASP A 188 -16.63 29.85 27.15
N LEU A 189 -17.94 29.78 26.87
CA LEU A 189 -18.46 29.66 25.51
C LEU A 189 -19.38 30.83 25.26
N TYR A 190 -19.03 31.68 24.31
CA TYR A 190 -19.79 32.88 23.98
C TYR A 190 -20.63 32.62 22.74
N VAL A 191 -21.95 32.77 22.87
CA VAL A 191 -22.89 32.37 21.83
C VAL A 191 -23.67 33.60 21.39
N GLY A 192 -23.67 33.85 20.09
CA GLY A 192 -24.40 34.99 19.54
C GLY A 192 -25.24 34.56 18.35
N SER A 193 -26.31 35.33 18.11
CA SER A 193 -27.23 35.03 17.02
C SER A 193 -28.08 36.25 16.71
N ASP A 194 -28.78 36.18 15.58
CA ASP A 194 -29.75 37.19 15.19
C ASP A 194 -31.15 36.62 15.05
N LEU A 195 -31.43 35.51 15.72
CA LEU A 195 -32.80 35.06 15.84
C LEU A 195 -33.59 36.04 16.70
N GLU A 196 -34.91 35.93 16.66
CA GLU A 196 -35.72 36.71 17.58
C GLU A 196 -35.41 36.27 19.00
N ILE A 197 -35.62 37.18 19.96
CA ILE A 197 -35.24 36.93 21.35
C ILE A 197 -35.77 35.59 21.84
N GLY A 198 -36.96 35.20 21.36
CA GLY A 198 -37.53 33.92 21.79
C GLY A 198 -36.71 32.73 21.31
N GLN A 199 -36.39 32.69 20.01
CA GLN A 199 -35.67 31.54 19.48
C GLN A 199 -34.23 31.51 19.96
N HIS A 200 -33.67 32.67 20.32
CA HIS A 200 -32.31 32.71 20.87
C HIS A 200 -32.24 31.97 22.19
N ARG A 201 -33.17 32.26 23.11
CA ARG A 201 -33.21 31.53 24.38
C ARG A 201 -33.51 30.06 24.14
N THR A 202 -34.35 29.75 23.15
CA THR A 202 -34.69 28.36 22.85
C THR A 202 -33.45 27.57 22.44
N LYS A 203 -32.63 28.14 21.55
CA LYS A 203 -31.43 27.44 21.12
C LYS A 203 -30.35 27.44 22.20
N ILE A 204 -30.25 28.52 22.98
CA ILE A 204 -29.34 28.53 24.12
C ILE A 204 -29.67 27.38 25.07
N GLU A 205 -30.96 27.15 25.30
CA GLU A 205 -31.37 26.04 26.15
C GLU A 205 -31.07 24.69 25.50
N GLU A 206 -31.27 24.58 24.18
CA GLU A 206 -30.91 23.36 23.48
C GLU A 206 -29.42 23.08 23.61
N LEU A 207 -28.60 24.13 23.47
CA LEU A 207 -27.15 23.96 23.62
C LEU A 207 -26.80 23.51 25.04
N ARG A 208 -27.47 24.10 26.04
CA ARG A 208 -27.22 23.69 27.42
C ARG A 208 -27.53 22.22 27.63
N GLN A 209 -28.68 21.77 27.11
CA GLN A 209 -29.04 20.37 27.23
C GLN A 209 -28.03 19.48 26.51
N HIS A 210 -27.57 19.91 25.33
CA HIS A 210 -26.63 19.10 24.56
C HIS A 210 -25.31 18.91 25.31
N LEU A 211 -24.82 19.97 25.95
CA LEU A 211 -23.60 19.85 26.74
C LEU A 211 -23.81 18.98 27.97
N LEU A 212 -25.04 18.95 28.50
CA LEU A 212 -25.30 18.18 29.71
C LEU A 212 -25.20 16.69 29.45
N ARG A 213 -25.63 16.23 28.27
CA ARG A 213 -25.51 14.82 27.92
C ARG A 213 -24.07 14.35 28.01
N TRP A 214 -23.12 15.23 27.71
CA TRP A 214 -21.70 14.93 27.82
C TRP A 214 -21.11 15.34 29.16
N GLY A 215 -21.95 15.66 30.14
CA GLY A 215 -21.45 15.97 31.46
C GLY A 215 -20.81 17.33 31.61
N LEU A 216 -21.33 18.35 30.92
CA LEU A 216 -20.86 19.72 31.06
C LEU A 216 -22.01 20.60 31.50
N THR A 217 -21.78 21.36 32.56
CA THR A 217 -22.82 22.19 33.17
C THR A 217 -22.56 23.67 32.88
N THR A 218 -23.65 24.40 32.70
CA THR A 218 -23.63 25.81 32.33
C THR A 218 -24.66 26.55 33.18
N PRO A 219 -24.51 27.87 33.32
CA PRO A 219 -25.54 28.64 34.02
C PRO A 219 -26.85 28.61 33.25
N ASP A 220 -27.96 28.68 34.00
CA ASP A 220 -29.29 28.71 33.40
C ASP A 220 -30.08 29.83 34.06
N LYS A 221 -30.38 30.88 33.31
CA LYS A 221 -31.05 32.10 33.79
C LYS A 221 -30.20 32.80 34.83
N LYS A 222 -29.02 32.29 35.13
CA LYS A 222 -27.97 32.95 35.89
C LYS A 222 -26.86 33.46 34.96
N HIS A 223 -27.14 33.52 33.67
CA HIS A 223 -26.18 34.00 32.70
C HIS A 223 -25.80 35.45 33.02
N GLN A 224 -24.55 35.80 32.70
CA GLN A 224 -24.07 37.15 32.98
C GLN A 224 -24.86 38.17 32.17
N LYS A 225 -25.02 39.36 32.75
CA LYS A 225 -25.87 40.38 32.14
C LYS A 225 -25.19 40.99 30.92
N GLU A 226 -26.01 41.28 29.90
CA GLU A 226 -25.47 41.76 28.62
C GLU A 226 -24.69 43.06 28.73
N PRO A 227 -25.15 44.11 29.41
CA PRO A 227 -24.37 45.35 29.45
C PRO A 227 -23.01 45.19 30.11
N PRO A 228 -22.91 44.61 31.34
CA PRO A 228 -21.60 44.58 32.00
C PRO A 228 -20.74 43.38 31.59
N PHE A 229 -20.50 43.24 30.29
CA PHE A 229 -19.53 42.24 29.86
C PHE A 229 -18.14 42.85 30.08
N LEU A 230 -17.62 42.61 31.28
CA LEU A 230 -16.27 43.05 31.66
C LEU A 230 -15.34 41.88 31.36
N TRP A 231 -14.87 41.82 30.13
CA TRP A 231 -14.17 40.65 29.60
C TRP A 231 -12.77 41.06 29.18
N MET A 232 -11.76 40.43 29.80
CA MET A 232 -10.35 40.56 29.42
C MET A 232 -9.93 42.01 29.26
N GLY A 233 -10.41 42.87 30.15
CA GLY A 233 -10.04 44.27 30.14
C GLY A 233 -10.89 45.17 29.26
N TYR A 234 -11.99 44.67 28.72
CA TYR A 234 -12.88 45.44 27.86
C TYR A 234 -14.25 45.60 28.50
N GLU A 235 -15.03 46.50 27.93
CA GLU A 235 -16.47 46.56 28.16
C GLU A 235 -17.17 46.18 26.86
N LEU A 236 -17.93 45.09 26.90
CA LEU A 236 -18.66 44.63 25.73
C LEU A 236 -20.14 45.02 25.93
N HIS A 237 -20.48 46.22 25.51
CA HIS A 237 -21.87 46.64 25.46
C HIS A 237 -22.55 46.02 24.24
N PRO A 238 -23.88 45.92 24.25
CA PRO A 238 -24.57 45.40 23.06
C PRO A 238 -24.42 46.26 21.82
N ASP A 239 -24.05 47.54 21.97
CA ASP A 239 -23.91 48.43 20.83
C ASP A 239 -22.48 48.84 20.54
N LYS A 240 -21.54 48.56 21.43
CA LYS A 240 -20.19 49.12 21.31
C LYS A 240 -19.28 48.37 22.27
N TRP A 241 -17.99 48.73 22.22
CA TRP A 241 -16.98 48.22 23.13
C TRP A 241 -16.07 49.36 23.54
N THR A 242 -15.33 49.15 24.62
CA THR A 242 -14.32 50.10 25.05
C THR A 242 -13.34 49.39 25.96
N VAL A 243 -12.28 50.10 26.32
CA VAL A 243 -11.34 49.63 27.32
C VAL A 243 -11.94 49.90 28.70
N GLN A 244 -11.70 48.99 29.64
CA GLN A 244 -12.14 49.21 31.00
C GLN A 244 -11.38 50.39 31.60
N PRO A 245 -11.97 51.09 32.58
CA PRO A 245 -11.37 52.34 33.06
C PRO A 245 -9.92 52.15 33.50
N ILE A 246 -9.09 53.12 33.13
CA ILE A 246 -7.66 53.08 33.37
C ILE A 246 -7.31 54.18 34.35
N VAL A 247 -6.55 53.83 35.39
CA VAL A 247 -6.16 54.77 36.43
C VAL A 247 -4.75 55.26 36.15
N LEU A 248 -4.54 56.57 36.34
CA LEU A 248 -3.26 57.23 36.10
C LEU A 248 -2.89 57.26 34.62
N ASP A 252 0.94 60.44 41.90
CA ASP A 252 2.04 60.21 40.98
C ASP A 252 3.20 59.47 41.64
N SER A 253 3.66 58.41 40.97
CA SER A 253 4.70 57.54 41.50
C SER A 253 5.82 57.43 40.48
N TRP A 254 7.07 57.49 40.97
CA TRP A 254 8.23 57.58 40.10
C TRP A 254 9.17 56.38 40.21
N THR A 255 8.73 55.28 40.83
CA THR A 255 9.53 54.07 40.80
C THR A 255 9.55 53.48 39.39
N VAL A 256 10.62 52.75 39.08
CA VAL A 256 10.79 52.24 37.72
C VAL A 256 9.63 51.32 37.34
N ASN A 257 9.27 50.40 38.24
CA ASN A 257 8.17 49.49 37.93
C ASN A 257 6.86 50.25 37.76
N ASP A 258 6.64 51.28 38.57
CA ASP A 258 5.44 52.11 38.41
C ASP A 258 5.39 52.76 37.04
N ILE A 259 6.55 53.15 36.49
CA ILE A 259 6.57 53.67 35.13
C ILE A 259 6.18 52.60 34.13
N GLN A 260 6.70 51.37 34.31
CA GLN A 260 6.43 50.30 33.35
C GLN A 260 4.95 49.95 33.30
N LYS A 261 4.30 49.84 34.46
CA LYS A 261 2.88 49.57 34.48
C LYS A 261 2.08 50.72 33.89
N LEU A 262 2.53 51.96 34.09
CA LEU A 262 1.90 53.11 33.44
C LEU A 262 1.99 53.00 31.92
N VAL A 263 3.18 52.66 31.41
CA VAL A 263 3.35 52.53 29.97
C VAL A 263 2.46 51.43 29.42
N GLY A 264 2.35 50.32 30.15
CA GLY A 264 1.45 49.25 29.73
C GLY A 264 0.01 49.71 29.64
N LYS A 265 -0.45 50.43 30.67
CA LYS A 265 -1.82 50.92 30.68
C LYS A 265 -2.06 51.89 29.52
N LEU A 266 -1.07 52.74 29.22
CA LEU A 266 -1.20 53.64 28.09
C LEU A 266 -1.31 52.88 26.77
N ASN A 267 -0.46 51.87 26.58
CA ASN A 267 -0.54 51.06 25.36
C ASN A 267 -1.90 50.39 25.25
N TRP A 268 -2.38 49.79 26.33
CA TRP A 268 -3.70 49.16 26.32
C TRP A 268 -4.79 50.16 26.02
N ALA A 269 -4.65 51.39 26.52
CA ALA A 269 -5.62 52.43 26.19
C ALA A 269 -5.56 52.82 24.72
N SER A 270 -4.38 52.71 24.10
CA SER A 270 -4.19 53.14 22.72
C SER A 270 -4.97 52.30 21.71
N GLN A 271 -5.54 51.16 22.13
CA GLN A 271 -6.41 50.40 21.24
C GLN A 271 -7.56 51.26 20.73
N ILE A 272 -8.11 52.10 21.60
CA ILE A 272 -9.29 52.89 21.24
C ILE A 272 -9.13 54.37 21.52
N TYR A 273 -8.18 54.79 22.36
CA TYR A 273 -7.99 56.21 22.65
C TYR A 273 -6.94 56.77 21.69
N PRO A 274 -7.32 57.62 20.74
CA PRO A 274 -6.32 58.19 19.83
C PRO A 274 -5.40 59.17 20.55
N GLY A 275 -4.15 59.23 20.07
CA GLY A 275 -3.21 60.21 20.54
C GLY A 275 -2.44 59.88 21.79
N ILE A 276 -2.53 58.64 22.29
CA ILE A 276 -1.75 58.26 23.46
C ILE A 276 -0.29 58.10 23.06
N LYS A 277 0.60 58.81 23.75
CA LYS A 277 2.03 58.84 23.44
C LYS A 277 2.83 58.23 24.58
N VAL A 278 3.83 57.41 24.23
CA VAL A 278 4.65 56.75 25.24
C VAL A 278 6.13 56.85 24.92
N ARG A 279 6.49 57.61 23.88
CA ARG A 279 7.88 57.64 23.42
C ARG A 279 8.82 58.19 24.49
N GLN A 280 8.44 59.30 25.11
CA GLN A 280 9.33 59.92 26.09
C GLN A 280 9.51 59.01 27.31
N LEU A 281 8.43 58.39 27.79
CA LEU A 281 8.53 57.54 28.96
C LEU A 281 9.29 56.25 28.65
N SER A 282 9.16 55.72 27.44
CA SER A 282 9.89 54.51 27.08
C SER A 282 11.40 54.77 27.07
N LYS A 283 11.81 56.02 26.79
CA LYS A 283 13.22 56.37 26.90
C LYS A 283 13.69 56.38 28.34
N LEU A 284 12.78 56.67 29.29
CA LEU A 284 13.13 56.59 30.71
C LEU A 284 13.48 55.16 31.11
N LEU A 285 12.72 54.19 30.62
CA LEU A 285 12.99 52.78 30.91
C LEU A 285 14.04 52.29 29.92
N ARG A 286 15.32 52.44 30.30
CA ARG A 286 16.45 52.02 29.46
C ARG A 286 17.35 51.12 30.29
N GLY A 287 17.01 49.84 30.34
CA GLY A 287 17.82 48.83 31.00
C GLY A 287 18.34 49.16 32.39
N THR A 288 17.59 50.00 33.13
CA THR A 288 18.01 50.32 34.49
C THR A 288 17.95 49.09 35.39
N LYS A 289 16.94 48.24 35.18
CA LYS A 289 16.74 46.94 35.82
C LYS A 289 16.39 47.06 37.30
N ALA A 290 16.29 48.26 37.85
CA ALA A 290 16.03 48.45 39.27
C ALA A 290 14.59 48.94 39.44
N LEU A 291 13.68 48.01 39.72
CA LEU A 291 12.26 48.37 39.85
C LEU A 291 12.05 49.40 40.95
N THR A 292 12.82 49.31 42.04
CA THR A 292 12.69 50.26 43.14
C THR A 292 13.27 51.62 42.77
N GLU A 293 14.29 51.66 41.91
CA GLU A 293 14.97 52.91 41.61
C GLU A 293 14.01 53.95 41.07
N VAL A 294 14.04 55.14 41.66
CA VAL A 294 13.24 56.26 41.20
C VAL A 294 13.90 56.86 39.95
N ILE A 295 13.08 57.41 39.06
CA ILE A 295 13.60 57.97 37.81
C ILE A 295 13.32 59.47 37.78
N PRO A 296 14.26 60.29 37.30
CA PRO A 296 13.98 61.71 37.14
C PRO A 296 12.89 61.94 36.09
N LEU A 297 11.97 62.83 36.40
CA LEU A 297 10.83 63.10 35.53
C LEU A 297 11.20 64.22 34.56
N THR A 298 11.66 63.85 33.38
CA THR A 298 11.91 64.83 32.33
C THR A 298 10.64 65.60 32.03
N GLU A 299 10.78 66.93 31.91
CA GLU A 299 9.62 67.75 31.56
C GLU A 299 9.00 67.32 30.25
N GLU A 300 9.82 66.82 29.32
CA GLU A 300 9.30 66.29 28.07
C GLU A 300 8.40 65.08 28.32
N ALA A 301 8.83 64.18 29.21
CA ALA A 301 7.99 63.05 29.56
C ALA A 301 6.89 63.43 30.54
N GLU A 302 7.17 64.36 31.47
CA GLU A 302 6.17 64.79 32.44
C GLU A 302 4.99 65.45 31.75
N LEU A 303 5.27 66.29 30.75
CA LEU A 303 4.19 66.84 29.93
C LEU A 303 3.44 65.74 29.19
N GLU A 304 4.18 64.73 28.71
CA GLU A 304 3.55 63.64 27.98
C GLU A 304 2.50 62.93 28.84
N LEU A 305 2.80 62.72 30.12
CA LEU A 305 1.79 62.16 31.02
C LEU A 305 0.57 63.08 31.12
N ALA A 306 0.81 64.40 31.19
CA ALA A 306 -0.30 65.34 31.28
C ALA A 306 -1.19 65.26 30.05
N GLU A 307 -0.60 65.19 28.86
CA GLU A 307 -1.39 65.11 27.64
C GLU A 307 -2.31 63.90 27.65
N ASN A 308 -1.80 62.75 28.09
CA ASN A 308 -2.61 61.54 28.14
C ASN A 308 -3.77 61.69 29.11
N ARG A 309 -3.53 62.31 30.27
CA ARG A 309 -4.61 62.50 31.23
C ARG A 309 -5.74 63.33 30.62
N GLU A 310 -5.41 64.29 29.76
CA GLU A 310 -6.45 65.02 29.04
CA GLU A 310 -6.45 65.02 29.04
C GLU A 310 -7.24 64.08 28.12
N ILE A 311 -6.53 63.20 27.42
CA ILE A 311 -7.20 62.27 26.51
C ILE A 311 -8.06 61.28 27.29
N LEU A 312 -7.49 60.70 28.34
CA LEU A 312 -8.20 59.69 29.11
C LEU A 312 -9.45 60.24 29.78
N LYS A 313 -9.52 61.56 29.97
CA LYS A 313 -10.74 62.17 30.50
C LYS A 313 -11.91 61.99 29.56
N GLU A 314 -11.65 61.87 28.27
CA GLU A 314 -12.72 61.71 27.28
C GLU A 314 -13.14 60.25 27.18
N PRO A 315 -14.39 59.91 27.49
CA PRO A 315 -14.83 58.51 27.35
C PRO A 315 -14.90 58.13 25.88
N VAL A 316 -14.16 57.10 25.51
CA VAL A 316 -14.06 56.68 24.12
C VAL A 316 -14.62 55.27 23.99
N HIS A 317 -15.41 55.05 22.95
CA HIS A 317 -15.99 53.75 22.65
C HIS A 317 -15.68 53.40 21.20
N GLY A 318 -15.50 52.10 20.96
CA GLY A 318 -15.34 51.60 19.62
C GLY A 318 -16.57 50.88 19.12
N VAL A 319 -16.72 50.76 17.81
CA VAL A 319 -17.85 50.10 17.18
C VAL A 319 -17.45 48.67 16.84
N TYR A 320 -18.45 47.80 16.69
CA TYR A 320 -18.24 46.46 16.20
C TYR A 320 -18.15 46.47 14.66
N TYR A 321 -17.96 45.29 14.07
CA TYR A 321 -17.59 45.17 12.67
C TYR A 321 -18.79 44.81 11.79
N ASP A 322 -18.81 45.38 10.59
CA ASP A 322 -19.87 45.15 9.61
C ASP A 322 -19.29 44.61 8.32
N PRO A 323 -19.50 43.33 7.99
CA PRO A 323 -18.87 42.76 6.79
C PRO A 323 -19.27 43.45 5.50
N SER A 324 -20.46 44.07 5.44
CA SER A 324 -20.91 44.67 4.20
C SER A 324 -20.13 45.94 3.86
N LYS A 325 -19.59 46.62 4.86
CA LYS A 325 -18.89 47.88 4.65
C LYS A 325 -17.39 47.65 4.50
N ASP A 326 -16.71 48.68 4.01
CA ASP A 326 -15.28 48.61 3.75
C ASP A 326 -14.48 48.99 4.99
N LEU A 327 -13.30 48.39 5.11
CA LEU A 327 -12.35 48.76 6.14
C LEU A 327 -11.48 49.90 5.63
N ILE A 328 -11.50 51.02 6.35
CA ILE A 328 -10.62 52.15 6.08
C ILE A 328 -9.63 52.26 7.21
N ALA A 329 -8.35 52.42 6.87
CA ALA A 329 -7.31 52.75 7.82
C ALA A 329 -6.68 54.08 7.39
N GLU A 330 -6.55 55.00 8.34
CA GLU A 330 -5.94 56.28 8.09
C GLU A 330 -4.80 56.49 9.07
N ILE A 331 -3.70 57.05 8.58
CA ILE A 331 -2.45 57.14 9.34
C ILE A 331 -2.04 58.61 9.45
N GLN A 332 -1.61 59.01 10.63
CA GLN A 332 -1.06 60.35 10.85
C GLN A 332 0.34 60.25 11.42
N LYS A 333 1.24 61.09 10.90
CA LYS A 333 2.59 61.21 11.46
C LYS A 333 2.51 62.06 12.71
N GLN A 334 2.82 61.44 13.86
CA GLN A 334 2.82 62.11 15.15
C GLN A 334 4.27 62.23 15.62
N GLY A 335 4.74 63.46 15.76
CA GLY A 335 6.13 63.59 16.20
C GLY A 335 7.11 62.97 15.22
N GLN A 336 8.28 62.60 15.74
CA GLN A 336 9.34 61.97 14.98
C GLN A 336 9.45 60.51 15.39
N GLY A 337 9.36 59.61 14.42
CA GLY A 337 9.41 58.19 14.67
C GLY A 337 8.14 57.60 15.23
N GLN A 338 7.13 58.42 15.53
CA GLN A 338 5.85 57.95 16.05
C GLN A 338 4.78 58.11 14.99
N TRP A 339 3.94 57.10 14.86
CA TRP A 339 2.83 57.13 13.92
C TRP A 339 1.57 56.68 14.63
N THR A 340 0.45 57.31 14.29
CA THR A 340 -0.85 56.97 14.85
C THR A 340 -1.81 56.67 13.72
N TYR A 341 -2.72 55.72 13.96
CA TYR A 341 -3.64 55.29 12.92
C TYR A 341 -4.99 54.96 13.52
N GLN A 342 -6.04 55.15 12.71
CA GLN A 342 -7.40 54.79 13.07
C GLN A 342 -7.97 53.88 12.01
N ILE A 343 -8.79 52.93 12.41
CA ILE A 343 -9.45 51.99 11.50
C ILE A 343 -10.95 52.11 11.72
N TYR A 344 -11.68 52.41 10.64
CA TYR A 344 -13.09 52.72 10.74
C TYR A 344 -13.81 52.29 9.47
N GLN A 345 -15.13 52.18 9.57
CA GLN A 345 -16.00 51.95 8.42
C GLN A 345 -16.93 53.13 8.16
N GLU A 346 -17.62 53.62 9.18
CA GLU A 346 -18.41 54.83 9.13
C GLU A 346 -17.53 56.04 9.42
N PRO A 347 -17.93 57.24 8.96
CA PRO A 347 -16.96 58.36 8.90
C PRO A 347 -16.28 58.70 10.23
N PHE A 348 -16.99 58.66 11.35
CA PHE A 348 -16.38 59.02 12.62
C PHE A 348 -16.49 57.92 13.68
N LYS A 349 -17.15 56.82 13.36
CA LYS A 349 -17.28 55.69 14.29
C LYS A 349 -16.10 54.76 14.04
N ASN A 350 -15.13 54.77 14.95
CA ASN A 350 -13.91 53.98 14.78
C ASN A 350 -14.10 52.55 15.25
N LEU A 351 -13.54 51.61 14.49
CA LEU A 351 -13.46 50.23 14.96
C LEU A 351 -12.41 50.08 16.05
N LYS A 352 -11.24 50.67 15.84
CA LYS A 352 -10.17 50.70 16.84
C LYS A 352 -9.12 51.70 16.37
N THR A 353 -8.13 51.93 17.22
CA THR A 353 -7.00 52.81 16.95
C THR A 353 -5.71 52.09 17.33
N GLY A 354 -4.59 52.76 17.09
CA GLY A 354 -3.32 52.18 17.48
C GLY A 354 -2.17 53.09 17.11
N LYS A 355 -0.98 52.63 17.46
CA LYS A 355 0.25 53.36 17.23
C LYS A 355 1.30 52.43 16.64
N TYR A 356 2.27 53.01 15.97
CA TYR A 356 3.43 52.29 15.46
C TYR A 356 4.65 53.19 15.65
N ALA A 357 5.67 52.65 16.30
CA ALA A 357 6.90 53.40 16.54
C ALA A 357 7.98 52.94 15.57
N ARG A 358 8.94 53.84 15.31
CA ARG A 358 10.04 53.52 14.41
C ARG A 358 10.78 52.29 14.90
N MET A 359 10.90 51.29 14.03
CA MET A 359 11.66 50.10 14.37
C MET A 359 13.13 50.48 14.60
N ARG A 360 13.78 49.74 15.48
CA ARG A 360 15.14 50.08 15.89
C ARG A 360 16.06 50.15 14.68
N GLY A 361 16.84 51.22 14.60
CA GLY A 361 17.75 51.44 13.49
C GLY A 361 18.02 52.92 13.30
N ALA A 362 19.13 53.20 12.61
CA ALA A 362 19.52 54.56 12.28
C ALA A 362 19.32 54.80 10.79
N HIS A 363 19.32 56.08 10.42
CA HIS A 363 19.23 56.53 9.03
C HIS A 363 17.92 56.04 8.39
N THR A 364 16.81 56.60 8.89
CA THR A 364 15.48 56.23 8.45
C THR A 364 14.84 57.34 7.63
N ASN A 365 13.92 56.94 6.77
CA ASN A 365 13.16 57.84 5.92
C ASN A 365 11.70 57.83 6.35
N ASP A 366 11.06 59.01 6.33
CA ASP A 366 9.64 59.08 6.67
C ASP A 366 8.80 58.24 5.71
N VAL A 367 9.16 58.26 4.41
CA VAL A 367 8.47 57.42 3.44
C VAL A 367 8.64 55.95 3.79
N LYS A 368 9.87 55.55 4.13
CA LYS A 368 10.13 54.16 4.48
C LYS A 368 9.36 53.75 5.73
N GLN A 369 9.34 54.61 6.74
CA GLN A 369 8.58 54.32 7.96
C GLN A 369 7.09 54.21 7.66
N LEU A 370 6.57 55.06 6.78
CA LEU A 370 5.16 55.01 6.44
C LEU A 370 4.80 53.67 5.82
N THR A 371 5.64 53.16 4.92
CA THR A 371 5.38 51.87 4.30
C THR A 371 5.33 50.76 5.35
N GLU A 372 6.27 50.78 6.31
CA GLU A 372 6.29 49.77 7.35
C GLU A 372 5.01 49.82 8.19
N ALA A 373 4.54 51.03 8.53
CA ALA A 373 3.28 51.16 9.26
C ALA A 373 2.12 50.60 8.45
N VAL A 374 2.08 50.88 7.14
CA VAL A 374 1.09 50.25 6.28
C VAL A 374 1.22 48.74 6.36
N GLN A 375 2.46 48.24 6.41
CA GLN A 375 2.69 46.81 6.56
C GLN A 375 2.12 46.30 7.88
N LYS A 376 2.41 47.00 8.97
CA LYS A 376 1.93 46.54 10.28
C LYS A 376 0.41 46.52 10.33
N ILE A 377 -0.21 47.61 9.87
CA ILE A 377 -1.67 47.70 9.91
C ILE A 377 -2.30 46.63 9.03
N THR A 378 -1.68 46.37 7.87
CA THR A 378 -2.21 45.36 6.96
C THR A 378 -2.27 43.99 7.62
N THR A 379 -1.17 43.56 8.26
CA THR A 379 -1.16 42.27 8.94
C THR A 379 -2.16 42.23 10.08
N GLU A 380 -2.25 43.33 10.85
CA GLU A 380 -3.22 43.38 11.95
C GLU A 380 -4.63 43.20 11.44
N SER A 381 -4.96 43.81 10.30
CA SER A 381 -6.31 43.72 9.75
C SER A 381 -6.66 42.28 9.40
N ILE A 382 -5.72 41.56 8.80
CA ILE A 382 -5.97 40.17 8.41
C ILE A 382 -6.24 39.31 9.64
N VAL A 383 -5.52 39.56 10.73
CA VAL A 383 -5.74 38.80 11.96
C VAL A 383 -7.15 39.07 12.51
N ILE A 384 -7.58 40.32 12.46
CA ILE A 384 -8.84 40.70 13.12
C ILE A 384 -10.04 40.49 12.21
N TRP A 385 -9.98 40.96 10.96
CA TRP A 385 -11.15 40.95 10.10
C TRP A 385 -11.07 40.00 8.92
N GLY A 386 -9.88 39.49 8.60
CA GLY A 386 -9.74 38.58 7.48
C GLY A 386 -9.59 39.22 6.13
N LYS A 387 -9.60 40.55 6.05
CA LYS A 387 -9.29 41.25 4.80
C LYS A 387 -8.39 42.42 5.12
N THR A 388 -7.88 43.05 4.08
CA THR A 388 -6.98 44.18 4.23
C THR A 388 -7.72 45.48 3.97
N PRO A 389 -7.37 46.56 4.68
CA PRO A 389 -8.14 47.80 4.59
C PRO A 389 -7.72 48.64 3.39
N LYS A 390 -8.56 49.63 3.09
CA LYS A 390 -8.19 50.70 2.19
C LYS A 390 -7.55 51.81 3.02
N PHE A 391 -6.45 52.36 2.53
CA PHE A 391 -5.65 53.28 3.33
C PHE A 391 -5.88 54.72 2.91
N LYS A 392 -5.89 55.61 3.90
CA LYS A 392 -5.85 57.06 3.69
C LYS A 392 -4.52 57.54 4.27
N LEU A 393 -3.63 58.00 3.39
CA LEU A 393 -2.26 58.26 3.83
C LEU A 393 -1.87 59.70 3.54
N PRO A 394 -1.12 60.33 4.42
CA PRO A 394 -0.70 61.73 4.27
C PRO A 394 0.53 61.91 3.37
N ILE A 395 0.51 61.27 2.20
CA ILE A 395 1.61 61.34 1.25
C ILE A 395 1.03 61.57 -0.15
N GLN A 396 1.67 62.44 -0.91
CA GLN A 396 1.24 62.67 -2.29
C GLN A 396 1.54 61.46 -3.15
N LYS A 397 0.65 61.19 -4.11
CA LYS A 397 0.92 60.11 -5.06
C LYS A 397 2.18 60.37 -5.86
N GLU A 398 2.52 61.64 -6.07
CA GLU A 398 3.76 61.97 -6.78
C GLU A 398 4.99 61.62 -5.94
N THR A 399 4.93 61.87 -4.63
CA THR A 399 6.05 61.54 -3.75
C THR A 399 6.28 60.03 -3.72
N TRP A 400 5.21 59.26 -3.53
CA TRP A 400 5.34 57.82 -3.43
C TRP A 400 5.85 57.21 -4.73
N GLU A 401 5.34 57.70 -5.87
CA GLU A 401 5.76 57.14 -7.14
C GLU A 401 7.24 57.38 -7.42
N THR A 402 7.73 58.58 -7.08
CA THR A 402 9.16 58.85 -7.21
C THR A 402 9.97 57.92 -6.32
N TRP A 403 9.52 57.70 -5.08
CA TRP A 403 10.28 56.87 -4.15
C TRP A 403 10.31 55.42 -4.60
N TRP A 404 9.16 54.85 -4.96
CA TRP A 404 9.14 53.43 -5.32
C TRP A 404 9.94 53.18 -6.59
N THR A 405 9.84 54.06 -7.59
CA THR A 405 10.50 53.79 -8.86
C THR A 405 12.01 53.76 -8.70
N GLU A 406 12.55 54.64 -7.85
CA GLU A 406 13.98 54.74 -7.66
C GLU A 406 14.50 53.93 -6.48
N TYR A 407 13.62 53.36 -5.66
CA TYR A 407 14.05 52.59 -4.50
C TYR A 407 14.68 51.27 -4.94
N TRP A 408 15.74 50.88 -4.25
CA TRP A 408 16.46 49.65 -4.61
C TRP A 408 15.68 48.40 -4.25
N GLN A 409 14.73 48.50 -3.33
CA GLN A 409 13.98 47.35 -2.84
C GLN A 409 12.60 47.30 -3.47
N ALA A 410 12.07 46.08 -3.61
CA ALA A 410 10.69 45.92 -4.04
C ALA A 410 9.77 46.36 -2.92
N THR A 411 8.90 47.32 -3.21
CA THR A 411 7.93 47.81 -2.24
C THR A 411 6.55 47.81 -2.87
N TRP A 412 5.54 47.71 -2.00
CA TRP A 412 4.17 47.80 -2.46
C TRP A 412 3.28 48.33 -1.34
N ILE A 413 2.27 49.10 -1.73
CA ILE A 413 1.23 49.56 -0.83
C ILE A 413 -0.12 49.20 -1.46
N PRO A 414 -1.10 48.72 -0.69
CA PRO A 414 -2.43 48.51 -1.24
C PRO A 414 -3.09 49.82 -1.69
N GLU A 415 -4.32 49.75 -2.19
CA GLU A 415 -4.98 50.94 -2.68
C GLU A 415 -5.09 52.00 -1.58
N TRP A 416 -4.86 53.25 -1.96
CA TRP A 416 -4.78 54.31 -0.97
C TRP A 416 -5.13 55.64 -1.63
N GLU A 417 -5.54 56.60 -0.81
CA GLU A 417 -5.93 57.92 -1.25
C GLU A 417 -5.28 58.98 -0.38
N PHE A 418 -4.77 60.03 -1.02
CA PHE A 418 -4.11 61.11 -0.30
C PHE A 418 -5.09 61.85 0.61
N VAL A 419 -4.61 62.18 1.80
CA VAL A 419 -5.35 63.00 2.76
C VAL A 419 -4.50 64.21 3.09
N ASN A 420 -5.02 65.41 2.82
CA ASN A 420 -4.25 66.63 3.05
C ASN A 420 -4.33 67.01 4.53
N THR A 421 -3.76 66.15 5.36
CA THR A 421 -3.67 66.37 6.80
C THR A 421 -2.21 66.49 7.21
N PRO A 422 -1.70 67.70 7.44
CA PRO A 422 -0.29 67.83 7.77
C PRO A 422 0.00 67.29 9.16
N PRO A 423 1.24 66.86 9.42
CA PRO A 423 2.41 66.93 8.54
C PRO A 423 2.35 65.93 7.40
N LEU A 424 2.77 66.35 6.21
CA LEU A 424 2.77 65.50 5.04
C LEU A 424 4.12 64.81 4.90
N VAL A 425 4.10 63.57 4.43
CA VAL A 425 5.31 62.79 4.24
C VAL A 425 5.95 63.20 2.92
N LYS A 426 7.19 63.68 2.99
CA LYS A 426 7.86 64.22 1.80
C LYS A 426 9.32 63.78 1.77
N LEU A 427 9.89 63.84 0.58
CA LEU A 427 11.31 63.59 0.37
C LEU A 427 12.05 64.92 0.51
N TRP A 428 12.89 65.03 1.55
CA TRP A 428 13.48 66.32 1.89
C TRP A 428 14.58 66.72 0.93
N TYR A 429 15.24 65.77 0.29
CA TYR A 429 16.20 66.09 -0.75
C TYR A 429 16.25 64.94 -1.75
N GLN A 430 16.73 65.24 -2.95
CA GLN A 430 16.96 64.24 -3.98
C GLN A 430 18.29 64.51 -4.64
N LEU A 431 19.11 63.47 -4.78
CA LEU A 431 20.44 63.62 -5.36
C LEU A 431 20.37 63.56 -6.88
N GLU A 432 21.43 64.03 -7.52
CA GLU A 432 21.49 64.13 -8.96
C GLU A 432 22.01 62.82 -9.57
N LYS A 433 21.40 62.40 -10.67
CA LYS A 433 21.79 61.17 -11.35
C LYS A 433 22.93 61.36 -12.33
N GLU A 434 23.36 62.59 -12.59
CA GLU A 434 24.42 62.87 -13.54
C GLU A 434 25.27 64.02 -13.01
N PRO A 435 26.57 64.03 -13.35
CA PRO A 435 27.44 65.09 -12.85
C PRO A 435 26.96 66.47 -13.31
N ILE A 436 27.13 67.46 -12.45
CA ILE A 436 26.65 68.80 -12.69
C ILE A 436 27.73 69.58 -13.42
N VAL A 437 27.40 70.09 -14.61
CA VAL A 437 28.35 70.89 -15.37
C VAL A 437 28.45 72.29 -14.75
N GLY A 438 29.66 72.83 -14.71
CA GLY A 438 29.86 74.11 -14.07
C GLY A 438 29.85 74.08 -12.56
N ALA A 439 29.97 72.90 -11.96
CA ALA A 439 29.98 72.75 -10.51
C ALA A 439 31.36 72.25 -10.08
N GLU A 440 31.87 72.84 -9.00
CA GLU A 440 33.15 72.45 -8.45
C GLU A 440 33.14 70.97 -8.08
N THR A 441 34.23 70.28 -8.38
CA THR A 441 34.35 68.85 -8.10
C THR A 441 35.25 68.67 -6.89
N PHE A 442 34.66 68.22 -5.78
CA PHE A 442 35.36 68.04 -4.52
C PHE A 442 35.75 66.57 -4.36
N TYR A 443 37.05 66.31 -4.27
CA TYR A 443 37.56 64.97 -3.98
C TYR A 443 37.85 64.89 -2.49
N VAL A 444 36.95 64.26 -1.75
CA VAL A 444 37.04 64.20 -0.30
C VAL A 444 37.62 62.84 0.10
N ASP A 445 38.13 62.78 1.34
CA ASP A 445 38.57 61.53 1.94
C ASP A 445 38.84 61.76 3.42
N GLY A 446 38.96 60.66 4.16
CA GLY A 446 39.29 60.71 5.57
C GLY A 446 40.03 59.45 5.98
N ALA A 447 40.64 59.51 7.17
CA ALA A 447 41.40 58.40 7.70
C ALA A 447 41.74 58.69 9.17
N ALA A 448 41.84 57.62 9.96
CA ALA A 448 42.15 57.75 11.37
C ALA A 448 42.94 56.55 11.85
N ASN A 449 43.79 56.78 12.85
CA ASN A 449 44.53 55.70 13.49
C ASN A 449 43.64 55.03 14.53
N ARG A 450 43.49 53.70 14.41
CA ARG A 450 42.59 52.99 15.31
C ARG A 450 43.07 53.03 16.76
N GLU A 451 44.38 52.90 16.97
CA GLU A 451 44.90 52.93 18.33
C GLU A 451 44.76 54.33 18.94
N THR A 452 45.15 55.36 18.19
CA THR A 452 45.06 56.73 18.72
C THR A 452 43.61 57.19 18.86
N LYS A 453 42.70 56.62 18.06
CA LYS A 453 41.34 57.14 17.93
C LYS A 453 41.33 58.58 17.43
N LEU A 454 42.35 58.94 16.64
CA LEU A 454 42.49 60.28 16.10
C LEU A 454 42.71 60.20 14.59
N GLY A 455 42.32 61.26 13.89
CA GLY A 455 42.44 61.27 12.45
C GLY A 455 42.31 62.66 11.86
N LYS A 456 42.04 62.69 10.56
CA LYS A 456 41.95 63.94 9.81
C LYS A 456 41.00 63.75 8.64
N ALA A 457 40.48 64.87 8.12
CA ALA A 457 39.55 64.85 7.00
C ALA A 457 39.76 66.10 6.16
N GLY A 458 39.40 66.01 4.88
CA GLY A 458 39.55 67.15 4.00
C GLY A 458 39.14 66.85 2.58
N TYR A 459 39.49 67.77 1.68
CA TYR A 459 39.14 67.68 0.27
C TYR A 459 40.18 68.39 -0.58
N VAL A 460 40.22 68.02 -1.86
CA VAL A 460 40.99 68.70 -2.88
C VAL A 460 40.09 68.88 -4.10
N THR A 461 40.04 70.10 -4.64
CA THR A 461 39.05 70.48 -5.63
C THR A 461 39.70 70.84 -6.96
N ASN A 462 38.90 70.81 -8.02
CA ASN A 462 39.41 71.08 -9.37
C ASN A 462 39.94 72.51 -9.50
N LYS A 463 39.27 73.47 -8.87
CA LYS A 463 39.72 74.87 -8.92
C LYS A 463 40.94 75.12 -8.04
N GLY A 464 41.44 74.10 -7.35
CA GLY A 464 42.62 74.23 -6.51
C GLY A 464 42.35 74.38 -5.03
N ARG A 465 41.08 74.48 -4.63
CA ARG A 465 40.75 74.57 -3.21
C ARG A 465 41.17 73.28 -2.49
N GLN A 466 41.57 73.45 -1.22
CA GLN A 466 41.97 72.31 -0.41
C GLN A 466 41.77 72.66 1.05
N LYS A 467 41.75 71.64 1.89
CA LYS A 467 41.50 71.78 3.32
C LYS A 467 41.78 70.45 4.00
N VAL A 468 42.35 70.51 5.21
CA VAL A 468 42.48 69.37 6.10
C VAL A 468 42.12 69.82 7.49
N VAL A 469 41.29 69.05 8.19
CA VAL A 469 40.93 69.37 9.58
C VAL A 469 41.39 68.24 10.49
N PRO A 470 41.95 68.56 11.66
CA PRO A 470 42.32 67.50 12.60
C PRO A 470 41.11 67.05 13.41
N LEU A 471 41.06 65.76 13.70
CA LEU A 471 39.91 65.16 14.36
C LEU A 471 40.38 64.28 15.50
N THR A 472 39.52 64.14 16.52
CA THR A 472 39.82 63.38 17.71
C THR A 472 38.62 62.51 18.08
N ASN A 473 38.92 61.34 18.66
CA ASN A 473 37.89 60.38 19.09
C ASN A 473 36.97 60.03 17.93
N THR A 474 37.58 59.64 16.81
CA THR A 474 36.86 59.32 15.59
C THR A 474 37.33 57.98 15.05
N THR A 475 36.47 57.37 14.24
CA THR A 475 36.77 56.16 13.51
C THR A 475 36.93 56.49 12.03
N ASN A 476 37.52 55.53 11.29
CA ASN A 476 37.74 55.73 9.85
C ASN A 476 36.46 56.09 9.13
N GLN A 477 35.36 55.40 9.45
CA GLN A 477 34.08 55.68 8.80
C GLN A 477 33.60 57.07 9.14
N LYS A 478 33.75 57.50 10.39
CA LYS A 478 33.30 58.83 10.79
C LYS A 478 34.07 59.92 10.05
N THR A 479 35.37 59.72 9.85
CA THR A 479 36.15 60.68 9.07
C THR A 479 35.67 60.73 7.62
N GLU A 480 35.37 59.57 7.03
CA GLU A 480 34.89 59.53 5.66
C GLU A 480 33.59 60.30 5.50
N LEU A 481 32.67 60.15 6.45
CA LEU A 481 31.46 60.96 6.45
C LEU A 481 31.78 62.42 6.71
N GLN A 482 32.74 62.69 7.61
CA GLN A 482 33.08 64.06 7.95
C GLN A 482 33.63 64.82 6.76
N ALA A 483 34.42 64.15 5.92
CA ALA A 483 34.97 64.80 4.73
C ALA A 483 33.85 65.25 3.79
N ILE A 484 32.84 64.41 3.61
CA ILE A 484 31.68 64.80 2.79
C ILE A 484 31.03 66.06 3.38
N TYR A 485 30.89 66.11 4.70
CA TYR A 485 30.32 67.28 5.35
C TYR A 485 31.17 68.51 5.12
N LEU A 486 32.50 68.38 5.21
CA LEU A 486 33.39 69.52 4.99
C LEU A 486 33.20 70.09 3.58
N ALA A 487 33.14 69.21 2.57
CA ALA A 487 32.92 69.68 1.21
C ALA A 487 31.57 70.36 1.07
N LEU A 488 30.54 69.80 1.70
CA LEU A 488 29.21 70.41 1.61
C LEU A 488 29.20 71.82 2.20
N GLN A 489 29.88 72.01 3.34
CA GLN A 489 29.87 73.32 3.98
C GLN A 489 30.64 74.35 3.17
N ASP A 490 31.77 73.96 2.60
CA ASP A 490 32.63 74.87 1.85
C ASP A 490 32.36 74.83 0.36
N SER A 491 31.11 74.60 -0.04
CA SER A 491 30.72 74.52 -1.44
C SER A 491 29.55 75.44 -1.72
N GLY A 492 29.36 75.73 -3.00
CA GLY A 492 28.21 76.47 -3.47
C GLY A 492 26.99 75.58 -3.60
N LEU A 493 25.92 76.17 -4.13
CA LEU A 493 24.64 75.47 -4.19
C LEU A 493 24.69 74.23 -5.08
N GLU A 494 25.60 74.20 -6.05
CA GLU A 494 25.79 73.04 -6.92
C GLU A 494 27.20 72.51 -6.73
N VAL A 495 27.31 71.24 -6.34
CA VAL A 495 28.59 70.62 -6.03
C VAL A 495 28.61 69.19 -6.53
N ASN A 496 29.79 68.74 -6.95
CA ASN A 496 30.04 67.34 -7.31
C ASN A 496 31.08 66.79 -6.36
N ILE A 497 30.73 65.70 -5.66
CA ILE A 497 31.56 65.12 -4.61
C ILE A 497 32.00 63.72 -5.04
N VAL A 498 33.28 63.44 -4.87
CA VAL A 498 33.86 62.15 -5.23
C VAL A 498 34.48 61.54 -3.98
N THR A 499 34.01 60.34 -3.62
CA THR A 499 34.46 59.65 -2.42
C THR A 499 34.82 58.21 -2.76
N ASP A 500 35.65 57.61 -1.91
CA ASP A 500 35.98 56.19 -2.02
C ASP A 500 35.27 55.34 -0.97
N SER A 501 34.49 55.97 -0.09
CA SER A 501 33.90 55.29 1.07
C SER A 501 32.56 54.70 0.68
N GLN A 502 32.50 53.36 0.59
CA GLN A 502 31.22 52.70 0.36
C GLN A 502 30.25 52.95 1.49
N TYR A 503 30.75 52.97 2.72
CA TYR A 503 29.93 53.31 3.88
C TYR A 503 29.24 54.65 3.70
N ALA A 504 30.02 55.68 3.34
CA ALA A 504 29.45 57.02 3.14
C ALA A 504 28.43 57.03 2.02
N LEU A 505 28.78 56.41 0.89
CA LEU A 505 27.87 56.39 -0.25
C LEU A 505 26.55 55.74 0.10
N GLY A 506 26.59 54.65 0.89
CA GLY A 506 25.37 53.94 1.21
C GLY A 506 24.40 54.76 2.05
N ILE A 507 24.92 55.42 3.09
CA ILE A 507 24.06 56.21 3.97
C ILE A 507 23.39 57.32 3.17
N ILE A 508 24.18 58.07 2.40
CA ILE A 508 23.65 59.20 1.63
C ILE A 508 22.68 58.71 0.56
N GLN A 509 23.01 57.60 -0.11
CA GLN A 509 22.13 57.07 -1.15
C GLN A 509 20.78 56.66 -0.61
N ALA A 510 20.73 56.09 0.60
CA ALA A 510 19.46 55.71 1.20
C ALA A 510 18.58 56.90 1.52
N GLN A 511 19.07 58.12 1.30
CA GLN A 511 18.31 59.36 1.51
C GLN A 511 17.65 59.40 2.88
N PRO A 512 18.42 59.20 3.96
CA PRO A 512 17.81 59.18 5.29
C PRO A 512 17.21 60.55 5.64
N ASP A 513 16.02 60.53 6.22
CA ASP A 513 15.39 61.78 6.64
C ASP A 513 16.01 62.33 7.91
N LYS A 514 16.46 61.44 8.80
CA LYS A 514 17.11 61.82 10.05
C LYS A 514 17.84 60.59 10.59
N SER A 515 18.47 60.76 11.75
CA SER A 515 19.22 59.67 12.36
C SER A 515 19.61 60.08 13.78
N GLU A 516 20.26 59.16 14.48
CA GLU A 516 20.83 59.42 15.80
C GLU A 516 22.24 60.00 15.72
N SER A 517 22.83 60.01 14.53
CA SER A 517 24.19 60.52 14.34
C SER A 517 24.11 62.01 14.04
N GLU A 518 24.64 62.83 14.94
CA GLU A 518 24.58 64.27 14.74
C GLU A 518 25.33 64.70 13.50
N LEU A 519 26.38 63.97 13.12
CA LEU A 519 27.08 64.25 11.86
C LEU A 519 26.16 64.01 10.66
N VAL A 520 25.50 62.83 10.63
CA VAL A 520 24.61 62.51 9.53
C VAL A 520 23.49 63.53 9.42
N ASN A 521 22.93 63.94 10.56
CA ASN A 521 21.90 64.97 10.55
C ASN A 521 22.44 66.28 9.98
N GLN A 522 23.67 66.65 10.33
CA GLN A 522 24.28 67.84 9.73
C GLN A 522 24.42 67.69 8.23
N ILE A 523 24.87 66.52 7.77
CA ILE A 523 24.95 66.26 6.34
C ILE A 523 23.58 66.43 5.69
N ILE A 524 22.53 65.92 6.35
CA ILE A 524 21.18 66.05 5.82
C ILE A 524 20.79 67.53 5.71
N GLU A 525 21.08 68.32 6.74
CA GLU A 525 20.71 69.73 6.72
C GLU A 525 21.47 70.49 5.63
N GLN A 526 22.75 70.16 5.43
CA GLN A 526 23.49 70.75 4.32
C GLN A 526 22.92 70.29 2.99
N LEU A 527 22.57 69.01 2.87
CA LEU A 527 22.06 68.48 1.60
C LEU A 527 20.75 69.16 1.21
N ILE A 528 19.90 69.45 2.19
CA ILE A 528 18.61 70.07 1.89
C ILE A 528 18.80 71.50 1.38
N LYS A 529 19.75 72.24 1.97
CA LYS A 529 19.98 73.61 1.51
C LYS A 529 20.56 73.65 0.09
N LYS A 530 21.29 72.61 -0.30
CA LYS A 530 21.91 72.59 -1.62
C LYS A 530 20.87 72.46 -2.71
N GLU A 531 21.10 73.17 -3.82
CA GLU A 531 20.21 73.05 -4.97
C GLU A 531 20.43 71.75 -5.74
N LYS A 532 21.69 71.35 -5.94
CA LYS A 532 22.02 70.14 -6.65
C LYS A 532 23.28 69.52 -6.05
N VAL A 533 23.24 68.22 -5.79
CA VAL A 533 24.41 67.48 -5.34
C VAL A 533 24.49 66.17 -6.12
N TYR A 534 25.68 65.87 -6.64
CA TYR A 534 25.96 64.59 -7.29
C TYR A 534 27.12 63.94 -6.55
N LEU A 535 26.91 62.70 -6.10
CA LEU A 535 27.93 61.94 -5.39
C LEU A 535 28.39 60.78 -6.25
N ALA A 536 29.69 60.66 -6.41
CA ALA A 536 30.29 59.60 -7.23
C ALA A 536 31.26 58.79 -6.38
N TRP A 537 31.37 57.50 -6.71
CA TRP A 537 32.24 56.60 -6.00
C TRP A 537 33.39 56.17 -6.90
N VAL A 538 34.57 56.04 -6.31
CA VAL A 538 35.75 55.54 -7.04
C VAL A 538 36.48 54.54 -6.17
N PRO A 539 37.10 53.55 -6.81
CA PRO A 539 37.91 52.59 -6.06
C PRO A 539 39.07 53.28 -5.37
N ALA A 540 39.38 52.81 -4.15
CA ALA A 540 40.47 53.40 -3.38
C ALA A 540 41.80 52.78 -3.76
N HIS A 541 42.86 53.58 -3.64
CA HIS A 541 44.23 53.13 -3.85
C HIS A 541 44.42 52.51 -5.25
N LYS A 542 43.67 53.01 -6.24
CA LYS A 542 43.77 52.52 -7.60
C LYS A 542 44.39 53.56 -8.53
N GLY A 543 44.91 54.65 -8.00
CA GLY A 543 45.54 55.65 -8.83
C GLY A 543 44.61 56.65 -9.49
N ILE A 544 43.35 56.73 -9.03
CA ILE A 544 42.48 57.80 -9.50
C ILE A 544 43.03 59.14 -9.02
N GLY A 545 43.13 60.10 -9.94
CA GLY A 545 43.84 61.33 -9.68
C GLY A 545 43.40 62.11 -8.45
N GLY A 546 42.14 62.54 -8.42
CA GLY A 546 41.67 63.31 -7.28
C GLY A 546 41.73 62.52 -5.98
N ASN A 547 41.34 61.25 -6.03
CA ASN A 547 41.33 60.41 -4.83
C ASN A 547 42.74 60.22 -4.28
N GLU A 548 43.72 60.00 -5.16
CA GLU A 548 45.08 59.76 -4.70
C GLU A 548 45.64 60.97 -3.96
N GLN A 549 45.37 62.18 -4.47
CA GLN A 549 45.90 63.38 -3.83
C GLN A 549 45.31 63.57 -2.43
N VAL A 550 43.99 63.39 -2.29
CA VAL A 550 43.35 63.62 -1.00
C VAL A 550 43.76 62.52 0.00
N ASP A 551 44.03 61.30 -0.49
CA ASP A 551 44.42 60.23 0.41
C ASP A 551 45.72 60.54 1.13
N LYS A 552 46.69 61.12 0.42
CA LYS A 552 47.94 61.52 1.05
C LYS A 552 47.72 62.65 2.05
N LEU A 553 46.83 63.60 1.71
CA LEU A 553 46.60 64.74 2.58
C LEU A 553 45.95 64.31 3.90
N VAL A 554 44.95 63.44 3.84
CA VAL A 554 44.22 63.05 5.04
C VAL A 554 45.03 62.08 5.89
N SER A 555 45.76 61.16 5.26
CA SER A 555 46.48 60.11 5.97
C SER A 555 47.97 60.25 5.70
N ALA A 556 48.76 60.35 6.76
CA ALA A 556 50.21 60.44 6.65
C ALA A 556 50.86 60.26 8.02
N ILE B 5 -2.01 -1.32 -0.19
CA ILE B 5 -0.62 -1.06 -0.53
C ILE B 5 0.22 -1.01 0.73
N GLU B 6 1.43 -1.57 0.68
CA GLU B 6 2.36 -1.44 1.79
C GLU B 6 2.97 -0.04 1.81
N THR B 7 3.39 0.38 3.00
CA THR B 7 3.95 1.72 3.21
C THR B 7 5.44 1.61 3.47
N VAL B 8 6.23 2.37 2.72
CA VAL B 8 7.67 2.44 2.95
C VAL B 8 7.91 3.03 4.34
N PRO B 9 8.75 2.44 5.18
CA PRO B 9 9.06 3.05 6.47
C PRO B 9 9.83 4.35 6.27
N VAL B 10 9.42 5.39 7.01
CA VAL B 10 10.00 6.71 6.89
C VAL B 10 10.48 7.17 8.26
N LYS B 11 11.70 7.71 8.32
CA LYS B 11 12.26 8.18 9.57
C LYS B 11 12.92 9.54 9.34
N LEU B 12 12.71 10.44 10.30
CA LEU B 12 13.43 11.70 10.30
C LEU B 12 14.89 11.46 10.62
N LYS B 13 15.75 12.36 10.14
CA LYS B 13 17.19 12.27 10.41
C LYS B 13 17.40 12.14 11.92
N PRO B 14 18.41 11.37 12.36
CA PRO B 14 18.59 11.16 13.79
C PRO B 14 18.91 12.46 14.51
N GLY B 15 18.42 12.58 15.74
CA GLY B 15 18.56 13.82 16.47
C GLY B 15 17.69 14.94 15.95
N MET B 16 16.60 14.60 15.26
CA MET B 16 15.68 15.59 14.70
C MET B 16 14.28 15.36 15.23
N ASP B 17 13.59 16.46 15.56
CA ASP B 17 12.18 16.43 15.91
C ASP B 17 11.36 17.06 14.80
N GLY B 18 10.10 16.64 14.70
CA GLY B 18 9.21 17.10 13.66
C GLY B 18 9.03 18.60 13.65
N PRO B 19 8.52 19.13 12.54
CA PRO B 19 8.41 20.58 12.39
C PRO B 19 7.36 21.18 13.31
N LYS B 20 7.67 22.35 13.86
CA LYS B 20 6.74 23.15 14.66
C LYS B 20 6.80 24.58 14.12
N VAL B 21 6.02 24.86 13.08
CA VAL B 21 6.09 26.13 12.36
C VAL B 21 4.77 26.86 12.50
N LYS B 22 4.86 28.17 12.75
CA LYS B 22 3.67 28.99 12.97
C LYS B 22 2.89 29.18 11.67
N GLN B 23 1.56 29.07 11.78
CA GLN B 23 0.68 29.30 10.65
C GLN B 23 0.50 30.80 10.43
N TRP B 24 0.93 31.30 9.28
CA TRP B 24 0.77 32.72 8.96
C TRP B 24 -0.71 33.06 8.83
N PRO B 25 -1.11 34.27 9.23
CA PRO B 25 -2.52 34.66 9.14
C PRO B 25 -3.01 34.65 7.70
N LEU B 26 -4.27 34.25 7.52
CA LEU B 26 -4.88 34.13 6.20
C LEU B 26 -6.07 35.06 6.07
N THR B 27 -6.45 35.31 4.81
CA THR B 27 -7.66 36.06 4.53
C THR B 27 -8.87 35.14 4.58
N GLU B 28 -10.05 35.74 4.81
CA GLU B 28 -11.27 34.96 4.94
C GLU B 28 -11.55 34.15 3.68
N GLU B 29 -11.21 34.70 2.50
CA GLU B 29 -11.43 33.94 1.27
C GLU B 29 -10.55 32.70 1.22
N LYS B 30 -9.30 32.82 1.68
CA LYS B 30 -8.38 31.68 1.63
C LYS B 30 -8.77 30.62 2.67
N ILE B 31 -9.21 31.06 3.85
CA ILE B 31 -9.66 30.11 4.87
C ILE B 31 -10.86 29.33 4.36
N LYS B 32 -11.82 30.02 3.73
CA LYS B 32 -13.01 29.36 3.21
C LYS B 32 -12.66 28.34 2.13
N ALA B 33 -11.73 28.69 1.25
CA ALA B 33 -11.28 27.73 0.23
C ALA B 33 -10.64 26.51 0.89
N LEU B 34 -9.74 26.76 1.85
CA LEU B 34 -9.01 25.66 2.47
C LEU B 34 -9.95 24.72 3.22
N VAL B 35 -10.96 25.26 3.92
CA VAL B 35 -11.90 24.37 4.61
C VAL B 35 -12.68 23.53 3.59
N GLU B 36 -13.03 24.12 2.44
CA GLU B 36 -13.74 23.36 1.42
C GLU B 36 -12.85 22.25 0.85
N ILE B 37 -11.59 22.58 0.55
CA ILE B 37 -10.67 21.58 0.00
C ILE B 37 -10.45 20.46 1.00
N CYS B 38 -10.19 20.80 2.25
CA CYS B 38 -9.87 19.79 3.26
C CYS B 38 -11.09 19.00 3.70
N THR B 39 -12.30 19.57 3.59
CA THR B 39 -13.49 18.78 3.89
C THR B 39 -13.62 17.61 2.93
N GLU B 40 -13.39 17.86 1.63
CA GLU B 40 -13.46 16.78 0.65
C GLU B 40 -12.32 15.80 0.82
N MET B 41 -11.11 16.29 1.09
CA MET B 41 -9.97 15.40 1.29
C MET B 41 -10.21 14.45 2.46
N GLU B 42 -10.81 14.95 3.54
CA GLU B 42 -11.08 14.10 4.70
C GLU B 42 -12.07 13.00 4.36
N LYS B 43 -13.08 13.31 3.55
CA LYS B 43 -14.03 12.29 3.13
C LYS B 43 -13.33 11.18 2.34
N GLU B 44 -12.42 11.57 1.43
CA GLU B 44 -11.70 10.61 0.60
C GLU B 44 -10.60 9.87 1.35
N GLY B 45 -10.42 10.15 2.64
CA GLY B 45 -9.45 9.46 3.45
C GLY B 45 -8.02 9.96 3.33
N LYS B 46 -7.77 10.96 2.49
CA LYS B 46 -6.40 11.45 2.31
C LYS B 46 -5.87 12.08 3.59
N ILE B 47 -6.69 12.84 4.29
CA ILE B 47 -6.34 13.44 5.57
C ILE B 47 -7.39 13.04 6.60
N SER B 48 -7.05 13.22 7.88
CA SER B 48 -8.02 13.05 8.95
C SER B 48 -7.65 13.96 10.11
N LYS B 49 -8.64 14.26 10.94
CA LYS B 49 -8.45 15.22 12.02
C LYS B 49 -7.63 14.61 13.15
N ILE B 50 -6.96 15.49 13.91
CA ILE B 50 -5.96 15.06 14.89
C ILE B 50 -6.22 15.75 16.22
N GLY B 51 -5.67 15.15 17.28
CA GLY B 51 -5.86 15.63 18.63
C GLY B 51 -4.75 16.56 19.08
N PRO B 52 -4.85 17.04 20.33
CA PRO B 52 -3.83 17.96 20.86
C PRO B 52 -2.52 17.28 21.25
N GLU B 53 -2.46 15.95 21.24
CA GLU B 53 -1.21 15.25 21.52
C GLU B 53 -0.25 15.29 20.34
N ASN B 54 -0.64 15.94 19.24
CA ASN B 54 0.22 16.15 18.08
C ASN B 54 0.75 17.58 18.14
N PRO B 55 1.97 17.80 18.62
CA PRO B 55 2.49 19.17 18.76
C PRO B 55 3.02 19.76 17.47
N TYR B 56 3.14 18.98 16.41
CA TYR B 56 3.78 19.44 15.19
C TYR B 56 2.81 20.27 14.35
N ASN B 57 3.40 21.13 13.51
CA ASN B 57 2.59 21.90 12.59
C ASN B 57 3.45 22.43 11.46
N THR B 58 2.86 22.50 10.27
CA THR B 58 3.47 22.98 9.05
C THR B 58 2.50 23.96 8.38
N PRO B 59 2.99 25.07 7.84
CA PRO B 59 2.08 26.09 7.31
C PRO B 59 1.31 25.60 6.10
N VAL B 60 0.13 26.20 5.90
CA VAL B 60 -0.73 25.91 4.76
C VAL B 60 -1.21 27.23 4.16
N PHE B 61 -1.21 27.30 2.84
CA PHE B 61 -1.65 28.48 2.10
C PHE B 61 -2.59 28.05 1.00
N ALA B 62 -3.24 29.02 0.36
CA ALA B 62 -4.11 28.77 -0.78
C ALA B 62 -3.68 29.65 -1.95
N ILE B 63 -3.44 29.03 -3.10
CA ILE B 63 -3.06 29.74 -4.30
C ILE B 63 -4.08 29.48 -5.39
N LYS B 64 -4.26 30.47 -6.27
CA LYS B 64 -5.18 30.29 -7.40
C LYS B 64 -4.55 29.41 -8.46
N LYS B 65 -3.24 29.54 -8.67
CA LYS B 65 -2.47 28.69 -9.57
C LYS B 65 -2.86 28.86 -11.03
N LYS B 66 -3.35 30.05 -11.40
CA LYS B 66 -3.84 30.45 -12.72
C LYS B 66 -5.23 29.91 -13.00
N ASP B 67 -5.81 29.11 -12.12
CA ASP B 67 -7.18 28.67 -12.28
C ASP B 67 -8.13 29.80 -11.92
N SER B 68 -9.14 30.04 -12.76
CA SER B 68 -9.99 31.21 -12.59
C SER B 68 -10.79 31.13 -11.30
N THR B 69 -11.40 29.98 -11.03
CA THR B 69 -12.16 29.77 -9.80
C THR B 69 -11.58 28.69 -8.90
N LYS B 70 -10.81 27.74 -9.44
CA LYS B 70 -10.29 26.65 -8.63
C LYS B 70 -9.22 27.19 -7.67
N TRP B 71 -9.36 26.83 -6.40
CA TRP B 71 -8.39 27.13 -5.37
C TRP B 71 -7.54 25.90 -5.10
N ARG B 72 -6.24 26.10 -4.99
CA ARG B 72 -5.30 25.00 -4.77
C ARG B 72 -4.66 25.11 -3.39
N LYS B 73 -4.64 24.00 -2.66
CA LYS B 73 -3.96 23.96 -1.38
C LYS B 73 -2.46 23.77 -1.58
N LEU B 74 -1.67 24.61 -0.91
CA LEU B 74 -0.22 24.48 -0.92
C LEU B 74 0.24 24.36 0.53
N VAL B 75 1.02 23.32 0.81
CA VAL B 75 1.59 23.10 2.13
C VAL B 75 3.08 23.42 2.06
N ASP B 76 3.56 24.22 3.01
CA ASP B 76 4.95 24.65 3.05
C ASP B 76 5.77 23.63 3.83
N PHE B 77 6.14 22.55 3.15
CA PHE B 77 6.90 21.46 3.77
C PHE B 77 8.41 21.72 3.80
N ARG B 78 8.85 22.98 3.75
CA ARG B 78 10.28 23.26 3.69
C ARG B 78 11.00 22.78 4.95
N GLU B 79 10.40 22.95 6.12
CA GLU B 79 11.04 22.49 7.35
C GLU B 79 11.02 20.96 7.45
N LEU B 80 9.90 20.33 7.11
CA LEU B 80 9.84 18.86 7.14
C LEU B 80 10.83 18.27 6.16
N ASN B 81 10.93 18.87 4.97
CA ASN B 81 11.87 18.35 3.96
C ASN B 81 13.31 18.43 4.46
N LYS B 82 13.68 19.55 5.09
CA LYS B 82 15.04 19.67 5.62
C LYS B 82 15.32 18.62 6.68
N ARG B 83 14.30 18.23 7.45
CA ARG B 83 14.45 17.21 8.49
C ARG B 83 14.20 15.79 7.99
N THR B 84 13.69 15.63 6.76
CA THR B 84 13.44 14.31 6.19
C THR B 84 14.19 14.06 4.89
N GLN B 85 14.10 14.99 3.94
CA GLN B 85 14.43 14.66 2.55
C GLN B 85 15.91 14.38 2.36
N ASP B 86 16.77 15.00 3.16
CA ASP B 86 18.20 14.79 2.99
C ASP B 86 18.57 13.33 3.24
N PHE B 87 17.94 12.71 4.25
CA PHE B 87 18.07 11.27 4.42
C PHE B 87 17.47 10.53 3.22
N TRP B 88 16.32 10.98 2.74
CA TRP B 88 15.69 10.36 1.58
C TRP B 88 16.42 10.69 0.28
N GLU B 89 17.22 11.76 0.27
CA GLU B 89 17.98 12.11 -0.94
C GLU B 89 19.06 11.08 -1.23
N VAL B 90 19.64 10.47 -0.21
CA VAL B 90 20.69 9.48 -0.39
C VAL B 90 20.11 8.08 -0.61
N GLN B 91 19.22 7.66 0.29
CA GLN B 91 18.69 6.30 0.22
C GLN B 91 17.80 6.10 -1.01
N LEU B 92 16.87 7.01 -1.25
CA LEU B 92 15.86 6.86 -2.30
C LEU B 92 15.90 8.04 -3.28
N GLY B 93 17.10 8.51 -3.60
CA GLY B 93 17.24 9.67 -4.47
C GLY B 93 16.85 9.38 -5.90
N ILE B 94 16.75 10.46 -6.67
CA ILE B 94 16.34 10.42 -8.07
C ILE B 94 17.43 11.09 -8.89
N PRO B 95 17.86 10.49 -10.01
CA PRO B 95 18.88 11.14 -10.84
C PRO B 95 18.32 12.28 -11.67
N HIS B 96 19.24 13.11 -12.18
CA HIS B 96 18.89 14.28 -12.97
C HIS B 96 19.48 14.17 -14.37
N PRO B 97 18.69 14.40 -15.42
CA PRO B 97 19.21 14.27 -16.80
C PRO B 97 19.93 15.54 -17.24
N ALA B 98 21.19 15.39 -17.64
CA ALA B 98 21.95 16.52 -18.15
C ALA B 98 21.46 17.00 -19.50
N GLY B 99 20.60 16.24 -20.17
CA GLY B 99 20.09 16.62 -21.47
C GLY B 99 18.82 17.44 -21.47
N LEU B 100 18.13 17.54 -20.33
CA LEU B 100 16.88 18.32 -20.29
C LEU B 100 17.14 19.78 -20.65
N LYS B 101 18.27 20.33 -20.19
CA LYS B 101 18.66 21.68 -20.57
C LYS B 101 18.86 21.79 -22.08
N LYS B 102 19.44 20.76 -22.70
CA LYS B 102 19.73 20.82 -24.12
C LYS B 102 18.48 20.75 -24.97
N LYS B 103 17.38 20.22 -24.43
CA LYS B 103 16.18 20.01 -25.22
C LYS B 103 15.60 21.34 -25.72
N LYS B 104 14.92 21.27 -26.87
CA LYS B 104 14.36 22.47 -27.48
C LYS B 104 13.19 23.00 -26.66
N SER B 105 12.28 22.12 -26.25
CA SER B 105 11.09 22.51 -25.51
C SER B 105 10.87 21.59 -24.34
N VAL B 106 10.59 22.16 -23.17
CA VAL B 106 10.24 21.40 -21.98
C VAL B 106 8.88 21.89 -21.49
N THR B 107 7.98 20.94 -21.23
CA THR B 107 6.67 21.23 -20.68
C THR B 107 6.60 20.65 -19.27
N VAL B 108 5.98 21.39 -18.36
CA VAL B 108 5.89 21.02 -16.95
C VAL B 108 4.45 20.66 -16.64
N LEU B 109 4.24 19.43 -16.17
CA LEU B 109 2.92 18.92 -15.82
C LEU B 109 2.85 18.62 -14.33
N ASP B 110 1.68 18.81 -13.76
CA ASP B 110 1.45 18.56 -12.33
C ASP B 110 0.97 17.12 -12.15
N VAL B 111 1.79 16.30 -11.51
CA VAL B 111 1.46 14.91 -11.22
C VAL B 111 1.20 14.70 -9.73
N GLY B 112 0.86 15.78 -9.02
CA GLY B 112 0.69 15.68 -7.57
C GLY B 112 -0.46 14.78 -7.15
N ASP B 113 -1.53 14.73 -7.95
CA ASP B 113 -2.66 13.87 -7.61
C ASP B 113 -2.27 12.39 -7.61
N ALA B 114 -1.13 12.04 -8.23
CA ALA B 114 -0.68 10.66 -8.22
C ALA B 114 -0.38 10.19 -6.80
N TYR B 115 0.27 11.03 -6.00
CA TYR B 115 0.77 10.61 -4.69
C TYR B 115 -0.35 10.18 -3.75
N PHE B 116 -1.58 10.63 -4.00
CA PHE B 116 -2.66 10.39 -3.05
C PHE B 116 -3.09 8.93 -2.99
N SER B 117 -2.72 8.11 -3.99
CA SER B 117 -3.07 6.71 -3.91
C SER B 117 -2.14 5.95 -2.97
N VAL B 118 -0.87 6.30 -2.95
CA VAL B 118 0.12 5.61 -2.11
C VAL B 118 -0.07 6.04 -0.66
N PRO B 119 -0.08 5.11 0.29
CA PRO B 119 -0.21 5.49 1.70
C PRO B 119 1.13 5.82 2.35
N LEU B 120 1.04 6.51 3.49
CA LEU B 120 2.20 6.95 4.25
C LEU B 120 2.34 6.13 5.52
N ASP B 121 3.58 5.96 5.98
CA ASP B 121 3.82 5.21 7.20
C ASP B 121 3.08 5.84 8.37
N GLU B 122 2.38 5.00 9.15
CA GLU B 122 1.58 5.49 10.26
C GLU B 122 2.43 6.22 11.29
N ASP B 123 3.67 5.79 11.47
CA ASP B 123 4.57 6.45 12.40
C ASP B 123 5.09 7.80 11.91
N PHE B 124 4.84 8.14 10.64
CA PHE B 124 5.31 9.41 10.09
C PHE B 124 4.19 10.43 9.92
N ARG B 125 2.93 10.00 9.89
CA ARG B 125 1.83 10.90 9.55
C ARG B 125 1.73 12.09 10.49
N LYS B 126 2.10 11.91 11.76
CA LYS B 126 1.98 12.99 12.73
C LYS B 126 2.86 14.18 12.36
N TYR B 127 3.98 13.94 11.68
CA TYR B 127 4.87 15.03 11.28
C TYR B 127 4.29 15.86 10.15
N THR B 128 3.21 15.40 9.50
CA THR B 128 2.58 16.12 8.41
C THR B 128 1.43 17.00 8.89
N ALA B 129 1.41 17.37 10.17
CA ALA B 129 0.29 18.10 10.73
C ALA B 129 0.26 19.54 10.22
N PHE B 130 -0.95 20.01 9.90
CA PHE B 130 -1.15 21.40 9.49
C PHE B 130 -2.43 21.92 10.12
N THR B 131 -2.56 23.25 10.16
CA THR B 131 -3.65 23.93 10.86
C THR B 131 -4.34 24.91 9.92
N ILE B 132 -5.65 24.77 9.77
CA ILE B 132 -6.43 25.80 9.09
C ILE B 132 -6.75 26.90 10.09
N PRO B 133 -6.23 28.11 9.90
CA PRO B 133 -6.37 29.16 10.93
C PRO B 133 -7.78 29.70 11.00
N SER B 134 -8.00 30.62 11.94
CA SER B 134 -9.30 31.20 12.21
C SER B 134 -9.15 32.72 12.34
N ILE B 135 -10.22 33.44 12.07
CA ILE B 135 -10.20 34.91 12.11
C ILE B 135 -10.47 35.38 13.53
N ASN B 136 -9.61 36.28 14.01
CA ASN B 136 -9.78 36.93 15.31
C ASN B 136 -9.80 35.92 16.45
N ASN B 137 -9.18 34.76 16.24
CA ASN B 137 -9.09 33.69 17.25
C ASN B 137 -10.46 33.32 17.79
N GLU B 138 -11.50 33.45 16.96
CA GLU B 138 -12.85 33.18 17.42
CA GLU B 138 -12.85 33.18 17.42
C GLU B 138 -13.07 31.68 17.66
N THR B 139 -12.39 30.83 16.92
CA THR B 139 -12.48 29.38 17.09
C THR B 139 -11.09 28.79 17.08
N PRO B 140 -10.89 27.62 17.70
CA PRO B 140 -9.62 26.90 17.54
C PRO B 140 -9.47 26.44 16.09
N GLY B 141 -8.22 26.44 15.63
CA GLY B 141 -7.96 26.06 14.26
C GLY B 141 -8.25 24.60 14.01
N ILE B 142 -8.66 24.30 12.78
CA ILE B 142 -8.94 22.93 12.38
C ILE B 142 -7.61 22.23 12.07
N ARG B 143 -7.42 21.04 12.64
CA ARG B 143 -6.14 20.36 12.62
C ARG B 143 -6.27 19.01 11.91
N TYR B 144 -5.41 18.79 10.91
CA TYR B 144 -5.42 17.58 10.11
C TYR B 144 -4.01 17.00 10.03
N GLN B 145 -3.93 15.72 9.70
CA GLN B 145 -2.68 15.09 9.29
C GLN B 145 -2.94 14.24 8.05
N TYR B 146 -1.88 14.00 7.30
CA TYR B 146 -1.98 13.27 6.04
C TYR B 146 -1.94 11.77 6.30
N ASN B 147 -2.90 11.05 5.71
CA ASN B 147 -2.89 9.60 5.69
C ASN B 147 -2.26 9.04 4.43
N VAL B 148 -1.89 9.90 3.48
CA VAL B 148 -1.32 9.50 2.20
C VAL B 148 -0.08 10.36 1.95
N LEU B 149 0.55 10.11 0.81
CA LEU B 149 1.77 10.84 0.48
C LEU B 149 1.45 12.31 0.23
N PRO B 150 2.00 13.23 1.01
CA PRO B 150 1.68 14.66 0.83
C PRO B 150 2.28 15.21 -0.46
N GLN B 151 1.61 16.23 -1.01
CA GLN B 151 2.02 16.76 -2.31
C GLN B 151 3.34 17.53 -2.22
N GLY B 152 3.54 18.32 -1.18
CA GLY B 152 4.77 19.08 -1.14
C GLY B 152 5.96 18.39 -0.52
N TRP B 153 5.82 17.14 -0.07
CA TRP B 153 6.86 16.48 0.69
C TRP B 153 7.84 15.78 -0.24
N LYS B 154 9.14 16.10 -0.09
CA LYS B 154 10.14 15.58 -1.01
C LYS B 154 10.29 14.06 -0.90
N GLY B 155 9.80 13.45 0.19
CA GLY B 155 9.77 12.00 0.25
C GLY B 155 8.72 11.38 -0.66
N SER B 156 7.68 12.14 -1.03
CA SER B 156 6.61 11.58 -1.84
C SER B 156 7.08 11.18 -3.23
N PRO B 157 7.78 12.02 -4.01
CA PRO B 157 8.28 11.55 -5.31
C PRO B 157 9.27 10.40 -5.19
N ALA B 158 10.05 10.35 -4.10
CA ALA B 158 11.01 9.28 -3.92
C ALA B 158 10.31 7.93 -3.77
N ILE B 159 9.23 7.89 -3.00
CA ILE B 159 8.50 6.64 -2.80
C ILE B 159 7.77 6.24 -4.06
N PHE B 160 7.14 7.20 -4.74
CA PHE B 160 6.36 6.92 -5.95
C PHE B 160 7.22 6.64 -7.17
N GLN B 161 8.54 6.87 -7.06
CA GLN B 161 9.43 6.76 -8.22
C GLN B 161 9.31 5.40 -8.91
N SER B 162 9.18 4.33 -8.13
CA SER B 162 9.00 3.01 -8.70
C SER B 162 7.74 2.94 -9.55
N SER B 163 6.62 3.42 -8.99
CA SER B 163 5.35 3.39 -9.72
C SER B 163 5.37 4.32 -10.93
N MET B 164 6.05 5.46 -10.82
CA MET B 164 6.15 6.38 -11.95
C MET B 164 6.90 5.74 -13.11
N THR B 165 7.98 5.02 -12.81
CA THR B 165 8.78 4.38 -13.86
C THR B 165 7.97 3.34 -14.61
N LYS B 166 7.13 2.59 -13.91
CA LYS B 166 6.28 1.60 -14.56
C LYS B 166 5.23 2.26 -15.45
N ILE B 167 4.61 3.34 -14.96
CA ILE B 167 3.56 3.99 -15.74
C ILE B 167 4.14 4.62 -17.01
N LEU B 168 5.31 5.24 -16.91
CA LEU B 168 5.89 5.94 -18.04
C LEU B 168 6.65 5.03 -19.00
N GLU B 169 6.93 3.78 -18.61
CA GLU B 169 7.70 2.89 -19.48
C GLU B 169 7.08 2.71 -20.86
N PRO B 170 5.78 2.42 -21.00
CA PRO B 170 5.24 2.28 -22.37
C PRO B 170 5.44 3.52 -23.23
N PHE B 171 5.12 4.70 -22.69
CA PHE B 171 5.28 5.93 -23.45
C PHE B 171 6.73 6.19 -23.82
N LYS B 172 7.66 5.94 -22.88
CA LYS B 172 9.07 6.19 -23.14
C LYS B 172 9.61 5.27 -24.22
N LYS B 173 9.16 4.02 -24.26
CA LYS B 173 9.60 3.10 -25.30
C LYS B 173 9.15 3.57 -26.68
N GLN B 174 7.88 3.98 -26.79
CA GLN B 174 7.36 4.49 -28.06
C GLN B 174 7.95 5.84 -28.42
N ASN B 175 8.44 6.59 -27.44
CA ASN B 175 9.01 7.92 -27.65
C ASN B 175 10.36 8.00 -26.94
N PRO B 176 11.38 7.32 -27.46
CA PRO B 176 12.69 7.33 -26.77
C PRO B 176 13.39 8.66 -26.83
N ASP B 177 12.99 9.57 -27.72
CA ASP B 177 13.66 10.85 -27.89
C ASP B 177 13.18 11.92 -26.92
N ILE B 178 12.23 11.61 -26.06
CA ILE B 178 11.66 12.57 -25.13
C ILE B 178 12.27 12.36 -23.75
N VAL B 179 12.64 13.45 -23.10
CA VAL B 179 13.24 13.39 -21.77
C VAL B 179 12.17 13.71 -20.74
N ILE B 180 12.10 12.89 -19.69
CA ILE B 180 11.13 13.07 -18.61
C ILE B 180 11.91 13.09 -17.30
N TYR B 181 11.76 14.18 -16.56
CA TYR B 181 12.41 14.34 -15.25
C TYR B 181 11.34 14.74 -14.23
N GLN B 182 11.48 14.22 -13.02
CA GLN B 182 10.49 14.43 -11.97
C GLN B 182 11.13 15.14 -10.78
N TYR B 183 10.94 16.45 -10.71
CA TYR B 183 11.10 17.18 -9.46
C TYR B 183 9.77 17.11 -8.71
N MET B 184 9.84 17.23 -7.39
CA MET B 184 8.70 17.00 -6.52
C MET B 184 7.43 17.65 -7.05
N ASP B 185 6.41 16.83 -7.27
CA ASP B 185 5.07 17.15 -7.75
C ASP B 185 5.00 17.43 -9.25
N ASP B 186 6.11 17.54 -9.97
CA ASP B 186 6.08 18.03 -11.34
C ASP B 186 6.83 17.09 -12.26
N LEU B 187 6.37 17.02 -13.51
CA LEU B 187 7.00 16.23 -14.55
C LEU B 187 7.45 17.16 -15.66
N TYR B 188 8.75 17.17 -15.93
CA TYR B 188 9.35 18.03 -16.95
C TYR B 188 9.61 17.19 -18.20
N VAL B 189 8.81 17.42 -19.23
CA VAL B 189 8.83 16.62 -20.45
C VAL B 189 9.48 17.43 -21.55
N GLY B 190 10.64 16.99 -22.04
CA GLY B 190 11.42 17.73 -23.01
C GLY B 190 11.47 17.00 -24.35
N SER B 191 11.25 17.76 -25.43
CA SER B 191 11.30 17.23 -26.78
C SER B 191 11.98 18.24 -27.70
N ASP B 192 12.54 17.72 -28.79
CA ASP B 192 13.10 18.54 -29.86
C ASP B 192 12.18 18.64 -31.07
N LEU B 193 10.91 18.25 -30.92
CA LEU B 193 9.96 18.25 -32.02
C LEU B 193 9.42 19.65 -32.25
N GLU B 194 8.59 19.78 -33.28
CA GLU B 194 7.85 21.02 -33.50
C GLU B 194 6.83 21.21 -32.37
N ILE B 195 6.52 22.48 -32.09
CA ILE B 195 5.67 22.79 -30.94
C ILE B 195 4.33 22.08 -31.04
N GLY B 196 3.75 22.04 -32.24
CA GLY B 196 2.48 21.36 -32.42
C GLY B 196 2.58 19.86 -32.19
N GLN B 197 3.67 19.25 -32.67
CA GLN B 197 3.91 17.85 -32.37
C GLN B 197 4.21 17.64 -30.90
N HIS B 198 5.05 18.50 -30.31
CA HIS B 198 5.31 18.44 -28.89
C HIS B 198 4.04 18.56 -28.08
N ARG B 199 3.19 19.52 -28.43
CA ARG B 199 1.92 19.70 -27.72
C ARG B 199 1.04 18.46 -27.85
N THR B 200 0.98 17.87 -29.05
CA THR B 200 0.18 16.66 -29.23
C THR B 200 0.77 15.49 -28.44
N LYS B 201 2.09 15.37 -28.44
CA LYS B 201 2.74 14.34 -27.62
C LYS B 201 2.42 14.52 -26.14
N ILE B 202 2.42 15.78 -25.68
CA ILE B 202 2.13 16.06 -24.28
C ILE B 202 0.72 15.60 -23.93
N GLU B 203 -0.25 15.91 -24.80
CA GLU B 203 -1.61 15.45 -24.56
C GLU B 203 -1.69 13.93 -24.56
N GLU B 204 -0.94 13.29 -25.44
CA GLU B 204 -0.87 11.83 -25.45
C GLU B 204 -0.31 11.31 -24.13
N LEU B 205 0.73 11.95 -23.60
CA LEU B 205 1.25 11.57 -22.30
C LEU B 205 0.21 11.78 -21.20
N ARG B 206 -0.53 12.88 -21.27
CA ARG B 206 -1.58 13.13 -20.27
C ARG B 206 -2.64 12.05 -20.32
N GLN B 207 -3.08 11.67 -21.51
CA GLN B 207 -4.07 10.59 -21.64
C GLN B 207 -3.49 9.28 -21.14
N HIS B 208 -2.22 9.02 -21.41
CA HIS B 208 -1.58 7.79 -20.94
C HIS B 208 -1.64 7.69 -19.42
N LEU B 209 -1.31 8.79 -18.73
CA LEU B 209 -1.39 8.80 -17.28
C LEU B 209 -2.83 8.66 -16.80
N LEU B 210 -3.77 9.29 -17.50
CA LEU B 210 -5.18 9.18 -17.12
C LEU B 210 -5.68 7.74 -17.25
N ARG B 211 -5.27 7.05 -18.30
CA ARG B 211 -5.63 5.63 -18.45
C ARG B 211 -5.07 4.79 -17.31
N TRP B 212 -3.90 5.17 -16.79
CA TRP B 212 -3.27 4.46 -15.69
C TRP B 212 -3.62 5.07 -14.33
N GLY B 213 -4.58 6.00 -14.29
CA GLY B 213 -5.10 6.52 -13.04
C GLY B 213 -4.49 7.82 -12.56
N LEU B 214 -3.52 8.38 -13.27
CA LEU B 214 -2.88 9.63 -12.85
C LEU B 214 -3.57 10.80 -13.56
N THR B 215 -4.38 11.54 -12.81
CA THR B 215 -5.03 12.73 -13.35
C THR B 215 -4.01 13.88 -13.47
N THR B 216 -4.12 14.62 -14.55
CA THR B 216 -3.28 15.79 -14.80
C THR B 216 -4.18 17.02 -14.96
N PRO B 217 -3.88 18.13 -14.27
CA PRO B 217 -4.78 19.29 -14.34
C PRO B 217 -4.87 19.84 -15.74
N ASP B 218 -6.05 20.37 -16.07
CA ASP B 218 -6.31 20.96 -17.37
C ASP B 218 -6.59 22.45 -17.24
N TYR B 232 5.19 26.26 -17.74
CA TYR B 232 4.47 26.24 -19.01
C TYR B 232 5.31 25.55 -20.08
N GLU B 233 5.39 26.13 -21.27
CA GLU B 233 6.26 25.63 -22.33
C GLU B 233 7.57 26.39 -22.25
N LEU B 234 8.61 25.73 -21.78
CA LEU B 234 9.93 26.33 -21.65
C LEU B 234 10.79 25.93 -22.85
N HIS B 235 11.72 26.83 -23.20
CA HIS B 235 12.58 26.65 -24.36
C HIS B 235 14.02 26.85 -23.91
N PRO B 236 14.60 25.85 -23.26
CA PRO B 236 15.95 26.03 -22.67
C PRO B 236 17.04 26.31 -23.67
N ASP B 237 16.87 25.94 -24.94
CA ASP B 237 17.93 26.18 -25.93
C ASP B 237 18.13 27.68 -26.17
N LYS B 238 17.07 28.48 -26.00
CA LYS B 238 17.17 29.92 -26.18
C LYS B 238 17.88 30.61 -25.03
N TRP B 239 18.06 29.93 -23.90
CA TRP B 239 18.65 30.54 -22.71
C TRP B 239 20.11 30.89 -22.96
N THR B 240 20.50 32.11 -22.57
CA THR B 240 21.87 32.59 -22.68
C THR B 240 22.17 33.50 -21.51
N VAL B 241 23.43 33.46 -21.05
CA VAL B 241 23.85 34.27 -19.91
C VAL B 241 23.96 35.75 -20.33
N GLN B 242 23.85 36.64 -19.34
CA GLN B 242 24.02 38.08 -19.52
C GLN B 242 25.51 38.44 -19.38
N PRO B 243 26.20 38.68 -20.49
CA PRO B 243 27.63 38.96 -20.41
C PRO B 243 27.92 40.38 -19.97
N ILE B 244 29.08 40.55 -19.31
CA ILE B 244 29.51 41.87 -18.89
C ILE B 244 29.79 42.72 -20.13
N VAL B 245 29.21 43.92 -20.17
CA VAL B 245 29.31 44.79 -21.34
C VAL B 245 29.72 46.18 -20.89
N LEU B 246 30.94 46.58 -21.24
CA LEU B 246 31.40 47.93 -20.98
C LEU B 246 30.79 48.90 -22.00
N PRO B 247 30.63 50.16 -21.62
CA PRO B 247 30.05 51.13 -22.55
C PRO B 247 30.99 51.42 -23.71
N GLU B 248 30.39 51.85 -24.82
CA GLU B 248 31.13 52.30 -25.99
C GLU B 248 30.72 53.73 -26.29
N LYS B 249 31.66 54.66 -26.14
CA LYS B 249 31.39 56.08 -26.29
C LYS B 249 32.36 56.70 -27.29
N ASP B 250 31.94 57.83 -27.85
CA ASP B 250 32.81 58.60 -28.73
C ASP B 250 33.66 59.61 -27.98
N SER B 251 33.14 60.18 -26.90
CA SER B 251 33.91 61.02 -26.00
C SER B 251 33.63 60.60 -24.57
N TRP B 252 34.67 60.60 -23.75
CA TRP B 252 34.58 60.13 -22.37
C TRP B 252 34.79 61.28 -21.41
N THR B 253 33.85 61.46 -20.49
CA THR B 253 34.04 62.39 -19.39
C THR B 253 34.95 61.75 -18.34
N VAL B 254 35.40 62.59 -17.40
CA VAL B 254 36.10 62.05 -16.23
C VAL B 254 35.19 61.10 -15.47
N ASN B 255 33.91 61.45 -15.38
CA ASN B 255 32.93 60.58 -14.75
C ASN B 255 32.82 59.25 -15.51
N ASP B 256 32.78 59.32 -16.84
CA ASP B 256 32.70 58.10 -17.63
C ASP B 256 33.89 57.18 -17.35
N ILE B 257 35.09 57.75 -17.34
CA ILE B 257 36.29 56.95 -17.09
C ILE B 257 36.30 56.42 -15.66
N GLN B 258 35.88 57.25 -14.71
CA GLN B 258 35.80 56.80 -13.31
C GLN B 258 34.86 55.61 -13.19
N LYS B 259 33.68 55.70 -13.80
CA LYS B 259 32.74 54.59 -13.76
C LYS B 259 33.29 53.37 -14.48
N LEU B 260 33.98 53.59 -15.60
CA LEU B 260 34.61 52.48 -16.31
C LEU B 260 35.68 51.81 -15.44
N VAL B 261 36.48 52.61 -14.73
CA VAL B 261 37.47 52.03 -13.82
C VAL B 261 36.78 51.23 -12.72
N GLY B 262 35.70 51.78 -12.16
CA GLY B 262 34.99 51.06 -11.11
C GLY B 262 34.38 49.76 -11.60
N LYS B 263 33.77 49.77 -12.79
CA LYS B 263 33.20 48.54 -13.34
C LYS B 263 34.28 47.53 -13.69
N LEU B 264 35.36 47.98 -14.32
CA LEU B 264 36.48 47.09 -14.62
C LEU B 264 37.12 46.57 -13.33
N ASN B 265 37.27 47.44 -12.33
CA ASN B 265 37.81 47.00 -11.06
C ASN B 265 36.96 45.90 -10.45
N TRP B 266 35.64 46.05 -10.55
CA TRP B 266 34.73 45.04 -10.03
C TRP B 266 34.90 43.71 -10.75
N ALA B 267 34.98 43.75 -12.09
CA ALA B 267 35.04 42.52 -12.88
C ALA B 267 36.34 41.76 -12.65
N SER B 268 37.36 42.40 -12.05
CA SER B 268 38.61 41.71 -11.76
C SER B 268 38.39 40.50 -10.86
N GLN B 269 37.36 40.53 -10.03
CA GLN B 269 37.08 39.41 -9.14
C GLN B 269 36.52 38.22 -9.92
N ILE B 270 35.76 38.46 -10.97
CA ILE B 270 35.20 37.36 -11.76
C ILE B 270 36.14 36.95 -12.89
N TYR B 271 36.71 37.92 -13.59
CA TYR B 271 37.56 37.64 -14.74
C TYR B 271 39.02 37.98 -14.42
N PRO B 272 39.90 36.99 -14.29
CA PRO B 272 41.33 37.29 -14.28
C PRO B 272 41.77 37.89 -15.60
N GLY B 273 42.74 38.81 -15.53
CA GLY B 273 43.31 39.43 -16.69
C GLY B 273 42.90 40.86 -16.94
N ILE B 274 41.92 41.38 -16.20
CA ILE B 274 41.46 42.75 -16.40
C ILE B 274 42.54 43.74 -15.97
N LYS B 275 42.76 44.76 -16.79
CA LYS B 275 43.77 45.79 -16.51
C LYS B 275 43.10 47.16 -16.45
N VAL B 276 43.48 47.95 -15.45
CA VAL B 276 42.97 49.32 -15.32
C VAL B 276 44.13 50.30 -15.21
N ARG B 277 45.32 49.87 -15.61
CA ARG B 277 46.50 50.73 -15.46
C ARG B 277 46.44 51.91 -16.40
N GLN B 278 46.44 51.64 -17.71
CA GLN B 278 46.44 52.72 -18.69
C GLN B 278 45.20 53.60 -18.55
N LEU B 279 44.04 52.99 -18.32
CA LEU B 279 42.81 53.76 -18.17
C LEU B 279 42.86 54.65 -16.94
N SER B 280 43.43 54.16 -15.84
CA SER B 280 43.59 55.00 -14.65
C SER B 280 44.54 56.16 -14.91
N LYS B 281 45.57 55.94 -15.72
CA LYS B 281 46.51 57.00 -16.05
C LYS B 281 45.81 58.18 -16.70
N LEU B 282 44.72 57.92 -17.43
CA LEU B 282 43.89 59.01 -17.94
C LEU B 282 43.39 59.90 -16.82
N LEU B 283 43.11 59.30 -15.66
CA LEU B 283 42.50 60.00 -14.54
C LEU B 283 43.51 60.65 -13.62
N ARG B 284 44.79 60.71 -14.00
CA ARG B 284 45.78 61.39 -13.18
C ARG B 284 45.44 62.87 -13.05
N GLY B 285 45.53 63.39 -11.84
CA GLY B 285 45.23 64.78 -11.57
C GLY B 285 43.83 64.97 -11.02
N THR B 286 43.59 66.19 -10.53
CA THR B 286 42.34 66.54 -9.86
C THR B 286 41.42 67.29 -10.82
N LYS B 287 40.89 66.55 -11.79
CA LYS B 287 40.07 67.16 -12.84
C LYS B 287 38.60 67.17 -12.46
N ALA B 288 37.85 68.02 -13.16
CA ALA B 288 36.40 68.12 -12.97
C ALA B 288 35.70 66.96 -13.64
N LEU B 289 34.54 66.58 -13.09
CA LEU B 289 33.84 65.40 -13.57
C LEU B 289 33.36 65.56 -15.02
N THR B 290 32.84 66.73 -15.36
CA THR B 290 32.27 66.94 -16.69
C THR B 290 33.31 67.12 -17.78
N GLU B 291 34.60 67.17 -17.44
CA GLU B 291 35.63 67.41 -18.43
C GLU B 291 35.81 66.20 -19.34
N VAL B 292 35.80 66.44 -20.65
CA VAL B 292 36.05 65.40 -21.63
C VAL B 292 37.55 65.11 -21.67
N ILE B 293 37.89 63.83 -21.78
CA ILE B 293 39.29 63.39 -21.81
C ILE B 293 39.54 62.60 -23.09
N PRO B 294 40.56 62.95 -23.88
CA PRO B 294 40.98 62.06 -24.96
C PRO B 294 41.61 60.81 -24.38
N LEU B 295 41.43 59.69 -25.07
CA LEU B 295 41.93 58.40 -24.60
C LEU B 295 43.29 58.11 -25.22
N THR B 296 44.29 57.90 -24.37
CA THR B 296 45.60 57.50 -24.85
C THR B 296 45.49 56.17 -25.57
N GLU B 297 46.29 56.01 -26.63
CA GLU B 297 46.24 54.77 -27.41
C GLU B 297 46.49 53.55 -26.55
N GLU B 298 47.36 53.69 -25.53
CA GLU B 298 47.60 52.59 -24.61
C GLU B 298 46.33 52.23 -23.85
N ALA B 299 45.59 53.23 -23.37
CA ALA B 299 44.33 52.96 -22.70
C ALA B 299 43.28 52.40 -23.67
N GLU B 300 43.24 52.95 -24.88
CA GLU B 300 42.35 52.41 -25.89
C GLU B 300 42.63 50.92 -26.12
N LEU B 301 43.90 50.54 -26.15
CA LEU B 301 44.25 49.13 -26.19
C LEU B 301 43.81 48.41 -24.92
N GLU B 302 44.00 49.06 -23.76
CA GLU B 302 43.62 48.43 -22.50
C GLU B 302 42.11 48.20 -22.43
N LEU B 303 41.33 49.19 -22.86
CA LEU B 303 39.88 49.01 -22.88
C LEU B 303 39.46 47.92 -23.85
N ALA B 304 40.07 47.90 -25.04
CA ALA B 304 39.71 46.89 -26.04
C ALA B 304 40.06 45.48 -25.57
N GLU B 305 41.23 45.33 -24.91
CA GLU B 305 41.63 44.03 -24.41
C GLU B 305 40.64 43.51 -23.37
N ASN B 306 40.21 44.38 -22.45
CA ASN B 306 39.28 43.96 -21.42
C ASN B 306 37.94 43.55 -22.00
N ARG B 307 37.49 44.25 -23.06
CA ARG B 307 36.24 43.87 -23.72
C ARG B 307 36.31 42.45 -24.27
N GLU B 308 37.43 42.09 -24.89
CA GLU B 308 37.60 40.73 -25.38
C GLU B 308 37.57 39.73 -24.24
N ILE B 309 38.25 40.05 -23.14
CA ILE B 309 38.22 39.17 -21.97
C ILE B 309 36.79 39.01 -21.46
N LEU B 310 36.04 40.11 -21.40
CA LEU B 310 34.65 40.04 -20.96
C LEU B 310 33.76 39.38 -22.01
N LYS B 311 34.13 39.50 -23.30
CA LYS B 311 33.34 38.87 -24.36
C LYS B 311 33.38 37.35 -24.23
N GLU B 312 34.53 36.80 -23.86
CA GLU B 312 34.66 35.35 -23.73
C GLU B 312 33.78 34.84 -22.60
N PRO B 313 33.09 33.71 -22.80
CA PRO B 313 32.32 33.13 -21.69
C PRO B 313 33.22 32.80 -20.52
N VAL B 314 32.70 32.96 -19.31
CA VAL B 314 33.46 32.60 -18.12
C VAL B 314 33.71 31.09 -18.15
N HIS B 315 34.90 30.70 -17.70
CA HIS B 315 35.31 29.30 -17.73
C HIS B 315 35.85 28.88 -16.36
N GLY B 316 35.61 27.62 -16.02
CA GLY B 316 36.22 27.02 -14.84
C GLY B 316 35.34 26.89 -13.63
N VAL B 317 34.03 27.15 -13.74
CA VAL B 317 33.11 27.01 -12.62
C VAL B 317 32.30 25.74 -12.84
N TYR B 318 32.33 24.83 -11.87
CA TYR B 318 31.62 23.57 -11.95
C TYR B 318 30.60 23.49 -10.84
N TYR B 319 29.46 22.86 -11.12
CA TYR B 319 28.41 22.68 -10.13
C TYR B 319 28.81 21.59 -9.15
N ASP B 320 28.77 21.92 -7.86
CA ASP B 320 29.09 20.98 -6.81
C ASP B 320 27.80 20.50 -6.17
N PRO B 321 27.35 19.26 -6.42
CA PRO B 321 26.06 18.83 -5.87
C PRO B 321 25.99 18.84 -4.36
N SER B 322 27.12 18.78 -3.67
CA SER B 322 27.13 18.76 -2.21
C SER B 322 26.90 20.14 -1.60
N LYS B 323 26.85 21.20 -2.41
CA LYS B 323 26.71 22.56 -1.93
C LYS B 323 25.36 23.15 -2.33
N ASP B 324 24.93 24.15 -1.58
CA ASP B 324 23.73 24.89 -1.91
C ASP B 324 23.97 25.84 -3.09
N LEU B 325 22.91 26.09 -3.85
CA LEU B 325 22.90 27.15 -4.84
C LEU B 325 22.34 28.43 -4.23
N ILE B 326 22.87 29.57 -4.65
CA ILE B 326 22.45 30.87 -4.13
C ILE B 326 22.03 31.75 -5.29
N ALA B 327 20.86 32.35 -5.18
CA ALA B 327 20.34 33.27 -6.19
C ALA B 327 20.23 34.67 -5.58
N GLU B 328 20.85 35.64 -6.25
CA GLU B 328 20.72 37.04 -5.89
C GLU B 328 19.97 37.77 -6.98
N ILE B 329 19.06 38.67 -6.58
CA ILE B 329 18.23 39.42 -7.50
C ILE B 329 18.42 40.90 -7.22
N GLN B 330 18.55 41.69 -8.29
CA GLN B 330 18.66 43.14 -8.19
C GLN B 330 17.56 43.79 -9.00
N LYS B 331 16.96 44.84 -8.42
CA LYS B 331 15.88 45.59 -9.07
C LYS B 331 16.49 46.67 -9.93
N GLN B 332 16.61 46.39 -11.23
CA GLN B 332 16.84 47.43 -12.21
C GLN B 332 15.52 48.15 -12.51
N GLY B 333 15.63 49.31 -13.14
CA GLY B 333 14.44 50.10 -13.40
C GLY B 333 13.60 49.54 -14.54
N GLN B 334 12.43 50.17 -14.72
CA GLN B 334 11.55 49.91 -15.87
C GLN B 334 11.14 48.45 -15.98
N GLY B 335 10.89 47.80 -14.85
CA GLY B 335 10.43 46.44 -14.85
C GLY B 335 11.48 45.38 -15.11
N GLN B 336 12.75 45.75 -15.12
CA GLN B 336 13.84 44.81 -15.37
C GLN B 336 14.44 44.34 -14.05
N TRP B 337 14.83 43.07 -14.02
CA TRP B 337 15.52 42.49 -12.87
C TRP B 337 16.71 41.68 -13.37
N THR B 338 17.81 41.76 -12.65
CA THR B 338 19.01 40.97 -12.93
C THR B 338 19.22 39.96 -11.81
N TYR B 339 19.79 38.81 -12.15
CA TYR B 339 19.98 37.76 -11.17
C TYR B 339 21.24 36.97 -11.47
N GLN B 340 21.86 36.45 -10.42
CA GLN B 340 23.02 35.58 -10.51
C GLN B 340 22.83 34.38 -9.59
N ILE B 341 23.17 33.20 -10.10
CA ILE B 341 23.12 31.95 -9.35
C ILE B 341 24.54 31.48 -9.14
N TYR B 342 24.92 31.24 -7.88
CA TYR B 342 26.29 30.86 -7.58
C TYR B 342 26.31 29.94 -6.36
N GLN B 343 27.39 29.17 -6.26
CA GLN B 343 27.71 28.45 -5.05
C GLN B 343 28.89 29.06 -4.29
N GLU B 344 29.76 29.80 -4.98
CA GLU B 344 30.89 30.52 -4.43
C GLU B 344 30.75 32.01 -4.76
N PRO B 345 31.34 32.89 -3.94
CA PRO B 345 30.96 34.32 -4.01
C PRO B 345 31.10 34.95 -5.39
N PHE B 346 32.13 34.58 -6.15
CA PHE B 346 32.34 35.16 -7.47
C PHE B 346 32.38 34.12 -8.59
N LYS B 347 32.03 32.87 -8.29
CA LYS B 347 31.98 31.80 -9.29
C LYS B 347 30.51 31.57 -9.64
N ASN B 348 30.03 32.25 -10.67
CA ASN B 348 28.62 32.27 -11.02
C ASN B 348 28.33 31.14 -12.01
N LEU B 349 27.41 30.25 -11.63
CA LEU B 349 26.99 29.19 -12.54
C LEU B 349 26.11 29.73 -13.66
N LYS B 350 25.39 30.83 -13.40
CA LYS B 350 24.50 31.44 -14.39
C LYS B 350 24.20 32.86 -13.96
N THR B 351 24.02 33.74 -14.95
CA THR B 351 23.49 35.07 -14.74
C THR B 351 22.49 35.40 -15.83
N GLY B 352 21.47 36.17 -15.49
CA GLY B 352 20.45 36.50 -16.47
C GLY B 352 19.74 37.80 -16.11
N LYS B 353 18.81 38.17 -16.97
CA LYS B 353 18.01 39.37 -16.79
C LYS B 353 16.61 39.13 -17.30
N TYR B 354 15.60 39.44 -16.48
CA TYR B 354 14.21 39.35 -16.86
C TYR B 354 13.65 40.75 -17.09
N ALA B 355 12.84 40.90 -18.12
CA ALA B 355 12.10 42.11 -18.38
C ALA B 355 10.61 41.82 -18.23
N ARG B 356 9.90 42.68 -17.52
CA ARG B 356 8.46 42.50 -17.37
C ARG B 356 7.74 42.90 -18.66
N MET B 357 6.51 42.40 -18.80
CA MET B 357 5.69 42.77 -19.94
C MET B 357 5.45 44.28 -20.00
N ARG B 358 5.43 44.93 -18.84
CA ARG B 358 5.34 46.38 -18.78
C ARG B 358 6.50 46.95 -17.96
N THR B 362 2.31 46.48 -13.24
CA THR B 362 2.56 45.32 -12.39
C THR B 362 3.27 45.73 -11.10
N ASN B 363 2.82 45.16 -9.99
CA ASN B 363 3.45 45.40 -8.70
C ASN B 363 4.89 44.90 -8.68
N ASP B 364 5.75 45.63 -7.96
CA ASP B 364 7.12 45.17 -7.74
C ASP B 364 7.13 43.78 -7.11
N VAL B 365 6.27 43.56 -6.12
CA VAL B 365 6.21 42.26 -5.46
C VAL B 365 5.79 41.18 -6.45
N LYS B 366 4.81 41.48 -7.30
CA LYS B 366 4.39 40.53 -8.33
C LYS B 366 5.53 40.25 -9.30
N GLN B 367 6.29 41.28 -9.68
CA GLN B 367 7.46 41.07 -10.52
C GLN B 367 8.50 40.20 -9.81
N LEU B 368 8.77 40.51 -8.54
CA LEU B 368 9.76 39.74 -7.79
C LEU B 368 9.32 38.29 -7.63
N THR B 369 8.03 38.08 -7.33
CA THR B 369 7.51 36.73 -7.21
C THR B 369 7.65 35.96 -8.52
N GLU B 370 7.34 36.62 -9.64
CA GLU B 370 7.50 35.98 -10.95
C GLU B 370 8.96 35.66 -11.23
N ALA B 371 9.87 36.59 -10.89
CA ALA B 371 11.30 36.34 -11.06
C ALA B 371 11.74 35.11 -10.28
N VAL B 372 11.30 34.99 -9.02
CA VAL B 372 11.74 33.89 -8.18
C VAL B 372 11.30 32.55 -8.77
N GLN B 373 10.08 32.48 -9.30
CA GLN B 373 9.61 31.23 -9.87
C GLN B 373 10.31 30.90 -11.18
N LYS B 374 10.62 31.92 -11.99
CA LYS B 374 11.35 31.68 -13.23
C LYS B 374 12.74 31.13 -12.96
N ILE B 375 13.44 31.72 -11.98
CA ILE B 375 14.80 31.28 -11.66
C ILE B 375 14.78 29.86 -11.11
N THR B 376 13.84 29.56 -10.20
CA THR B 376 13.75 28.22 -9.64
C THR B 376 13.50 27.20 -10.73
N THR B 377 12.57 27.49 -11.64
CA THR B 377 12.30 26.61 -12.77
C THR B 377 13.56 26.31 -13.56
N GLU B 378 14.33 27.36 -13.88
CA GLU B 378 15.58 27.17 -14.61
C GLU B 378 16.57 26.38 -13.78
N SER B 379 16.64 26.66 -12.48
CA SER B 379 17.56 25.93 -11.61
C SER B 379 17.16 24.46 -11.49
N ILE B 380 15.85 24.17 -11.50
CA ILE B 380 15.40 22.78 -11.50
C ILE B 380 15.80 22.10 -12.80
N VAL B 381 15.50 22.75 -13.94
CA VAL B 381 15.81 22.15 -15.24
C VAL B 381 17.31 21.91 -15.38
N ILE B 382 18.12 22.90 -14.99
CA ILE B 382 19.56 22.81 -15.25
C ILE B 382 20.23 21.85 -14.27
N TRP B 383 19.91 21.92 -12.98
CA TRP B 383 20.65 21.20 -11.96
C TRP B 383 19.82 20.24 -11.12
N GLY B 384 18.50 20.20 -11.29
CA GLY B 384 17.68 19.39 -10.41
C GLY B 384 17.76 19.82 -8.95
N LYS B 385 17.86 21.12 -8.71
CA LYS B 385 18.00 21.64 -7.35
C LYS B 385 17.46 23.07 -7.33
N THR B 386 16.95 23.47 -6.17
CA THR B 386 16.44 24.84 -6.08
C THR B 386 17.42 25.71 -5.29
N PRO B 387 17.64 26.94 -5.73
CA PRO B 387 18.55 27.82 -5.00
C PRO B 387 17.88 28.47 -3.81
N LYS B 388 18.71 28.99 -2.91
CA LYS B 388 18.23 29.79 -1.78
C LYS B 388 18.31 31.25 -2.20
N PHE B 389 17.16 31.90 -2.32
CA PHE B 389 17.13 33.26 -2.83
C PHE B 389 17.49 34.25 -1.73
N LYS B 390 18.13 35.35 -2.15
CA LYS B 390 18.36 36.51 -1.30
C LYS B 390 17.48 37.64 -1.85
N LEU B 391 16.31 37.81 -1.26
CA LEU B 391 15.27 38.66 -1.82
C LEU B 391 15.45 40.11 -1.38
N PRO B 392 15.51 41.06 -2.31
CA PRO B 392 15.60 42.49 -1.95
C PRO B 392 14.23 43.10 -1.66
N ILE B 393 13.71 42.76 -0.48
CA ILE B 393 12.39 43.18 -0.05
C ILE B 393 12.24 42.96 1.45
N GLN B 394 11.44 43.79 2.12
CA GLN B 394 11.20 43.63 3.54
C GLN B 394 10.45 42.32 3.80
N LYS B 395 10.83 41.64 4.89
CA LYS B 395 10.28 40.31 5.19
C LYS B 395 8.76 40.36 5.30
N GLU B 396 8.23 41.32 6.07
CA GLU B 396 6.79 41.38 6.30
C GLU B 396 6.04 41.64 4.99
N THR B 397 6.59 42.50 4.13
CA THR B 397 6.00 42.71 2.82
C THR B 397 5.91 41.40 2.04
N TRP B 398 7.03 40.67 1.96
CA TRP B 398 7.04 39.42 1.19
C TRP B 398 6.11 38.38 1.82
N GLU B 399 6.12 38.24 3.14
CA GLU B 399 5.28 37.26 3.80
C GLU B 399 3.80 37.54 3.59
N THR B 400 3.43 38.83 3.52
CA THR B 400 2.03 39.18 3.38
C THR B 400 1.51 38.88 1.98
N TRP B 401 2.31 39.10 0.94
CA TRP B 401 1.78 39.10 -0.42
C TRP B 401 2.41 38.10 -1.38
N TRP B 402 3.38 37.27 -0.96
CA TRP B 402 3.98 36.33 -1.89
C TRP B 402 2.96 35.31 -2.39
N THR B 403 2.05 34.87 -1.51
CA THR B 403 1.04 33.89 -1.92
C THR B 403 0.14 34.43 -3.03
N GLU B 404 -0.03 35.75 -3.10
CA GLU B 404 -0.99 36.32 -4.04
C GLU B 404 -0.65 35.97 -5.48
N TYR B 405 0.62 36.01 -5.83
CA TYR B 405 1.06 35.83 -7.21
C TYR B 405 1.72 34.49 -7.46
N TRP B 406 1.78 33.61 -6.45
CA TRP B 406 2.52 32.37 -6.55
C TRP B 406 1.71 31.31 -7.28
N GLN B 407 2.30 30.74 -8.32
CA GLN B 407 1.65 29.71 -9.12
C GLN B 407 2.34 28.35 -9.05
N ALA B 408 3.53 28.27 -8.48
CA ALA B 408 4.27 27.03 -8.42
C ALA B 408 3.75 26.13 -7.30
N THR B 409 3.93 24.82 -7.49
CA THR B 409 3.60 23.83 -6.47
C THR B 409 4.72 23.61 -5.47
N TRP B 410 5.89 24.19 -5.70
CA TRP B 410 7.00 24.16 -4.75
C TRP B 410 7.22 25.56 -4.18
N ILE B 411 8.02 25.60 -3.11
CA ILE B 411 8.40 26.85 -2.46
C ILE B 411 9.90 26.81 -2.22
N PRO B 412 10.67 27.73 -2.79
CA PRO B 412 12.11 27.75 -2.53
C PRO B 412 12.42 28.36 -1.17
N GLU B 413 13.63 28.10 -0.71
CA GLU B 413 14.15 28.76 0.49
C GLU B 413 14.54 30.20 0.14
N TRP B 414 14.31 31.11 1.08
CA TRP B 414 14.66 32.50 0.84
C TRP B 414 15.13 33.17 2.13
N GLU B 415 15.92 34.22 1.96
CA GLU B 415 16.32 35.13 3.02
C GLU B 415 16.19 36.55 2.48
N PHE B 416 16.35 37.54 3.35
CA PHE B 416 16.11 38.92 2.98
C PHE B 416 17.35 39.77 3.18
N VAL B 417 17.72 40.52 2.16
CA VAL B 417 18.82 41.48 2.22
C VAL B 417 18.22 42.87 2.30
N ASN B 418 18.34 43.50 3.47
CA ASN B 418 17.88 44.87 3.62
C ASN B 418 19.01 45.87 3.43
N THR B 419 20.22 45.40 3.14
CA THR B 419 21.33 46.30 2.82
C THR B 419 21.34 46.55 1.31
N PRO B 420 21.19 47.79 0.86
CA PRO B 420 21.15 48.06 -0.58
C PRO B 420 22.45 47.64 -1.23
N PRO B 421 22.39 47.06 -2.43
CA PRO B 421 23.62 46.87 -3.19
C PRO B 421 24.13 48.23 -3.64
N LEU B 422 24.67 48.99 -2.68
CA LEU B 422 25.18 50.32 -2.99
C LEU B 422 26.22 50.27 -4.09
N VAL B 423 27.00 49.18 -4.14
CA VAL B 423 27.85 48.91 -5.27
C VAL B 423 27.01 49.01 -6.54
N LYS B 424 27.51 49.77 -7.51
CA LYS B 424 26.77 49.96 -8.76
C LYS B 424 26.34 48.61 -9.30
N LEU B 425 25.15 48.59 -9.92
CA LEU B 425 24.59 47.33 -10.37
C LEU B 425 25.56 46.59 -11.28
N TRP B 426 26.09 47.28 -12.30
CA TRP B 426 26.94 46.71 -13.35
C TRP B 426 26.47 45.32 -13.76
N TYR B 427 25.15 45.11 -13.80
CA TYR B 427 24.56 43.92 -14.40
C TYR B 427 23.63 44.30 -15.55
N GLN B 428 23.66 45.56 -15.98
CA GLN B 428 22.73 46.14 -16.96
C GLN B 428 21.32 46.26 -16.38
N SER C 5 -7.35 0.30 -28.74
CA SER C 5 -6.28 0.94 -29.49
C SER C 5 -5.01 1.16 -28.65
N PRO C 6 -5.12 1.80 -27.48
CA PRO C 6 -3.92 1.95 -26.63
C PRO C 6 -3.52 0.66 -25.93
N ILE C 7 -4.37 -0.37 -25.97
CA ILE C 7 -4.07 -1.63 -25.32
C ILE C 7 -2.88 -2.29 -25.99
N GLU C 8 -1.94 -2.78 -25.19
CA GLU C 8 -0.84 -3.57 -25.71
C GLU C 8 -1.34 -4.92 -26.20
N THR C 9 -0.71 -5.43 -27.25
CA THR C 9 -1.14 -6.68 -27.85
C THR C 9 -0.43 -7.88 -27.22
N VAL C 10 -1.01 -9.04 -27.45
CA VAL C 10 -0.42 -10.32 -27.03
C VAL C 10 0.33 -10.90 -28.21
N PRO C 11 1.64 -11.16 -28.10
CA PRO C 11 2.37 -11.74 -29.23
C PRO C 11 1.91 -13.15 -29.56
N VAL C 12 1.33 -13.32 -30.73
CA VAL C 12 0.80 -14.60 -31.16
C VAL C 12 1.80 -15.25 -32.11
N LYS C 13 1.82 -16.58 -32.11
CA LYS C 13 2.60 -17.35 -33.07
C LYS C 13 1.73 -18.49 -33.58
N LEU C 14 2.06 -18.98 -34.77
CA LEU C 14 1.34 -20.11 -35.34
C LEU C 14 1.89 -21.43 -34.80
N LYS C 15 1.08 -22.48 -34.91
CA LYS C 15 1.54 -23.80 -34.52
C LYS C 15 2.74 -24.20 -35.36
N PRO C 16 3.74 -24.86 -34.76
CA PRO C 16 4.99 -25.12 -35.49
C PRO C 16 4.74 -25.94 -36.75
N GLY C 17 5.36 -25.50 -37.85
CA GLY C 17 5.20 -26.14 -39.13
C GLY C 17 3.92 -25.80 -39.87
N MET C 18 2.89 -25.33 -39.16
CA MET C 18 1.65 -24.93 -39.82
C MET C 18 1.88 -23.65 -40.62
N ASP C 19 0.97 -23.40 -41.55
CA ASP C 19 0.94 -22.16 -42.31
C ASP C 19 -0.46 -21.56 -42.23
N GLY C 20 -0.53 -20.25 -42.41
CA GLY C 20 -1.78 -19.54 -42.33
C GLY C 20 -2.81 -20.08 -43.31
N PRO C 21 -4.08 -20.02 -42.93
CA PRO C 21 -5.13 -20.62 -43.77
C PRO C 21 -5.15 -20.00 -45.15
N LYS C 22 -5.34 -20.84 -46.16
CA LYS C 22 -5.39 -20.41 -47.55
C LYS C 22 -6.56 -21.12 -48.22
N LYS C 24 -9.72 -20.08 -51.29
CA LYS C 24 -10.42 -19.12 -52.13
C LYS C 24 -11.90 -19.08 -51.74
N GLN C 25 -12.61 -18.10 -52.33
CA GLN C 25 -14.02 -17.84 -52.01
C GLN C 25 -14.88 -19.10 -52.04
N LEU C 28 -21.59 -14.20 -54.06
CA LEU C 28 -22.91 -14.83 -54.20
C LEU C 28 -23.96 -13.79 -54.58
N THR C 29 -25.05 -13.74 -53.80
CA THR C 29 -26.14 -12.81 -54.08
C THR C 29 -25.62 -11.38 -54.09
N GLU C 30 -26.01 -10.63 -55.12
CA GLU C 30 -25.46 -9.29 -55.31
C GLU C 30 -25.81 -8.36 -54.16
N GLU C 31 -27.01 -8.50 -53.61
CA GLU C 31 -27.39 -7.70 -52.45
C GLU C 31 -26.51 -8.03 -51.24
N LYS C 32 -26.26 -9.30 -50.98
CA LYS C 32 -25.39 -9.68 -49.87
C LYS C 32 -23.98 -9.18 -50.09
N ILE C 33 -23.47 -9.27 -51.31
CA ILE C 33 -22.17 -8.68 -51.63
C ILE C 33 -22.20 -7.18 -51.40
N LYS C 34 -23.33 -6.54 -51.70
CA LYS C 34 -23.45 -5.10 -51.50
C LYS C 34 -23.52 -4.75 -50.02
N ALA C 35 -24.39 -5.45 -49.27
CA ALA C 35 -24.52 -5.15 -47.84
C ALA C 35 -23.24 -5.48 -47.09
N LEU C 36 -22.60 -6.61 -47.42
CA LEU C 36 -21.35 -6.97 -46.77
C LEU C 36 -20.26 -5.94 -47.07
N VAL C 37 -20.27 -5.38 -48.29
CA VAL C 37 -19.30 -4.34 -48.62
C VAL C 37 -19.52 -3.11 -47.76
N GLU C 38 -20.79 -2.81 -47.44
CA GLU C 38 -21.08 -1.71 -46.52
C GLU C 38 -20.77 -2.11 -45.09
N ILE C 39 -21.02 -3.37 -44.74
CA ILE C 39 -20.64 -3.88 -43.42
C ILE C 39 -19.15 -3.70 -43.20
N CYS C 40 -18.35 -4.07 -44.20
CA CYS C 40 -16.91 -3.84 -44.13
C CYS C 40 -16.61 -2.35 -44.09
N THR C 41 -17.36 -1.55 -44.84
CA THR C 41 -17.15 -0.11 -44.85
C THR C 41 -17.31 0.47 -43.45
N GLU C 42 -18.38 0.08 -42.75
CA GLU C 42 -18.60 0.55 -41.39
C GLU C 42 -17.52 0.05 -40.45
N MET C 43 -17.14 -1.23 -40.58
CA MET C 43 -16.06 -1.75 -39.75
C MET C 43 -14.74 -1.07 -40.07
N GLU C 44 -14.47 -0.80 -41.35
CA GLU C 44 -13.22 -0.13 -41.72
C GLU C 44 -13.14 1.27 -41.14
N LYS C 45 -14.26 1.99 -41.12
CA LYS C 45 -14.27 3.33 -40.53
C LYS C 45 -13.97 3.27 -39.03
N GLU C 46 -14.53 2.28 -38.34
CA GLU C 46 -14.29 2.10 -36.91
C GLU C 46 -12.89 1.59 -36.59
N GLY C 47 -12.05 1.36 -37.60
CA GLY C 47 -10.71 0.86 -37.39
C GLY C 47 -10.62 -0.64 -37.16
N LYS C 48 -11.73 -1.36 -37.25
CA LYS C 48 -11.71 -2.79 -36.97
C LYS C 48 -11.12 -3.61 -38.09
N ILE C 49 -11.30 -3.20 -39.35
CA ILE C 49 -10.73 -3.90 -40.50
C ILE C 49 -10.13 -2.88 -41.46
N SER C 50 -9.18 -3.34 -42.27
CA SER C 50 -8.47 -2.48 -43.21
C SER C 50 -8.30 -3.22 -44.54
N LYS C 51 -8.48 -2.49 -45.64
CA LYS C 51 -8.32 -3.07 -46.96
C LYS C 51 -6.88 -3.56 -47.14
N ILE C 52 -6.74 -4.79 -47.62
CA ILE C 52 -5.45 -5.45 -47.75
C ILE C 52 -5.14 -5.67 -49.22
N GLY C 53 -3.90 -5.38 -49.60
CA GLY C 53 -3.45 -5.64 -50.95
C GLY C 53 -3.37 -7.13 -51.21
N PRO C 54 -3.38 -7.52 -52.48
CA PRO C 54 -3.34 -8.95 -52.84
C PRO C 54 -2.00 -9.63 -52.61
N GLU C 55 -1.02 -8.96 -51.99
CA GLU C 55 0.28 -9.58 -51.76
C GLU C 55 0.29 -10.57 -50.61
N ASN C 56 -0.75 -10.59 -49.78
CA ASN C 56 -0.85 -11.59 -48.72
C ASN C 56 -1.46 -12.87 -49.28
N PRO C 57 -0.75 -14.00 -49.24
CA PRO C 57 -1.30 -15.22 -49.86
C PRO C 57 -2.42 -15.86 -49.06
N TYR C 58 -2.40 -15.75 -47.73
CA TYR C 58 -3.36 -16.45 -46.90
C TYR C 58 -4.75 -15.83 -47.04
N ASN C 59 -5.77 -16.63 -46.77
CA ASN C 59 -7.15 -16.15 -46.87
C ASN C 59 -8.06 -17.05 -46.05
N THR C 60 -9.20 -16.48 -45.66
CA THR C 60 -10.24 -17.16 -44.91
C THR C 60 -11.58 -16.82 -45.52
N PRO C 61 -12.59 -17.70 -45.37
CA PRO C 61 -13.88 -17.45 -46.04
C PRO C 61 -14.68 -16.34 -45.41
N VAL C 62 -15.88 -16.09 -45.93
CA VAL C 62 -16.77 -15.06 -45.39
C VAL C 62 -18.18 -15.39 -45.88
N PHE C 63 -19.18 -15.09 -45.04
CA PHE C 63 -20.56 -15.39 -45.37
C PHE C 63 -21.53 -14.42 -44.72
N ILE C 65 -25.92 -14.02 -43.20
CA ILE C 65 -27.18 -14.59 -42.71
C ILE C 65 -27.94 -13.53 -41.92
N LYS C 66 -29.25 -13.73 -41.80
CA LYS C 66 -30.14 -12.82 -41.08
C LYS C 66 -30.86 -13.55 -39.95
N LYS C 67 -30.15 -14.48 -39.30
CA LYS C 67 -30.77 -15.26 -38.24
C LYS C 67 -30.89 -14.47 -36.93
N LYS C 68 -29.93 -13.60 -36.64
CA LYS C 68 -29.97 -12.84 -35.39
C LYS C 68 -31.21 -11.96 -35.30
N ASP C 69 -31.55 -11.29 -36.40
CA ASP C 69 -32.77 -10.51 -36.50
C ASP C 69 -33.32 -10.69 -37.91
N SER C 70 -34.64 -10.89 -38.02
CA SER C 70 -35.23 -11.05 -39.34
C SER C 70 -34.99 -9.82 -40.21
N THR C 71 -34.98 -8.63 -39.60
CA THR C 71 -34.77 -7.40 -40.34
C THR C 71 -33.31 -7.13 -40.69
N LYS C 72 -32.37 -7.72 -39.96
CA LYS C 72 -30.95 -7.41 -40.11
C LYS C 72 -30.15 -8.66 -40.43
N TRP C 73 -29.16 -8.52 -41.29
CA TRP C 73 -28.25 -9.61 -41.64
C TRP C 73 -26.85 -9.28 -41.15
N ARG C 74 -26.25 -10.22 -40.42
CA ARG C 74 -24.95 -10.02 -39.79
C ARG C 74 -23.90 -10.90 -40.47
N LYS C 75 -22.71 -10.33 -40.69
CA LYS C 75 -21.63 -11.06 -41.31
C LYS C 75 -21.03 -12.08 -40.34
N LEU C 76 -20.47 -13.15 -40.90
CA LEU C 76 -19.81 -14.18 -40.11
C LEU C 76 -18.64 -14.74 -40.92
N VAL C 77 -17.66 -15.29 -40.21
CA VAL C 77 -16.46 -15.87 -40.82
C VAL C 77 -16.13 -17.16 -40.09
N ASP C 78 -15.71 -18.18 -40.84
CA ASP C 78 -15.30 -19.46 -40.29
C ASP C 78 -13.78 -19.52 -40.28
N PHE C 79 -13.19 -19.34 -39.09
CA PHE C 79 -11.75 -19.41 -38.91
C PHE C 79 -11.28 -20.80 -38.49
N ARG C 80 -12.00 -21.85 -38.89
CA ARG C 80 -11.66 -23.20 -38.46
C ARG C 80 -10.21 -23.55 -38.82
N GLU C 81 -9.82 -23.31 -40.07
CA GLU C 81 -8.44 -23.56 -40.46
C GLU C 81 -7.48 -22.65 -39.70
N LEU C 82 -7.87 -21.39 -39.48
CA LEU C 82 -7.07 -20.51 -38.63
C LEU C 82 -7.01 -21.05 -37.22
N ASN C 83 -8.16 -21.46 -36.66
CA ASN C 83 -8.18 -22.00 -35.30
C ASN C 83 -7.35 -23.29 -35.21
N LYS C 84 -7.42 -24.14 -36.21
CA LYS C 84 -6.64 -25.37 -36.21
C LYS C 84 -5.14 -25.08 -36.22
N ARG C 85 -4.71 -24.12 -37.03
CA ARG C 85 -3.30 -23.82 -37.16
C ARG C 85 -2.79 -22.84 -36.10
N THR C 86 -3.69 -22.13 -35.42
CA THR C 86 -3.26 -21.15 -34.43
C THR C 86 -2.75 -21.83 -33.17
N GLN C 87 -1.76 -21.20 -32.52
CA GLN C 87 -1.19 -21.70 -31.27
C GLN C 87 -2.25 -21.95 -30.21
N ASP C 88 -1.94 -22.82 -29.26
CA ASP C 88 -2.78 -22.99 -28.09
C ASP C 88 -2.57 -21.83 -27.11
N PHE C 89 -3.59 -21.56 -26.32
CA PHE C 89 -3.57 -20.47 -25.36
C PHE C 89 -3.84 -21.01 -23.96
N TRP C 90 -3.97 -20.10 -23.01
CA TRP C 90 -4.30 -20.44 -21.63
C TRP C 90 -5.81 -20.46 -21.47
N GLU C 91 -6.31 -21.49 -20.77
CA GLU C 91 -7.74 -21.66 -20.58
C GLU C 91 -8.34 -20.42 -19.92
N VAL C 92 -9.42 -19.90 -20.53
CA VAL C 92 -10.03 -18.67 -20.04
C VAL C 92 -10.62 -18.89 -18.65
N GLN C 93 -11.44 -19.93 -18.51
CA GLN C 93 -12.06 -20.25 -17.23
C GLN C 93 -12.69 -21.63 -17.29
N LEU C 94 -12.49 -22.45 -16.25
CA LEU C 94 -13.02 -23.79 -16.19
C LEU C 94 -14.14 -23.93 -15.16
N GLY C 95 -14.71 -22.82 -14.72
CA GLY C 95 -15.77 -22.88 -13.73
C GLY C 95 -16.50 -21.56 -13.62
N ILE C 96 -17.60 -21.58 -12.88
CA ILE C 96 -18.45 -20.41 -12.69
C ILE C 96 -18.64 -20.19 -11.19
N PRO C 97 -18.64 -18.94 -10.72
CA PRO C 97 -18.88 -18.70 -9.30
C PRO C 97 -20.23 -19.23 -8.85
N HIS C 98 -20.26 -19.88 -7.71
CA HIS C 98 -21.53 -20.36 -7.21
C HIS C 98 -22.13 -19.32 -6.28
N PRO C 99 -23.41 -18.96 -6.46
CA PRO C 99 -24.03 -17.92 -5.63
C PRO C 99 -23.90 -18.14 -4.13
N ALA C 100 -23.63 -19.37 -3.70
CA ALA C 100 -23.45 -19.63 -2.28
C ALA C 100 -22.10 -19.18 -1.75
N GLY C 101 -21.10 -18.99 -2.62
CA GLY C 101 -19.81 -18.49 -2.21
C GLY C 101 -19.67 -16.99 -2.20
N LEU C 102 -20.66 -16.27 -2.74
CA LEU C 102 -20.60 -14.82 -2.76
C LEU C 102 -20.89 -14.26 -1.37
N LYS C 103 -20.18 -13.18 -1.02
CA LYS C 103 -20.46 -12.43 0.19
C LYS C 103 -21.34 -11.23 -0.17
N LYS C 104 -22.36 -10.99 0.65
CA LYS C 104 -23.33 -9.95 0.33
C LYS C 104 -22.71 -8.56 0.46
N LYS C 105 -23.04 -7.69 -0.48
CA LYS C 105 -22.65 -6.29 -0.47
C LYS C 105 -23.91 -5.43 -0.46
N LYS C 106 -23.74 -4.17 -0.05
CA LYS C 106 -24.89 -3.26 -0.02
C LYS C 106 -25.45 -2.99 -1.41
N SER C 107 -24.59 -3.03 -2.44
CA SER C 107 -25.04 -2.83 -3.81
C SER C 107 -24.21 -3.70 -4.74
N ALA C 108 -24.85 -4.15 -5.82
CA ALA C 108 -24.19 -4.99 -6.82
C ALA C 108 -24.61 -4.52 -8.19
N THR C 109 -23.64 -4.16 -9.03
CA THR C 109 -23.89 -3.66 -10.37
C THR C 109 -23.27 -4.60 -11.38
N VAL C 110 -23.94 -4.74 -12.53
CA VAL C 110 -23.44 -5.55 -13.63
C VAL C 110 -23.21 -4.63 -14.82
N LEU C 111 -21.98 -4.67 -15.35
CA LEU C 111 -21.60 -3.87 -16.51
C LEU C 111 -21.15 -4.82 -17.62
N ASP C 112 -21.82 -4.73 -18.77
CA ASP C 112 -21.53 -5.57 -19.91
CA ASP C 112 -21.52 -5.58 -19.91
C ASP C 112 -20.77 -4.78 -20.97
N VAL C 113 -19.62 -5.30 -21.38
CA VAL C 113 -18.85 -4.65 -22.44
C VAL C 113 -19.56 -4.89 -23.78
N GLY C 114 -19.50 -3.88 -24.65
CA GLY C 114 -20.12 -3.95 -25.96
C GLY C 114 -19.06 -4.08 -27.04
N ASP C 115 -19.27 -5.02 -27.95
CA ASP C 115 -18.33 -5.29 -29.03
C ASP C 115 -16.93 -5.50 -28.48
N ALA C 116 -16.85 -6.22 -27.35
CA ALA C 116 -15.65 -6.27 -26.55
C ALA C 116 -14.46 -6.81 -27.34
N TYR C 117 -14.68 -7.89 -28.08
CA TYR C 117 -13.58 -8.47 -28.85
C TYR C 117 -13.07 -7.48 -29.89
N PHE C 118 -13.98 -6.77 -30.57
CA PHE C 118 -13.57 -5.77 -31.53
C PHE C 118 -12.98 -4.54 -30.87
N SER C 119 -13.19 -4.36 -29.56
CA SER C 119 -12.59 -3.26 -28.83
C SER C 119 -11.12 -3.52 -28.48
N VAL C 120 -10.67 -4.76 -28.57
CA VAL C 120 -9.29 -5.12 -28.21
C VAL C 120 -8.45 -5.26 -29.48
N PRO C 121 -7.25 -4.72 -29.51
CA PRO C 121 -6.40 -4.85 -30.69
C PRO C 121 -5.81 -6.25 -30.82
N LEU C 122 -5.36 -6.55 -32.04
CA LEU C 122 -4.76 -7.82 -32.39
C LEU C 122 -3.33 -7.60 -32.86
N ASP C 123 -2.44 -8.52 -32.50
CA ASP C 123 -1.04 -8.41 -32.90
C ASP C 123 -0.93 -8.32 -34.42
N GLU C 124 -0.15 -7.35 -34.89
CA GLU C 124 -0.14 -7.03 -36.32
C GLU C 124 0.48 -8.14 -37.15
N ASP C 125 1.53 -8.79 -36.64
CA ASP C 125 2.20 -9.83 -37.42
C ASP C 125 1.25 -10.99 -37.72
N PHE C 126 0.39 -11.34 -36.76
CA PHE C 126 -0.56 -12.42 -36.96
C PHE C 126 -1.79 -11.98 -37.77
N ARG C 127 -1.93 -10.68 -38.04
CA ARG C 127 -3.12 -10.20 -38.75
C ARG C 127 -3.17 -10.72 -40.18
N LYS C 128 -2.02 -11.02 -40.78
CA LYS C 128 -2.01 -11.50 -42.16
C LYS C 128 -2.79 -12.81 -42.30
N TYR C 129 -2.67 -13.69 -41.31
CA TYR C 129 -3.34 -14.98 -41.35
C TYR C 129 -4.87 -14.85 -41.25
N THR C 130 -5.35 -13.70 -40.79
CA THR C 130 -6.78 -13.45 -40.66
C THR C 130 -7.39 -12.84 -41.92
N ALA C 131 -6.64 -12.79 -43.02
CA ALA C 131 -7.10 -12.13 -44.23
C ALA C 131 -8.39 -12.76 -44.75
N PHE C 132 -9.35 -11.91 -45.09
CA PHE C 132 -10.62 -12.33 -45.66
C PHE C 132 -10.84 -11.63 -46.99
N THR C 133 -11.54 -12.30 -47.90
CA THR C 133 -11.76 -11.81 -49.25
C THR C 133 -13.22 -11.94 -49.63
N ILE C 134 -13.73 -10.96 -50.37
CA ILE C 134 -15.09 -10.99 -50.87
C ILE C 134 -15.14 -10.49 -52.31
N ILE C 137 -14.11 -8.62 -58.44
CA ILE C 137 -13.72 -7.86 -59.62
C ILE C 137 -12.43 -8.42 -60.22
N ASN C 138 -12.56 -9.07 -61.36
CA ASN C 138 -11.42 -9.70 -62.03
C ASN C 138 -10.86 -8.79 -63.12
N ILE C 144 -12.12 -7.84 -53.48
CA ILE C 144 -12.41 -7.19 -52.22
C ILE C 144 -11.67 -7.90 -51.09
N ARG C 145 -10.52 -7.35 -50.70
CA ARG C 145 -9.66 -7.97 -49.71
C ARG C 145 -9.59 -7.08 -48.46
N TYR C 146 -9.75 -7.70 -47.30
CA TYR C 146 -9.71 -6.99 -46.02
C TYR C 146 -8.88 -7.79 -45.02
N GLN C 147 -8.38 -7.08 -44.01
CA GLN C 147 -7.58 -7.67 -42.95
C GLN C 147 -8.18 -7.28 -41.60
N TYR C 148 -8.19 -8.22 -40.66
CA TYR C 148 -8.71 -7.95 -39.32
C TYR C 148 -7.61 -7.32 -38.47
N ASN C 149 -7.89 -6.15 -37.90
CA ASN C 149 -6.96 -5.50 -36.98
C ASN C 149 -7.35 -5.65 -35.52
N VAL C 150 -8.53 -6.22 -35.24
CA VAL C 150 -8.98 -6.44 -33.88
C VAL C 150 -9.21 -7.93 -33.69
N LEU C 151 -9.60 -8.32 -32.47
CA LEU C 151 -9.81 -9.74 -32.19
C LEU C 151 -10.94 -10.28 -33.06
N PRO C 152 -10.72 -11.35 -33.81
CA PRO C 152 -11.80 -11.93 -34.61
C PRO C 152 -12.90 -12.50 -33.74
N GLN C 153 -14.12 -12.49 -34.28
CA GLN C 153 -15.29 -12.90 -33.51
C GLN C 153 -15.23 -14.37 -33.14
N GLY C 154 -14.60 -15.21 -33.97
CA GLY C 154 -14.58 -16.63 -33.73
C GLY C 154 -13.20 -17.20 -33.47
N TRP C 155 -12.18 -16.35 -33.44
CA TRP C 155 -10.82 -16.82 -33.24
C TRP C 155 -10.68 -17.50 -31.88
N LYS C 156 -9.75 -18.46 -31.81
CA LYS C 156 -9.56 -19.21 -30.57
C LYS C 156 -8.96 -18.34 -29.46
N GLY C 157 -8.05 -17.43 -29.83
CA GLY C 157 -7.38 -16.62 -28.83
C GLY C 157 -8.15 -15.42 -28.35
N SER C 158 -9.20 -15.03 -29.08
CA SER C 158 -9.97 -13.84 -28.71
C SER C 158 -10.49 -13.85 -27.28
N PRO C 159 -11.11 -14.93 -26.78
CA PRO C 159 -11.62 -14.87 -25.39
C PRO C 159 -10.53 -14.68 -24.35
N ALA C 160 -9.45 -15.45 -24.44
CA ALA C 160 -8.38 -15.34 -23.45
C ALA C 160 -7.71 -13.98 -23.50
N ILE C 161 -7.46 -13.47 -24.71
CA ILE C 161 -6.78 -12.18 -24.86
C ILE C 161 -7.62 -11.06 -24.27
N PHE C 162 -8.93 -11.05 -24.56
CA PHE C 162 -9.80 -10.01 -23.98
C PHE C 162 -9.81 -10.09 -22.46
N GLN C 163 -9.88 -11.31 -21.92
CA GLN C 163 -9.87 -11.46 -20.47
C GLN C 163 -8.58 -10.92 -19.86
N SER C 164 -7.45 -11.23 -20.47
CA SER C 164 -6.17 -10.70 -20.02
C SER C 164 -6.14 -9.18 -20.15
N SER C 165 -6.65 -8.66 -21.26
CA SER C 165 -6.68 -7.21 -21.46
C SER C 165 -7.53 -6.52 -20.40
N MET C 166 -8.73 -7.04 -20.15
CA MET C 166 -9.59 -6.46 -19.12
C MET C 166 -8.95 -6.56 -17.74
N THR C 167 -8.27 -7.68 -17.47
CA THR C 167 -7.63 -7.85 -16.17
C THR C 167 -6.61 -6.74 -15.93
N LYS C 168 -5.72 -6.51 -16.90
CA LYS C 168 -4.74 -5.43 -16.76
C LYS C 168 -5.41 -4.06 -16.68
N ILE C 169 -6.43 -3.84 -17.51
CA ILE C 169 -7.08 -2.53 -17.55
C ILE C 169 -7.73 -2.21 -16.22
N LEU C 170 -8.33 -3.20 -15.57
CA LEU C 170 -8.97 -2.97 -14.28
C LEU C 170 -7.98 -2.67 -13.17
N GLU C 171 -6.71 -3.07 -13.32
CA GLU C 171 -5.75 -2.98 -12.22
C GLU C 171 -5.61 -1.57 -11.66
N PRO C 172 -5.42 -0.52 -12.45
CA PRO C 172 -5.37 0.84 -11.86
C PRO C 172 -6.57 1.16 -10.97
N PHE C 173 -7.79 1.01 -11.50
CA PHE C 173 -8.98 1.38 -10.76
C PHE C 173 -9.11 0.56 -9.48
N ALA C 174 -8.84 -0.74 -9.55
CA ALA C 174 -9.03 -1.61 -8.39
C ALA C 174 -8.12 -1.20 -7.24
N ALA C 175 -6.87 -0.85 -7.54
CA ALA C 175 -5.96 -0.40 -6.50
C ALA C 175 -6.43 0.91 -5.88
N GLN C 176 -6.92 1.84 -6.70
CA GLN C 176 -7.35 3.13 -6.19
C GLN C 176 -8.61 3.03 -5.35
N ASN C 177 -9.42 1.99 -5.57
CA ASN C 177 -10.70 1.82 -4.87
C ASN C 177 -10.73 0.43 -4.27
N PRO C 178 -10.06 0.24 -3.12
CA PRO C 178 -9.95 -1.11 -2.55
C PRO C 178 -11.26 -1.70 -2.05
N ASP C 179 -12.16 -0.88 -1.50
CA ASP C 179 -13.43 -1.40 -1.02
C ASP C 179 -14.23 -2.05 -2.15
N ILE C 180 -14.16 -1.46 -3.34
CA ILE C 180 -14.88 -2.00 -4.49
C ILE C 180 -14.41 -3.41 -4.80
N VAL C 181 -15.36 -4.29 -5.15
CA VAL C 181 -15.07 -5.67 -5.54
C VAL C 181 -15.55 -5.85 -6.97
N ILE C 182 -14.65 -6.28 -7.85
CA ILE C 182 -14.96 -6.51 -9.26
C ILE C 182 -14.66 -7.97 -9.59
N CYS C 183 -15.64 -8.65 -10.16
CA CYS C 183 -15.52 -10.03 -10.60
C CYS C 183 -15.63 -10.08 -12.12
N GLN C 184 -14.70 -10.77 -12.77
CA GLN C 184 -14.59 -10.77 -14.22
C GLN C 184 -15.23 -12.05 -14.77
N TYR C 185 -16.21 -11.85 -15.65
CA TYR C 185 -16.82 -12.93 -16.41
C TYR C 185 -16.84 -12.50 -17.87
N MET C 186 -16.90 -13.48 -18.77
CA MET C 186 -16.81 -13.22 -20.20
C MET C 186 -17.74 -12.09 -20.63
N ASP C 187 -17.15 -11.00 -21.12
CA ASP C 187 -17.89 -9.81 -21.54
C ASP C 187 -18.79 -9.26 -20.43
N ASP C 188 -18.35 -9.39 -19.18
CA ASP C 188 -19.16 -9.02 -18.03
C ASP C 188 -18.25 -8.56 -16.89
N LEU C 189 -18.74 -7.61 -16.10
CA LEU C 189 -18.05 -7.15 -14.91
C LEU C 189 -19.09 -6.92 -13.82
N TYR C 190 -19.07 -7.75 -12.78
CA TYR C 190 -19.97 -7.62 -11.65
C TYR C 190 -19.23 -6.89 -10.54
N VAL C 191 -19.66 -5.67 -10.24
CA VAL C 191 -18.96 -4.78 -9.33
C VAL C 191 -19.87 -4.52 -8.14
N GLY C 192 -19.43 -4.93 -6.96
CA GLY C 192 -20.24 -4.82 -5.76
C GLY C 192 -19.47 -4.18 -4.62
N SER C 193 -20.17 -3.31 -3.87
CA SER C 193 -19.53 -2.52 -2.84
C SER C 193 -20.43 -2.44 -1.61
N ASP C 194 -19.79 -2.17 -0.47
CA ASP C 194 -20.47 -1.87 0.78
C ASP C 194 -20.62 -0.37 1.02
N LEU C 195 -20.42 0.44 -0.02
CA LEU C 195 -20.59 1.88 0.12
C LEU C 195 -22.08 2.22 0.15
N GLU C 196 -22.37 3.45 0.57
CA GLU C 196 -23.74 3.95 0.50
C GLU C 196 -24.15 4.11 -0.95
N ILE C 197 -25.47 4.13 -1.18
CA ILE C 197 -25.98 4.06 -2.55
C ILE C 197 -25.49 5.24 -3.37
N GLY C 198 -25.41 6.43 -2.77
CA GLY C 198 -24.88 7.58 -3.50
C GLY C 198 -23.43 7.40 -3.89
N GLN C 199 -22.61 6.95 -2.93
CA GLN C 199 -21.18 6.76 -3.20
C GLN C 199 -20.95 5.61 -4.17
N HIS C 200 -21.72 4.53 -4.04
CA HIS C 200 -21.58 3.37 -4.93
C HIS C 200 -21.85 3.77 -6.38
N ARG C 201 -22.96 4.45 -6.62
CA ARG C 201 -23.31 4.84 -7.99
C ARG C 201 -22.27 5.79 -8.57
N THR C 202 -21.70 6.67 -7.74
CA THR C 202 -20.64 7.55 -8.20
C THR C 202 -19.40 6.76 -8.60
N LYS C 203 -19.06 5.72 -7.82
CA LYS C 203 -17.91 4.89 -8.16
C LYS C 203 -18.13 4.14 -9.46
N ILE C 204 -19.35 3.64 -9.68
CA ILE C 204 -19.66 2.90 -10.90
C ILE C 204 -19.41 3.76 -12.13
N GLU C 205 -19.85 5.03 -12.08
CA GLU C 205 -19.60 5.94 -13.20
C GLU C 205 -18.10 6.15 -13.40
N GLU C 206 -17.36 6.31 -12.31
CA GLU C 206 -15.91 6.45 -12.41
C GLU C 206 -15.28 5.23 -13.07
N LEU C 207 -15.71 4.03 -12.68
CA LEU C 207 -15.24 2.83 -13.34
C LEU C 207 -15.63 2.81 -14.81
N ARG C 208 -16.87 3.22 -15.11
CA ARG C 208 -17.32 3.23 -16.51
C ARG C 208 -16.47 4.17 -17.36
N GLN C 209 -16.18 5.36 -16.85
CA GLN C 209 -15.36 6.30 -17.60
C GLN C 209 -13.95 5.77 -17.81
N HIS C 210 -13.39 5.08 -16.80
CA HIS C 210 -12.08 4.47 -16.97
C HIS C 210 -12.09 3.45 -18.09
N LEU C 211 -13.14 2.62 -18.16
CA LEU C 211 -13.24 1.65 -19.24
C LEU C 211 -13.35 2.34 -20.60
N LEU C 212 -14.15 3.42 -20.67
CA LEU C 212 -14.32 4.13 -21.94
C LEU C 212 -13.00 4.69 -22.45
N ARG C 213 -12.15 5.18 -21.55
CA ARG C 213 -10.84 5.68 -21.96
C ARG C 213 -9.98 4.57 -22.56
N TRP C 214 -10.20 3.33 -22.14
CA TRP C 214 -9.53 2.18 -22.74
C TRP C 214 -10.31 1.60 -23.91
N GLY C 215 -11.44 2.18 -24.27
CA GLY C 215 -12.19 1.78 -25.45
C GLY C 215 -13.34 0.82 -25.22
N LEU C 216 -13.69 0.54 -23.97
CA LEU C 216 -14.69 -0.47 -23.64
C LEU C 216 -15.97 0.21 -23.18
N THR C 217 -17.09 -0.14 -23.82
CA THR C 217 -18.36 0.52 -23.59
C THR C 217 -19.17 -0.21 -22.51
N THR C 218 -19.89 0.56 -21.71
CA THR C 218 -20.67 0.06 -20.60
C THR C 218 -22.01 0.77 -20.55
N PRO C 219 -23.03 0.15 -19.93
CA PRO C 219 -24.36 0.76 -19.91
C PRO C 219 -24.42 2.04 -19.09
N ASP C 220 -25.15 3.03 -19.62
CA ASP C 220 -25.30 4.34 -18.98
C ASP C 220 -26.57 4.32 -18.13
N LYS C 221 -26.44 3.77 -16.93
CA LYS C 221 -27.56 3.63 -15.99
C LYS C 221 -28.74 2.92 -16.64
N LYS C 222 -28.44 2.00 -17.56
CA LYS C 222 -29.43 1.10 -18.15
C LYS C 222 -29.20 -0.33 -17.71
N HIS C 223 -28.43 -0.53 -16.65
CA HIS C 223 -28.17 -1.88 -16.15
C HIS C 223 -29.42 -2.45 -15.48
N GLN C 224 -29.51 -3.78 -15.49
CA GLN C 224 -30.66 -4.44 -14.91
C GLN C 224 -30.72 -4.20 -13.40
N LYS C 225 -31.92 -3.96 -12.90
CA LYS C 225 -32.12 -3.73 -11.49
C LYS C 225 -31.81 -4.99 -10.70
N GLU C 226 -31.36 -4.79 -9.46
CA GLU C 226 -31.02 -5.89 -8.54
C GLU C 226 -32.08 -7.00 -8.47
N PRO C 227 -33.37 -6.70 -8.30
CA PRO C 227 -34.37 -7.79 -8.22
C PRO C 227 -34.30 -8.68 -9.44
N PRO C 228 -34.17 -8.09 -10.63
CA PRO C 228 -34.04 -8.89 -11.87
C PRO C 228 -32.60 -9.26 -12.16
N PHE C 229 -31.96 -9.96 -11.21
CA PHE C 229 -30.62 -10.52 -11.42
C PHE C 229 -30.79 -12.01 -11.70
N LEU C 230 -30.85 -12.34 -13.00
CA LEU C 230 -30.95 -13.71 -13.46
C LEU C 230 -29.66 -14.05 -14.20
N TRP C 231 -28.85 -14.92 -13.60
CA TRP C 231 -27.51 -15.20 -14.11
C TRP C 231 -27.23 -16.69 -14.02
N MET C 232 -26.89 -17.30 -15.16
CA MET C 232 -26.50 -18.71 -15.24
C MET C 232 -27.54 -19.61 -14.57
N GLY C 233 -28.82 -19.31 -14.81
CA GLY C 233 -29.88 -20.09 -14.21
C GLY C 233 -30.12 -19.82 -12.73
N TYR C 234 -29.57 -18.73 -12.20
CA TYR C 234 -29.73 -18.38 -10.80
C TYR C 234 -30.49 -17.06 -10.68
N GLU C 235 -31.38 -16.98 -9.69
CA GLU C 235 -32.11 -15.76 -9.39
C GLU C 235 -31.43 -15.11 -8.19
N LEU C 236 -30.48 -14.22 -8.47
CA LEU C 236 -29.80 -13.48 -7.41
C LEU C 236 -30.67 -12.35 -6.89
N HIS C 237 -30.73 -12.22 -5.58
CA HIS C 237 -31.54 -11.24 -4.88
C HIS C 237 -30.65 -10.48 -3.91
N PRO C 238 -31.12 -9.34 -3.38
CA PRO C 238 -30.24 -8.55 -2.51
C PRO C 238 -29.74 -9.30 -1.28
N ASP C 239 -30.59 -10.12 -0.67
CA ASP C 239 -30.23 -10.86 0.53
C ASP C 239 -30.31 -12.36 0.35
N LYS C 240 -30.73 -12.85 -0.82
CA LYS C 240 -30.97 -14.26 -1.04
C LYS C 240 -30.53 -14.63 -2.44
N TRP C 241 -30.23 -15.91 -2.63
CA TRP C 241 -29.97 -16.46 -3.95
C TRP C 241 -30.78 -17.73 -4.10
N THR C 242 -31.35 -17.91 -5.28
CA THR C 242 -32.12 -19.12 -5.55
C THR C 242 -31.97 -19.49 -7.01
N VAL C 243 -32.47 -20.67 -7.35
CA VAL C 243 -32.50 -21.11 -8.73
C VAL C 243 -33.69 -20.46 -9.42
N GLN C 244 -33.55 -20.22 -10.73
CA GLN C 244 -34.65 -19.70 -11.52
C GLN C 244 -35.78 -20.73 -11.56
N PRO C 245 -37.02 -20.29 -11.78
CA PRO C 245 -38.16 -21.20 -11.70
C PRO C 245 -38.00 -22.44 -12.57
N ILE C 246 -38.25 -23.60 -11.97
CA ILE C 246 -38.09 -24.89 -12.63
C ILE C 246 -39.47 -25.48 -12.85
N VAL C 247 -39.76 -25.84 -14.10
CA VAL C 247 -41.06 -26.37 -14.50
C VAL C 247 -40.90 -27.85 -14.82
N LEU C 248 -41.65 -28.69 -14.11
CA LEU C 248 -41.56 -30.14 -14.30
C LEU C 248 -42.60 -30.60 -15.32
N PRO C 249 -42.19 -31.26 -16.40
CA PRO C 249 -43.16 -31.68 -17.41
C PRO C 249 -43.98 -32.88 -16.96
N GLU C 250 -45.23 -32.90 -17.42
CA GLU C 250 -46.15 -34.01 -17.16
C GLU C 250 -46.40 -34.73 -18.49
N LYS C 251 -45.92 -35.97 -18.59
CA LYS C 251 -46.01 -36.74 -19.82
C LYS C 251 -46.52 -38.14 -19.51
N ASP C 252 -47.48 -38.61 -20.31
CA ASP C 252 -47.94 -39.99 -20.21
C ASP C 252 -46.81 -40.95 -20.57
N SER C 253 -46.05 -40.61 -21.61
CA SER C 253 -44.89 -41.39 -22.02
C SER C 253 -43.71 -40.44 -22.20
N TRP C 254 -42.51 -40.94 -21.91
CA TRP C 254 -41.30 -40.13 -21.93
C TRP C 254 -40.28 -40.74 -22.87
N THR C 255 -39.59 -39.89 -23.62
CA THR C 255 -38.50 -40.32 -24.47
C THR C 255 -37.17 -40.13 -23.74
N VAL C 256 -36.12 -40.72 -24.33
CA VAL C 256 -34.80 -40.67 -23.68
C VAL C 256 -34.35 -39.23 -23.48
N ASN C 257 -34.58 -38.37 -24.49
CA ASN C 257 -34.23 -36.96 -24.32
C ASN C 257 -35.16 -36.28 -23.32
N ASP C 258 -36.44 -36.67 -23.31
CA ASP C 258 -37.40 -36.04 -22.40
C ASP C 258 -37.00 -36.28 -20.95
N ILE C 259 -36.60 -37.51 -20.62
CA ILE C 259 -36.11 -37.79 -19.28
C ILE C 259 -34.77 -37.11 -19.04
N GLN C 260 -33.92 -37.06 -20.07
CA GLN C 260 -32.61 -36.43 -19.93
C GLN C 260 -32.75 -34.98 -19.49
N LYS C 261 -33.65 -34.23 -20.13
CA LYS C 261 -33.93 -32.88 -19.68
C LYS C 261 -34.49 -32.85 -18.26
N LEU C 262 -35.25 -33.89 -17.88
CA LEU C 262 -35.84 -33.94 -16.55
C LEU C 262 -34.78 -34.15 -15.48
N VAL C 263 -33.88 -35.11 -15.69
CA VAL C 263 -32.83 -35.38 -14.71
C VAL C 263 -31.89 -34.19 -14.59
N GLY C 264 -31.51 -33.60 -15.73
CA GLY C 264 -30.67 -32.41 -15.68
C GLY C 264 -31.33 -31.25 -14.98
N LYS C 265 -32.62 -31.02 -15.26
CA LYS C 265 -33.36 -30.00 -14.54
C LYS C 265 -33.45 -30.35 -13.05
N LEU C 266 -33.72 -31.62 -12.74
CA LEU C 266 -33.73 -32.05 -11.35
C LEU C 266 -32.35 -31.91 -10.72
N ASN C 267 -31.29 -32.25 -11.47
CA ASN C 267 -29.94 -32.07 -10.97
C ASN C 267 -29.68 -30.62 -10.59
N TRP C 268 -30.02 -29.69 -11.49
CA TRP C 268 -29.87 -28.28 -11.18
C TRP C 268 -30.70 -27.89 -9.95
N ALA C 269 -31.87 -28.51 -9.79
CA ALA C 269 -32.70 -28.22 -8.61
C ALA C 269 -32.01 -28.63 -7.32
N SER C 270 -31.18 -29.68 -7.36
CA SER C 270 -30.54 -30.22 -6.16
C SER C 270 -29.57 -29.23 -5.54
N GLN C 271 -29.39 -28.07 -6.17
CA GLN C 271 -28.48 -27.06 -5.62
C GLN C 271 -29.03 -26.43 -4.36
N ILE C 272 -30.35 -26.24 -4.28
CA ILE C 272 -30.93 -25.54 -3.14
C ILE C 272 -32.15 -26.29 -2.60
N TYR C 273 -32.59 -27.32 -3.31
CA TYR C 273 -33.79 -28.05 -2.91
C TYR C 273 -33.41 -29.35 -2.19
N PRO C 274 -33.68 -29.47 -0.90
CA PRO C 274 -33.25 -30.66 -0.16
C PRO C 274 -34.14 -31.86 -0.42
N GLY C 275 -33.51 -33.03 -0.43
CA GLY C 275 -34.21 -34.28 -0.64
C GLY C 275 -34.44 -34.66 -2.08
N ILE C 276 -34.07 -33.81 -3.04
CA ILE C 276 -34.27 -34.13 -4.45
C ILE C 276 -33.45 -35.36 -4.82
N LYS C 277 -34.10 -36.32 -5.48
CA LYS C 277 -33.43 -37.54 -5.93
C LYS C 277 -33.76 -37.78 -7.39
N VAL C 278 -32.77 -38.28 -8.13
CA VAL C 278 -32.93 -38.55 -9.56
C VAL C 278 -32.37 -39.93 -9.91
N ARG C 279 -32.18 -40.77 -8.88
CA ARG C 279 -31.52 -42.06 -9.11
C ARG C 279 -32.36 -42.99 -9.97
N GLN C 280 -33.68 -43.02 -9.76
CA GLN C 280 -34.54 -43.93 -10.52
C GLN C 280 -34.59 -43.51 -11.99
N LEU C 281 -34.79 -42.22 -12.26
CA LEU C 281 -34.74 -41.74 -13.63
C LEU C 281 -33.37 -41.93 -14.26
N SER C 282 -32.32 -42.08 -13.43
CA SER C 282 -30.98 -42.28 -13.97
C SER C 282 -30.86 -43.63 -14.67
N LYS C 283 -31.41 -44.69 -14.06
CA LYS C 283 -31.28 -46.02 -14.66
C LYS C 283 -32.07 -46.14 -15.96
N LEU C 284 -33.16 -45.38 -16.10
CA LEU C 284 -33.97 -45.47 -17.31
C LEU C 284 -33.17 -45.02 -18.54
N LEU C 285 -32.39 -43.95 -18.41
CA LEU C 285 -31.58 -43.44 -19.49
C LEU C 285 -30.32 -44.26 -19.75
N ARG C 286 -30.21 -45.41 -19.08
CA ARG C 286 -28.99 -46.26 -19.23
C ARG C 286 -28.95 -46.87 -20.63
N GLY C 287 -27.97 -47.73 -20.90
CA GLY C 287 -27.84 -48.36 -22.22
C GLY C 287 -27.86 -47.34 -23.33
N LYS C 289 -28.97 -45.35 -26.06
CA LYS C 289 -30.43 -45.07 -26.05
C LYS C 289 -30.73 -43.95 -27.04
N ALA C 290 -31.55 -44.22 -28.06
CA ALA C 290 -31.84 -43.20 -29.08
C ALA C 290 -32.58 -42.03 -28.43
N LEU C 291 -32.22 -40.80 -28.82
CA LEU C 291 -32.91 -39.61 -28.27
C LEU C 291 -34.43 -39.81 -28.43
N THR C 292 -34.85 -40.24 -29.62
CA THR C 292 -36.28 -40.41 -29.86
C THR C 292 -36.65 -41.88 -29.67
N GLU C 293 -36.54 -42.32 -28.43
CA GLU C 293 -36.91 -43.68 -28.03
C GLU C 293 -37.80 -43.62 -26.80
N VAL C 294 -38.94 -44.29 -26.86
CA VAL C 294 -39.84 -44.32 -25.72
C VAL C 294 -39.32 -45.32 -24.69
N ILE C 295 -39.34 -44.93 -23.43
CA ILE C 295 -38.84 -45.78 -22.34
C ILE C 295 -39.95 -45.94 -21.30
N PRO C 296 -40.14 -47.14 -20.76
CA PRO C 296 -41.23 -47.34 -19.79
C PRO C 296 -40.97 -46.61 -18.49
N LEU C 297 -42.07 -46.28 -17.80
CA LEU C 297 -42.00 -45.60 -16.51
C LEU C 297 -42.03 -46.64 -15.41
N THR C 298 -40.85 -47.01 -14.91
CA THR C 298 -40.79 -47.91 -13.77
C THR C 298 -41.42 -47.24 -12.54
N GLU C 299 -42.16 -48.03 -11.76
CA GLU C 299 -42.92 -47.47 -10.65
C GLU C 299 -42.03 -46.70 -9.68
N GLU C 300 -40.81 -47.22 -9.44
CA GLU C 300 -39.86 -46.51 -8.58
C GLU C 300 -39.56 -45.12 -9.14
N ALA C 301 -39.55 -44.96 -10.46
CA ALA C 301 -39.33 -43.65 -11.06
C ALA C 301 -40.49 -42.71 -10.79
N GLU C 302 -41.73 -43.21 -10.91
CA GLU C 302 -42.89 -42.38 -10.59
C GLU C 302 -42.86 -41.95 -9.12
N LEU C 303 -42.40 -42.86 -8.25
CA LEU C 303 -42.19 -42.47 -6.85
C LEU C 303 -41.23 -41.30 -6.76
N GLU C 304 -40.12 -41.37 -7.48
CA GLU C 304 -39.17 -40.25 -7.50
C GLU C 304 -39.81 -39.00 -8.10
N LEU C 305 -40.49 -39.14 -9.24
CA LEU C 305 -41.14 -37.99 -9.85
C LEU C 305 -42.21 -37.42 -8.94
N ALA C 306 -43.00 -38.28 -8.30
CA ALA C 306 -43.98 -37.81 -7.32
C ALA C 306 -43.30 -37.16 -6.13
N GLU C 307 -42.23 -37.78 -5.61
CA GLU C 307 -41.54 -37.22 -4.45
C GLU C 307 -40.90 -35.87 -4.79
N ASN C 308 -40.27 -35.78 -5.97
CA ASN C 308 -39.64 -34.51 -6.36
C ASN C 308 -40.67 -33.41 -6.50
N ARG C 309 -41.84 -33.73 -7.08
CA ARG C 309 -42.89 -32.73 -7.25
C ARG C 309 -43.35 -32.16 -5.92
N GLU C 310 -43.50 -33.01 -4.91
CA GLU C 310 -43.93 -32.54 -3.60
C GLU C 310 -42.91 -31.59 -2.99
N ILE C 311 -41.61 -31.87 -3.19
CA ILE C 311 -40.57 -31.00 -2.68
C ILE C 311 -40.68 -29.60 -3.28
N LEU C 312 -40.97 -29.53 -4.59
CA LEU C 312 -41.01 -28.26 -5.29
C LEU C 312 -42.22 -27.41 -4.92
N LYS C 313 -43.15 -27.95 -4.12
CA LYS C 313 -44.36 -27.20 -3.78
C LYS C 313 -44.03 -25.90 -3.06
N GLU C 314 -43.17 -25.97 -2.05
CA GLU C 314 -42.80 -24.79 -1.27
C GLU C 314 -41.51 -24.21 -1.82
N PRO C 315 -41.50 -22.95 -2.27
CA PRO C 315 -40.26 -22.35 -2.80
C PRO C 315 -39.21 -22.18 -1.71
N VAL C 316 -37.95 -22.19 -2.14
CA VAL C 316 -36.80 -22.10 -1.25
C VAL C 316 -35.86 -21.01 -1.77
N HIS C 317 -35.06 -20.47 -0.86
CA HIS C 317 -34.02 -19.50 -1.18
C HIS C 317 -32.71 -19.94 -0.54
N GLY C 318 -31.63 -19.29 -0.95
CA GLY C 318 -30.31 -19.58 -0.39
C GLY C 318 -29.66 -18.36 0.21
N VAL C 319 -28.69 -18.58 1.10
CA VAL C 319 -28.05 -17.52 1.84
C VAL C 319 -26.68 -17.24 1.23
N TYR C 320 -26.14 -16.06 1.54
CA TYR C 320 -24.77 -15.72 1.17
C TYR C 320 -23.81 -16.04 2.31
N TYR C 321 -22.52 -15.88 2.05
CA TYR C 321 -21.47 -16.37 2.93
C TYR C 321 -20.96 -15.26 3.85
N ASP C 322 -20.95 -15.54 5.15
CA ASP C 322 -20.34 -14.66 6.15
C ASP C 322 -19.08 -15.34 6.69
N PRO C 323 -17.89 -14.87 6.32
CA PRO C 323 -16.65 -15.60 6.68
C PRO C 323 -16.43 -15.74 8.19
N SER C 324 -17.13 -14.97 9.02
CA SER C 324 -16.94 -15.06 10.46
C SER C 324 -17.58 -16.34 11.02
N LYS C 325 -18.87 -16.53 10.75
CA LYS C 325 -19.55 -17.74 11.19
C LYS C 325 -18.95 -18.96 10.50
N ASP C 326 -19.04 -20.11 11.16
CA ASP C 326 -18.39 -21.31 10.66
C ASP C 326 -19.28 -22.00 9.62
N LEU C 327 -18.75 -23.09 9.06
CA LEU C 327 -19.39 -23.81 7.97
C LEU C 327 -19.73 -25.21 8.43
N ILE C 328 -20.99 -25.62 8.24
CA ILE C 328 -21.48 -26.91 8.70
C ILE C 328 -22.03 -27.68 7.51
N ALA C 329 -21.68 -28.97 7.43
CA ALA C 329 -22.22 -29.87 6.41
C ALA C 329 -22.91 -31.04 7.11
N GLU C 330 -24.20 -31.21 6.84
CA GLU C 330 -24.97 -32.32 7.35
C GLU C 330 -25.33 -33.26 6.20
N ILE C 331 -25.22 -34.56 6.45
CA ILE C 331 -25.51 -35.58 5.44
C ILE C 331 -26.65 -36.43 5.94
N GLN C 332 -27.75 -36.45 5.18
CA GLN C 332 -28.92 -37.25 5.50
C GLN C 332 -28.98 -38.46 4.57
N LYS C 333 -29.10 -39.65 5.15
CA LYS C 333 -29.18 -40.87 4.37
C LYS C 333 -30.56 -41.01 3.76
N GLN C 334 -30.60 -41.34 2.47
N GLN C 334 -30.59 -41.38 2.48
CA GLN C 334 -31.86 -41.62 1.79
CA GLN C 334 -31.81 -41.59 1.72
C GLN C 334 -31.77 -42.98 1.11
C GLN C 334 -31.78 -43.01 1.13
N GLY C 335 -32.74 -43.30 0.24
CA GLY C 335 -32.83 -44.61 -0.39
C GLY C 335 -31.53 -45.20 -0.89
N GLN C 336 -31.39 -46.52 -0.79
CA GLN C 336 -30.13 -47.24 -1.00
C GLN C 336 -29.35 -46.70 -2.20
N GLY C 337 -28.10 -46.31 -1.95
CA GLY C 337 -27.25 -45.74 -2.97
C GLY C 337 -27.41 -44.25 -3.18
N GLN C 338 -28.17 -43.56 -2.34
CA GLN C 338 -28.40 -42.13 -2.48
C GLN C 338 -28.17 -41.44 -1.15
N TRP C 339 -27.55 -40.25 -1.21
CA TRP C 339 -27.34 -39.41 -0.04
C TRP C 339 -27.67 -37.97 -0.41
N THR C 340 -28.18 -37.23 0.57
CA THR C 340 -28.45 -35.80 0.41
C THR C 340 -27.75 -35.04 1.53
N TYR C 341 -27.30 -33.83 1.22
CA TYR C 341 -26.55 -33.03 2.19
C TYR C 341 -26.98 -31.57 2.12
N GLN C 342 -26.79 -30.87 3.23
CA GLN C 342 -27.03 -29.44 3.33
C GLN C 342 -25.85 -28.78 4.04
N ILE C 343 -25.41 -27.64 3.51
CA ILE C 343 -24.32 -26.86 4.08
C ILE C 343 -24.90 -25.55 4.59
N TYR C 344 -24.67 -25.25 5.86
CA TYR C 344 -25.26 -24.08 6.50
C TYR C 344 -24.29 -23.48 7.51
N GLN C 345 -24.20 -22.15 7.52
CA GLN C 345 -23.44 -21.48 8.57
C GLN C 345 -24.24 -21.39 9.86
N GLU C 346 -25.54 -21.15 9.75
CA GLU C 346 -26.45 -21.08 10.89
C GLU C 346 -27.63 -21.99 10.63
N PRO C 347 -28.21 -22.60 11.67
CA PRO C 347 -29.31 -23.54 11.45
C PRO C 347 -30.53 -22.86 10.86
N PHE C 348 -31.28 -23.65 10.07
CA PHE C 348 -32.49 -23.27 9.35
C PHE C 348 -32.19 -22.41 8.12
N LYS C 349 -30.94 -22.04 7.87
CA LYS C 349 -30.56 -21.23 6.71
C LYS C 349 -29.34 -21.88 6.07
N ASN C 350 -29.55 -22.61 4.97
CA ASN C 350 -28.50 -23.36 4.31
C ASN C 350 -27.92 -22.54 3.16
N LEU C 351 -26.59 -22.45 3.12
CA LEU C 351 -25.94 -21.77 2.01
C LEU C 351 -26.20 -22.49 0.70
N LYS C 352 -26.13 -23.81 0.71
CA LYS C 352 -26.34 -24.64 -0.47
C LYS C 352 -26.81 -26.00 0.00
N THR C 353 -27.41 -26.75 -0.93
CA THR C 353 -27.84 -28.12 -0.69
C THR C 353 -27.39 -28.98 -1.85
N GLY C 354 -27.27 -30.28 -1.61
CA GLY C 354 -26.80 -31.14 -2.68
C GLY C 354 -27.06 -32.61 -2.38
N LYS C 355 -26.55 -33.45 -3.28
CA LYS C 355 -26.70 -34.89 -3.20
C LYS C 355 -25.44 -35.55 -3.73
N TYR C 356 -25.24 -36.82 -3.35
CA TYR C 356 -24.08 -37.59 -3.78
C TYR C 356 -24.54 -38.77 -4.64
N ALA C 357 -23.95 -38.89 -5.82
CA ALA C 357 -24.26 -39.99 -6.72
C ALA C 357 -23.72 -41.31 -6.16
N ARG C 358 -24.39 -42.40 -6.51
CA ARG C 358 -23.98 -43.72 -6.05
C ARG C 358 -22.56 -44.04 -6.53
N MET C 359 -21.93 -44.98 -5.84
CA MET C 359 -20.54 -45.32 -6.14
C MET C 359 -20.42 -45.91 -7.54
N ARG C 360 -19.25 -45.68 -8.16
CA ARG C 360 -18.99 -46.26 -9.47
C ARG C 360 -18.73 -47.76 -9.38
N GLY C 361 -18.15 -48.23 -8.29
CA GLY C 361 -17.93 -49.65 -8.11
C GLY C 361 -19.24 -50.39 -7.94
N ALA C 362 -19.23 -51.66 -8.35
CA ALA C 362 -20.46 -52.47 -8.29
C ALA C 362 -20.89 -52.71 -6.85
N HIS C 363 -19.97 -53.12 -6.00
CA HIS C 363 -20.29 -53.53 -4.63
C HIS C 363 -19.76 -52.49 -3.65
N THR C 364 -20.66 -51.99 -2.80
CA THR C 364 -20.30 -50.97 -1.83
C THR C 364 -21.16 -51.16 -0.59
N ASN C 365 -20.66 -50.63 0.53
CA ASN C 365 -21.41 -50.59 1.78
C ASN C 365 -21.77 -49.14 2.09
N ASP C 366 -22.54 -48.96 3.15
CA ASP C 366 -23.03 -47.62 3.48
C ASP C 366 -21.93 -46.76 4.10
N VAL C 367 -21.04 -47.36 4.89
CA VAL C 367 -20.00 -46.57 5.53
C VAL C 367 -19.02 -46.03 4.49
N LYS C 368 -18.59 -46.89 3.56
CA LYS C 368 -17.65 -46.43 2.53
C LYS C 368 -18.26 -45.36 1.66
N GLN C 369 -19.56 -45.49 1.34
CA GLN C 369 -20.22 -44.46 0.53
C GLN C 369 -20.28 -43.13 1.27
N LEU C 370 -20.55 -43.16 2.57
CA LEU C 370 -20.53 -41.92 3.36
C LEU C 370 -19.14 -41.29 3.35
N THR C 371 -18.10 -42.14 3.43
CA THR C 371 -16.73 -41.65 3.27
C THR C 371 -16.56 -40.90 1.96
N GLU C 372 -17.04 -41.49 0.87
CA GLU C 372 -16.94 -40.83 -0.43
C GLU C 372 -17.80 -39.59 -0.49
N ALA C 373 -18.89 -39.54 0.28
CA ALA C 373 -19.72 -38.34 0.33
C ALA C 373 -18.96 -37.15 0.92
N VAL C 374 -18.20 -37.38 1.99
CA VAL C 374 -17.45 -36.30 2.61
C VAL C 374 -16.40 -35.75 1.64
N GLN C 375 -15.72 -36.63 0.92
CA GLN C 375 -14.73 -36.20 -0.06
C GLN C 375 -15.34 -35.23 -1.08
N LYS C 376 -16.55 -35.52 -1.55
CA LYS C 376 -17.20 -34.65 -2.52
C LYS C 376 -17.54 -33.30 -1.90
N ILE C 377 -18.11 -33.30 -0.70
CA ILE C 377 -18.42 -32.04 -0.02
C ILE C 377 -17.14 -31.28 0.31
N THR C 378 -16.11 -31.98 0.78
CA THR C 378 -14.85 -31.34 1.12
C THR C 378 -14.25 -30.63 -0.08
N THR C 379 -14.18 -31.32 -1.22
CA THR C 379 -13.66 -30.69 -2.43
C THR C 379 -14.54 -29.51 -2.85
N GLU C 380 -15.86 -29.66 -2.73
CA GLU C 380 -16.76 -28.57 -3.07
C GLU C 380 -16.53 -27.36 -2.18
N SER C 381 -16.35 -27.57 -0.88
CA SER C 381 -16.20 -26.47 0.06
C SER C 381 -14.91 -25.69 -0.22
N ILE C 382 -13.83 -26.40 -0.55
CA ILE C 382 -12.56 -25.73 -0.86
C ILE C 382 -12.71 -24.84 -2.08
N VAL C 383 -13.47 -25.29 -3.08
CA VAL C 383 -13.67 -24.50 -4.29
C VAL C 383 -14.54 -23.28 -4.00
N ILE C 384 -15.67 -23.48 -3.32
CA ILE C 384 -16.65 -22.41 -3.15
C ILE C 384 -16.19 -21.41 -2.09
N TRP C 385 -15.66 -21.90 -0.97
CA TRP C 385 -15.34 -21.04 0.16
C TRP C 385 -13.87 -21.01 0.53
N GLY C 386 -13.07 -21.98 0.10
CA GLY C 386 -11.67 -22.00 0.45
C GLY C 386 -11.34 -22.66 1.77
N LYS C 387 -12.28 -23.42 2.34
CA LYS C 387 -12.01 -24.15 3.58
C LYS C 387 -12.95 -25.34 3.66
N THR C 388 -12.65 -26.27 4.59
CA THR C 388 -13.50 -27.44 4.76
C THR C 388 -14.55 -27.19 5.84
N PRO C 389 -15.71 -27.84 5.73
CA PRO C 389 -16.75 -27.65 6.74
C PRO C 389 -16.67 -28.66 7.87
N LYS C 390 -17.18 -28.25 9.02
CA LYS C 390 -17.45 -29.20 10.09
C LYS C 390 -18.58 -30.11 9.66
N PHE C 391 -18.40 -31.42 9.83
CA PHE C 391 -19.34 -32.40 9.33
C PHE C 391 -20.19 -32.95 10.47
N LYS C 392 -21.51 -32.96 10.28
CA LYS C 392 -22.43 -33.65 11.18
C LYS C 392 -22.91 -34.89 10.45
N LEU C 393 -22.57 -36.06 10.98
CA LEU C 393 -22.81 -37.31 10.26
C LEU C 393 -23.71 -38.24 11.05
N PRO C 394 -24.57 -38.99 10.37
CA PRO C 394 -25.45 -39.96 11.06
C PRO C 394 -24.81 -41.34 11.20
N ILE C 395 -23.66 -41.39 11.86
CA ILE C 395 -22.94 -42.63 12.11
C ILE C 395 -22.26 -42.53 13.47
N GLN C 396 -22.17 -43.66 14.16
CA GLN C 396 -21.50 -43.68 15.46
C GLN C 396 -19.99 -43.75 15.28
N LYS C 397 -19.27 -43.28 16.30
CA LYS C 397 -17.81 -43.35 16.26
C LYS C 397 -17.33 -44.80 16.25
N GLU C 398 -17.91 -45.64 17.10
CA GLU C 398 -17.51 -47.05 17.15
C GLU C 398 -17.79 -47.74 15.83
N THR C 399 -18.87 -47.35 15.15
CA THR C 399 -19.16 -47.89 13.83
C THR C 399 -18.06 -47.54 12.84
N TRP C 400 -17.57 -46.30 12.89
CA TRP C 400 -16.48 -45.90 12.01
C TRP C 400 -15.17 -46.59 12.38
N GLU C 401 -14.85 -46.62 13.68
CA GLU C 401 -13.55 -47.12 14.12
C GLU C 401 -13.35 -48.58 13.69
N THR C 402 -14.38 -49.40 13.90
CA THR C 402 -14.28 -50.80 13.48
C THR C 402 -14.11 -50.92 11.97
N TRP C 403 -14.89 -50.13 11.21
CA TRP C 403 -14.75 -50.14 9.76
C TRP C 403 -13.35 -49.70 9.34
N TRP C 404 -12.86 -48.59 9.93
CA TRP C 404 -11.53 -48.11 9.59
C TRP C 404 -10.46 -49.15 9.95
N THR C 405 -10.58 -49.76 11.12
CA THR C 405 -9.56 -50.71 11.57
C THR C 405 -9.45 -51.89 10.60
N GLU C 406 -10.58 -52.35 10.08
CA GLU C 406 -10.59 -53.53 9.22
C GLU C 406 -10.30 -53.21 7.77
N TYR C 407 -10.62 -52.00 7.31
CA TYR C 407 -10.49 -51.70 5.88
C TYR C 407 -9.03 -51.71 5.46
N TRP C 408 -8.74 -52.43 4.37
CA TRP C 408 -7.39 -52.54 3.83
C TRP C 408 -6.92 -51.27 3.15
N GLN C 409 -7.80 -50.29 2.93
CA GLN C 409 -7.49 -49.08 2.20
C GLN C 409 -7.41 -47.91 3.16
N ALA C 410 -6.36 -47.09 3.03
CA ALA C 410 -6.20 -45.93 3.88
C ALA C 410 -7.38 -44.98 3.71
N THR C 411 -7.96 -44.58 4.83
CA THR C 411 -9.12 -43.70 4.82
C THR C 411 -8.93 -42.61 5.87
N TRP C 412 -9.34 -41.39 5.53
CA TRP C 412 -9.33 -40.27 6.46
C TRP C 412 -10.70 -39.59 6.44
N ILE C 413 -11.19 -39.23 7.62
CA ILE C 413 -12.43 -38.50 7.77
C ILE C 413 -12.16 -37.31 8.71
N PRO C 414 -12.47 -36.09 8.29
CA PRO C 414 -12.34 -34.97 9.23
C PRO C 414 -13.25 -35.17 10.43
N GLU C 415 -12.81 -34.65 11.58
CA GLU C 415 -13.58 -34.76 12.82
C GLU C 415 -15.03 -34.35 12.57
N TRP C 416 -15.93 -34.97 13.31
CA TRP C 416 -17.35 -34.83 13.01
C TRP C 416 -18.17 -35.06 14.28
N GLU C 417 -19.44 -34.66 14.20
CA GLU C 417 -20.39 -34.79 15.30
C GLU C 417 -21.51 -35.73 14.88
N PHE C 418 -21.73 -36.78 15.65
CA PHE C 418 -22.81 -37.71 15.36
C PHE C 418 -24.17 -37.05 15.56
N VAL C 419 -25.11 -37.35 14.66
CA VAL C 419 -26.48 -36.91 14.80
C VAL C 419 -27.37 -38.16 14.79
N ASN C 420 -28.36 -38.18 15.68
CA ASN C 420 -29.24 -39.32 15.79
C ASN C 420 -30.36 -39.32 14.76
N THR C 421 -30.30 -38.41 13.78
CA THR C 421 -31.29 -38.36 12.71
C THR C 421 -31.27 -39.68 11.95
N PRO C 422 -32.33 -40.49 12.05
CA PRO C 422 -32.35 -41.79 11.38
C PRO C 422 -32.51 -41.63 9.88
N PRO C 423 -32.19 -42.66 9.09
CA PRO C 423 -31.61 -43.96 9.46
C PRO C 423 -30.09 -43.91 9.61
N LEU C 424 -29.57 -44.43 10.71
CA LEU C 424 -28.15 -44.37 11.00
C LEU C 424 -27.39 -45.40 10.17
N VAL C 425 -26.15 -45.06 9.81
CA VAL C 425 -25.31 -45.96 9.04
C VAL C 425 -24.78 -47.04 9.97
N LYS C 426 -25.02 -48.30 9.60
CA LYS C 426 -24.64 -49.44 10.43
C LYS C 426 -24.07 -50.55 9.56
N LEU C 427 -23.23 -51.38 10.18
CA LEU C 427 -22.67 -52.55 9.52
C LEU C 427 -23.62 -53.73 9.76
N TRP C 428 -24.12 -54.31 8.67
CA TRP C 428 -25.18 -55.31 8.77
C TRP C 428 -24.66 -56.66 9.24
N TYR C 429 -23.44 -57.05 8.84
CA TYR C 429 -22.89 -58.33 9.24
C TYR C 429 -21.38 -58.21 9.39
N GLN C 430 -20.81 -59.09 10.20
CA GLN C 430 -19.36 -59.15 10.42
C GLN C 430 -18.90 -60.59 10.25
N LEU C 431 -18.07 -60.81 9.23
CA LEU C 431 -17.52 -62.15 9.01
C LEU C 431 -16.66 -62.57 10.20
N GLU C 432 -16.83 -63.81 10.63
CA GLU C 432 -16.00 -64.35 11.70
C GLU C 432 -14.55 -64.41 11.24
N LYS C 433 -13.63 -64.10 12.16
CA LYS C 433 -12.22 -64.12 11.86
C LYS C 433 -11.56 -65.47 12.14
N GLU C 434 -12.29 -66.43 12.69
CA GLU C 434 -11.75 -67.75 12.97
C GLU C 434 -12.79 -68.80 12.61
N PRO C 435 -12.36 -70.02 12.30
CA PRO C 435 -13.32 -71.09 11.99
C PRO C 435 -14.27 -71.34 13.14
N ILE C 436 -15.51 -71.68 12.81
CA ILE C 436 -16.55 -71.93 13.79
C ILE C 436 -16.53 -73.42 14.13
N VAL C 437 -16.14 -73.74 15.36
CA VAL C 437 -16.10 -75.13 15.79
C VAL C 437 -17.51 -75.67 15.91
N GLY C 438 -17.69 -76.92 15.48
CA GLY C 438 -19.02 -77.50 15.49
C GLY C 438 -19.95 -76.97 14.42
N ALA C 439 -19.41 -76.40 13.35
CA ALA C 439 -20.20 -75.85 12.26
C ALA C 439 -19.86 -76.59 10.97
N GLU C 440 -20.87 -76.74 10.11
CA GLU C 440 -20.69 -77.49 8.88
C GLU C 440 -19.70 -76.79 7.96
N THR C 441 -18.83 -77.58 7.33
CA THR C 441 -17.76 -77.07 6.48
C THR C 441 -18.14 -77.33 5.02
N PHE C 442 -18.58 -76.27 4.33
CA PHE C 442 -18.97 -76.35 2.93
C PHE C 442 -17.77 -76.02 2.05
N TYR C 443 -17.47 -76.90 1.09
CA TYR C 443 -16.43 -76.66 0.08
C TYR C 443 -17.14 -76.40 -1.24
N VAL C 444 -17.11 -75.14 -1.68
CA VAL C 444 -17.89 -74.73 -2.85
C VAL C 444 -16.95 -74.40 -4.01
N ASP C 445 -17.45 -74.61 -5.22
CA ASP C 445 -16.75 -74.25 -6.44
C ASP C 445 -17.77 -74.06 -7.55
N GLY C 446 -17.37 -73.36 -8.59
CA GLY C 446 -18.22 -73.15 -9.75
C GLY C 446 -17.39 -73.09 -11.01
N ALA C 447 -18.05 -73.29 -12.14
CA ALA C 447 -17.37 -73.28 -13.43
C ALA C 447 -18.39 -73.06 -14.53
N ALA C 448 -17.92 -72.59 -15.67
CA ALA C 448 -18.77 -72.34 -16.83
C ALA C 448 -17.93 -72.41 -18.10
N ASN C 449 -18.60 -72.71 -19.20
CA ASN C 449 -17.95 -72.81 -20.51
C ASN C 449 -17.98 -71.46 -21.22
N ARG C 450 -17.17 -71.36 -22.29
CA ARG C 450 -17.15 -70.14 -23.09
C ARG C 450 -18.54 -69.80 -23.62
N GLU C 451 -19.38 -70.81 -23.82
CA GLU C 451 -20.78 -70.60 -24.10
C GLU C 451 -21.49 -70.25 -22.79
N THR C 452 -22.20 -69.12 -22.79
CA THR C 452 -22.72 -68.56 -21.54
C THR C 452 -23.73 -69.50 -20.88
N LYS C 453 -24.59 -70.15 -21.68
CA LYS C 453 -25.64 -70.99 -21.11
C LYS C 453 -25.08 -72.17 -20.33
N LEU C 454 -23.81 -72.51 -20.53
CA LEU C 454 -23.19 -73.55 -19.73
C LEU C 454 -22.79 -72.99 -18.36
N GLY C 455 -23.26 -73.65 -17.31
CA GLY C 455 -22.96 -73.21 -15.96
C GLY C 455 -23.30 -74.26 -14.91
N LYS C 456 -22.56 -74.25 -13.81
CA LYS C 456 -22.75 -75.22 -12.74
C LYS C 456 -22.07 -74.69 -11.49
N ALA C 457 -22.66 -74.98 -10.33
CA ALA C 457 -22.12 -74.54 -9.06
C ALA C 457 -22.63 -75.45 -7.96
N GLY C 458 -21.73 -75.85 -7.07
CA GLY C 458 -22.12 -76.80 -6.04
C GLY C 458 -21.19 -76.78 -4.84
N TYR C 459 -21.48 -77.65 -3.88
CA TYR C 459 -20.75 -77.74 -2.63
C TYR C 459 -20.62 -79.19 -2.18
N VAL C 460 -19.66 -79.42 -1.29
CA VAL C 460 -19.42 -80.73 -0.69
C VAL C 460 -19.14 -80.50 0.80
N THR C 461 -20.09 -80.88 1.65
CA THR C 461 -19.92 -80.59 3.07
C THR C 461 -19.09 -81.68 3.76
N ASN C 462 -18.70 -81.38 5.00
CA ASN C 462 -18.00 -82.36 5.83
C ASN C 462 -18.94 -83.46 6.29
N LYS C 463 -20.23 -83.14 6.50
CA LYS C 463 -21.21 -84.16 6.89
C LYS C 463 -21.46 -85.18 5.80
N GLY C 464 -21.02 -84.93 4.57
CA GLY C 464 -21.27 -85.82 3.45
C GLY C 464 -22.26 -85.29 2.44
N ARG C 465 -22.98 -84.22 2.76
CA ARG C 465 -23.93 -83.64 1.83
C ARG C 465 -23.21 -83.12 0.59
N GLN C 466 -23.84 -83.29 -0.57
CA GLN C 466 -23.34 -82.73 -1.81
C GLN C 466 -24.52 -82.16 -2.60
N LYS C 467 -24.20 -81.31 -3.57
CA LYS C 467 -25.21 -80.66 -4.39
C LYS C 467 -24.51 -79.95 -5.53
N VAL C 468 -25.17 -79.92 -6.68
CA VAL C 468 -24.75 -79.10 -7.80
C VAL C 468 -26.01 -78.61 -8.51
N VAL C 469 -25.92 -77.38 -9.03
CA VAL C 469 -27.07 -76.69 -9.61
C VAL C 469 -26.73 -76.31 -11.04
N PRO C 470 -27.59 -76.60 -12.02
CA PRO C 470 -27.32 -76.17 -13.39
C PRO C 470 -27.55 -74.67 -13.54
N LEU C 471 -26.73 -74.04 -14.37
CA LEU C 471 -26.77 -72.59 -14.53
C LEU C 471 -26.69 -72.22 -16.01
N THR C 472 -27.35 -71.13 -16.37
CA THR C 472 -27.38 -70.62 -17.74
C THR C 472 -27.11 -69.12 -17.73
N ASN C 473 -26.46 -68.66 -18.80
CA ASN C 473 -26.07 -67.26 -18.96
C ASN C 473 -25.29 -66.78 -17.73
N THR C 474 -24.18 -67.46 -17.47
CA THR C 474 -23.40 -67.25 -16.27
C THR C 474 -21.91 -67.25 -16.64
N THR C 475 -21.15 -66.44 -15.92
CA THR C 475 -19.71 -66.38 -16.09
C THR C 475 -19.04 -67.34 -15.10
N ASN C 476 -17.78 -67.68 -15.39
CA ASN C 476 -16.97 -68.40 -14.41
C ASN C 476 -16.90 -67.64 -13.10
N GLN C 477 -16.94 -66.30 -13.15
CA GLN C 477 -16.94 -65.51 -11.93
C GLN C 477 -18.30 -65.55 -11.25
N LYS C 478 -19.39 -65.55 -12.01
CA LYS C 478 -20.72 -65.60 -11.42
C LYS C 478 -21.01 -66.96 -10.79
N THR C 479 -20.51 -68.04 -11.39
CA THR C 479 -20.73 -69.37 -10.81
C THR C 479 -20.09 -69.47 -9.43
N GLU C 480 -18.89 -68.88 -9.26
CA GLU C 480 -18.21 -68.95 -7.98
C GLU C 480 -19.02 -68.26 -6.88
N LEU C 481 -19.61 -67.11 -7.19
CA LEU C 481 -20.51 -66.46 -6.24
C LEU C 481 -21.77 -67.27 -6.01
N GLN C 482 -22.32 -67.86 -7.07
CA GLN C 482 -23.51 -68.69 -6.93
C GLN C 482 -23.27 -69.85 -5.98
N ALA C 483 -22.09 -70.46 -6.06
CA ALA C 483 -21.76 -71.58 -5.17
C ALA C 483 -21.74 -71.13 -3.72
N ILE C 484 -21.19 -69.95 -3.43
CA ILE C 484 -21.25 -69.39 -2.08
C ILE C 484 -22.69 -69.18 -1.66
N TYR C 485 -23.51 -68.61 -2.56
CA TYR C 485 -24.92 -68.43 -2.26
C TYR C 485 -25.61 -69.77 -2.05
N LEU C 486 -25.25 -70.78 -2.85
CA LEU C 486 -25.84 -72.10 -2.70
C LEU C 486 -25.54 -72.69 -1.34
N ALA C 487 -24.30 -72.56 -0.87
CA ALA C 487 -23.94 -73.06 0.45
C ALA C 487 -24.66 -72.29 1.55
N LEU C 488 -24.82 -70.97 1.38
CA LEU C 488 -25.49 -70.18 2.39
C LEU C 488 -26.96 -70.57 2.54
N GLN C 489 -27.65 -70.82 1.42
CA GLN C 489 -29.05 -71.22 1.50
C GLN C 489 -29.20 -72.55 2.23
N ASP C 490 -28.34 -73.52 1.94
CA ASP C 490 -28.48 -74.88 2.46
C ASP C 490 -27.75 -75.08 3.78
N SER C 491 -27.51 -74.03 4.55
CA SER C 491 -26.74 -74.14 5.78
C SER C 491 -27.53 -73.55 6.95
N GLY C 492 -27.03 -73.81 8.15
CA GLY C 492 -27.62 -73.28 9.36
C GLY C 492 -27.12 -71.89 9.67
N LEU C 493 -27.40 -71.45 10.90
CA LEU C 493 -27.01 -70.11 11.30
C LEU C 493 -25.50 -69.95 11.42
N GLU C 494 -24.78 -71.04 11.67
CA GLU C 494 -23.32 -71.02 11.77
C GLU C 494 -22.74 -71.95 10.70
N VAL C 495 -21.84 -71.42 9.88
CA VAL C 495 -21.37 -72.13 8.69
C VAL C 495 -19.90 -71.77 8.45
N ASN C 496 -19.14 -72.74 7.93
CA ASN C 496 -17.78 -72.54 7.46
C ASN C 496 -17.72 -72.81 5.96
N ILE C 497 -17.39 -71.79 5.19
CA ILE C 497 -17.40 -71.87 3.74
C ILE C 497 -15.98 -71.66 3.22
N VAL C 498 -15.57 -72.50 2.26
CA VAL C 498 -14.29 -72.33 1.60
C VAL C 498 -14.51 -72.26 0.09
N THR C 499 -13.61 -71.57 -0.59
CA THR C 499 -13.70 -71.38 -2.03
C THR C 499 -12.30 -71.22 -2.59
N ASP C 500 -12.17 -71.47 -3.89
CA ASP C 500 -10.90 -71.30 -4.60
C ASP C 500 -10.93 -70.08 -5.51
N SER C 501 -11.85 -69.16 -5.28
CA SER C 501 -12.03 -67.96 -6.12
C SER C 501 -11.57 -66.75 -5.33
N GLN C 502 -10.45 -66.16 -5.75
CA GLN C 502 -10.01 -64.90 -5.14
C GLN C 502 -11.01 -63.79 -5.42
N TYR C 503 -11.61 -63.80 -6.61
CA TYR C 503 -12.63 -62.79 -6.94
C TYR C 503 -13.81 -62.87 -5.99
N ALA C 504 -14.34 -64.08 -5.78
CA ALA C 504 -15.47 -64.24 -4.88
C ALA C 504 -15.12 -63.82 -3.47
N LEU C 505 -13.94 -64.22 -2.99
CA LEU C 505 -13.47 -63.78 -1.68
C LEU C 505 -13.31 -62.27 -1.64
N GLY C 506 -12.94 -61.65 -2.76
CA GLY C 506 -12.74 -60.22 -2.78
C GLY C 506 -14.00 -59.43 -2.51
N ILE C 507 -15.12 -59.86 -3.10
CA ILE C 507 -16.39 -59.17 -2.87
C ILE C 507 -16.87 -59.39 -1.45
N ILE C 508 -16.84 -60.64 -0.99
CA ILE C 508 -17.42 -60.98 0.32
C ILE C 508 -16.65 -60.29 1.44
N GLN C 509 -15.32 -60.33 1.39
CA GLN C 509 -14.53 -59.70 2.43
C GLN C 509 -14.74 -58.19 2.48
N ALA C 510 -15.06 -57.57 1.34
CA ALA C 510 -15.34 -56.15 1.32
C ALA C 510 -16.54 -55.78 2.17
N GLN C 511 -17.37 -56.76 2.52
CA GLN C 511 -18.60 -56.59 3.30
C GLN C 511 -19.55 -55.63 2.60
N PRO C 512 -19.99 -55.92 1.38
CA PRO C 512 -20.94 -55.02 0.71
C PRO C 512 -22.28 -55.05 1.41
N ASP C 513 -22.91 -53.88 1.51
CA ASP C 513 -24.28 -53.77 1.97
C ASP C 513 -25.25 -53.47 0.84
N LYS C 514 -24.74 -53.24 -0.37
CA LYS C 514 -25.56 -52.99 -1.54
C LYS C 514 -24.72 -53.29 -2.77
N SER C 515 -25.38 -53.69 -3.85
CA SER C 515 -24.67 -54.04 -5.07
C SER C 515 -25.63 -53.94 -6.25
N GLU C 516 -25.06 -53.96 -7.45
CA GLU C 516 -25.84 -53.91 -8.67
C GLU C 516 -26.30 -55.28 -9.13
N SER C 517 -25.59 -56.34 -8.76
CA SER C 517 -25.98 -57.69 -9.14
C SER C 517 -27.02 -58.23 -8.17
N GLU C 518 -28.16 -58.68 -8.70
CA GLU C 518 -29.19 -59.27 -7.86
C GLU C 518 -28.68 -60.45 -7.07
N LEU C 519 -27.73 -61.21 -7.64
CA LEU C 519 -27.13 -62.32 -6.91
C LEU C 519 -26.42 -61.85 -5.65
N VAL C 520 -25.63 -60.77 -5.76
CA VAL C 520 -24.89 -60.28 -4.62
C VAL C 520 -25.82 -59.80 -3.52
N ASN C 521 -26.93 -59.16 -3.91
CA ASN C 521 -27.91 -58.71 -2.92
C ASN C 521 -28.50 -59.90 -2.17
N GLN C 522 -28.79 -60.99 -2.89
CA GLN C 522 -29.30 -62.20 -2.23
C GLN C 522 -28.26 -62.78 -1.26
N ILE C 523 -27.00 -62.82 -1.67
CA ILE C 523 -25.94 -63.30 -0.77
C ILE C 523 -25.88 -62.42 0.47
N ILE C 524 -26.01 -61.10 0.29
CA ILE C 524 -26.02 -60.19 1.43
C ILE C 524 -27.17 -60.51 2.37
N GLU C 525 -28.37 -60.73 1.80
CA GLU C 525 -29.52 -61.08 2.62
C GLU C 525 -29.26 -62.35 3.43
N GLN C 526 -28.69 -63.37 2.78
CA GLN C 526 -28.36 -64.60 3.50
C GLN C 526 -27.34 -64.34 4.60
N LEU C 527 -26.28 -63.58 4.29
CA LEU C 527 -25.24 -63.34 5.27
C LEU C 527 -25.76 -62.60 6.49
N ILE C 528 -26.69 -61.67 6.29
CA ILE C 528 -27.28 -60.93 7.41
C ILE C 528 -28.03 -61.88 8.34
N LYS C 529 -28.89 -62.73 7.76
CA LYS C 529 -29.69 -63.64 8.58
C LYS C 529 -28.81 -64.65 9.29
N LYS C 530 -27.70 -65.06 8.67
CA LYS C 530 -26.74 -65.94 9.32
C LYS C 530 -26.17 -65.27 10.57
N GLU C 531 -26.06 -66.05 11.65
CA GLU C 531 -25.49 -65.51 12.87
C GLU C 531 -23.96 -65.43 12.79
N LYS C 532 -23.31 -66.53 12.41
CA LYS C 532 -21.85 -66.60 12.35
C LYS C 532 -21.43 -67.28 11.06
N VAL C 533 -20.62 -66.58 10.26
CA VAL C 533 -20.13 -67.10 8.99
C VAL C 533 -18.61 -66.94 8.95
N TYR C 534 -17.92 -68.01 8.59
CA TYR C 534 -16.48 -67.97 8.37
C TYR C 534 -16.18 -68.39 6.93
N LEU C 535 -15.21 -67.71 6.32
CA LEU C 535 -14.87 -67.92 4.92
C LEU C 535 -13.36 -68.07 4.78
N ALA C 536 -12.95 -69.07 4.00
CA ALA C 536 -11.53 -69.35 3.80
C ALA C 536 -11.25 -69.57 2.32
N TRP C 537 -9.96 -69.47 1.97
CA TRP C 537 -9.53 -69.60 0.59
C TRP C 537 -8.46 -70.68 0.47
N VAL C 538 -8.49 -71.40 -0.64
CA VAL C 538 -7.46 -72.40 -0.94
C VAL C 538 -7.04 -72.27 -2.39
N PRO C 539 -5.79 -72.64 -2.68
CA PRO C 539 -5.33 -72.63 -4.07
C PRO C 539 -6.05 -73.71 -4.88
N ALA C 540 -6.69 -73.28 -5.98
CA ALA C 540 -7.37 -74.21 -6.84
C ALA C 540 -6.38 -75.16 -7.52
N HIS C 541 -6.82 -76.40 -7.70
CA HIS C 541 -6.03 -77.44 -8.37
C HIS C 541 -4.72 -77.72 -7.64
N LYS C 542 -4.67 -77.43 -6.35
CA LYS C 542 -3.51 -77.73 -5.53
C LYS C 542 -3.57 -79.11 -4.89
N GLY C 543 -4.59 -79.89 -5.21
CA GLY C 543 -4.76 -81.20 -4.61
C GLY C 543 -5.38 -81.21 -3.23
N ILE C 544 -5.84 -80.05 -2.75
CA ILE C 544 -6.55 -80.00 -1.48
C ILE C 544 -7.84 -80.79 -1.60
N GLY C 545 -8.10 -81.66 -0.62
CA GLY C 545 -9.14 -82.66 -0.79
C GLY C 545 -10.53 -82.09 -1.00
N GLY C 546 -10.93 -81.17 -0.12
CA GLY C 546 -12.29 -80.66 -0.20
C GLY C 546 -12.55 -79.88 -1.47
N ASN C 547 -11.63 -78.98 -1.82
CA ASN C 547 -11.80 -78.21 -3.06
C ASN C 547 -11.74 -79.12 -4.27
N GLU C 548 -10.90 -80.15 -4.24
CA GLU C 548 -10.76 -81.04 -5.39
C GLU C 548 -12.07 -81.75 -5.70
N GLN C 549 -12.76 -82.24 -4.67
CA GLN C 549 -14.00 -82.99 -4.90
C GLN C 549 -15.05 -82.11 -5.56
N VAL C 550 -15.33 -80.94 -4.96
CA VAL C 550 -16.37 -80.05 -5.50
C VAL C 550 -15.97 -79.55 -6.89
N ASP C 551 -14.67 -79.35 -7.12
CA ASP C 551 -14.22 -78.96 -8.45
C ASP C 551 -14.58 -80.04 -9.47
N LYS C 552 -14.36 -81.31 -9.14
CA LYS C 552 -14.71 -82.39 -10.06
C LYS C 552 -16.20 -82.41 -10.36
N LEU C 553 -17.03 -82.22 -9.33
CA LEU C 553 -18.47 -82.24 -9.53
C LEU C 553 -18.93 -81.09 -10.42
N VAL C 554 -18.42 -79.87 -10.15
CA VAL C 554 -18.88 -78.71 -10.89
C VAL C 554 -18.08 -78.44 -12.16
N SER C 555 -16.94 -79.11 -12.35
CA SER C 555 -16.18 -78.94 -13.57
C SER C 555 -16.98 -79.40 -14.77
N ALA C 556 -16.62 -78.85 -15.94
CA ALA C 556 -17.28 -79.24 -17.17
C ALA C 556 -17.14 -80.74 -17.39
N GLY C 557 -18.27 -81.40 -17.64
CA GLY C 557 -18.28 -82.83 -17.80
C GLY C 557 -19.19 -83.23 -18.95
N ILE C 558 -19.04 -84.49 -19.37
CA ILE C 558 -19.70 -85.11 -20.54
C ILE C 558 -18.95 -84.74 -21.82
N VAL D 8 22.75 -21.48 -19.96
CA VAL D 8 22.90 -22.79 -20.57
C VAL D 8 21.62 -23.19 -21.31
N PRO D 9 21.77 -23.65 -22.55
CA PRO D 9 20.60 -24.11 -23.31
C PRO D 9 20.04 -25.42 -22.77
N VAL D 10 18.72 -25.51 -22.74
CA VAL D 10 17.99 -26.69 -22.31
C VAL D 10 16.89 -26.97 -23.31
N LYS D 11 16.74 -28.25 -23.69
CA LYS D 11 15.76 -28.65 -24.68
C LYS D 11 14.92 -29.81 -24.16
N LEU D 12 13.70 -29.91 -24.67
CA LEU D 12 12.81 -31.01 -24.32
C LEU D 12 13.09 -32.24 -25.16
N LYS D 13 12.42 -33.34 -24.81
CA LYS D 13 12.58 -34.62 -25.49
C LYS D 13 12.02 -34.53 -26.91
N PRO D 14 12.20 -35.57 -27.74
CA PRO D 14 11.67 -35.50 -29.11
C PRO D 14 10.17 -35.23 -29.17
N GLY D 15 9.40 -35.81 -28.26
CA GLY D 15 8.02 -35.41 -28.08
C GLY D 15 7.95 -34.19 -27.20
N MET D 16 8.34 -33.04 -27.75
CA MET D 16 8.58 -31.83 -26.96
C MET D 16 7.31 -31.02 -26.76
N ASP D 17 6.29 -31.67 -26.20
CA ASP D 17 5.15 -30.91 -25.72
C ASP D 17 5.50 -30.23 -24.40
N GLY D 18 4.78 -29.17 -24.09
CA GLY D 18 4.96 -28.48 -22.84
C GLY D 18 3.97 -28.93 -21.80
N PRO D 19 4.40 -29.01 -20.54
CA PRO D 19 3.52 -29.51 -19.48
C PRO D 19 2.25 -28.68 -19.38
N LYS D 20 1.11 -29.36 -19.38
CA LYS D 20 -0.20 -28.74 -19.16
C LYS D 20 -0.93 -29.57 -18.11
N VAL D 21 -0.65 -29.31 -16.85
CA VAL D 21 -1.22 -30.05 -15.73
C VAL D 21 -2.13 -29.14 -14.95
N LYS D 22 -3.35 -29.60 -14.68
CA LYS D 22 -4.36 -28.77 -14.03
C LYS D 22 -3.92 -28.40 -12.61
N GLN D 23 -4.25 -27.18 -12.20
CA GLN D 23 -3.93 -26.68 -10.87
C GLN D 23 -4.99 -27.13 -9.87
N TRP D 24 -4.57 -27.94 -8.90
CA TRP D 24 -5.50 -28.43 -7.90
C TRP D 24 -6.04 -27.25 -7.08
N PRO D 25 -7.29 -27.33 -6.63
CA PRO D 25 -7.82 -26.25 -5.80
C PRO D 25 -7.19 -26.26 -4.42
N LEU D 26 -6.92 -25.07 -3.90
CA LEU D 26 -6.25 -24.91 -2.63
C LEU D 26 -7.14 -24.16 -1.66
N THR D 27 -7.00 -24.47 -0.37
CA THR D 27 -7.71 -23.71 0.64
C THR D 27 -7.17 -22.29 0.71
N GLU D 28 -7.99 -21.38 1.24
CA GLU D 28 -7.66 -19.96 1.20
C GLU D 28 -6.36 -19.68 1.94
N GLU D 29 -6.18 -20.30 3.12
CA GLU D 29 -4.98 -20.05 3.90
C GLU D 29 -3.71 -20.42 3.14
N LYS D 30 -3.77 -21.47 2.32
CA LYS D 30 -2.62 -21.84 1.51
C LYS D 30 -2.44 -20.93 0.31
N ILE D 31 -3.53 -20.39 -0.24
CA ILE D 31 -3.43 -19.47 -1.36
C ILE D 31 -2.73 -18.19 -0.95
N LYS D 32 -3.18 -17.59 0.16
CA LYS D 32 -2.56 -16.35 0.64
C LYS D 32 -1.07 -16.55 0.89
N ALA D 33 -0.68 -17.73 1.38
CA ALA D 33 0.73 -18.02 1.56
C ALA D 33 1.47 -17.97 0.23
N LEU D 34 0.92 -18.60 -0.80
CA LEU D 34 1.54 -18.56 -2.12
C LEU D 34 1.59 -17.16 -2.68
N VAL D 35 0.62 -16.32 -2.34
CA VAL D 35 0.60 -14.94 -2.85
C VAL D 35 1.76 -14.14 -2.25
N GLU D 36 1.95 -14.24 -0.93
CA GLU D 36 3.02 -13.47 -0.29
C GLU D 36 4.39 -13.98 -0.72
N ILE D 37 4.54 -15.30 -0.87
CA ILE D 37 5.82 -15.86 -1.27
C ILE D 37 6.18 -15.42 -2.69
N CYS D 38 5.21 -15.47 -3.60
CA CYS D 38 5.49 -15.14 -4.99
C CYS D 38 5.71 -13.64 -5.20
N THR D 39 5.06 -12.81 -4.39
CA THR D 39 5.29 -11.37 -4.49
C THR D 39 6.75 -11.03 -4.19
N GLU D 40 7.29 -11.58 -3.10
CA GLU D 40 8.69 -11.37 -2.79
C GLU D 40 9.59 -11.95 -3.87
N MET D 41 9.28 -13.17 -4.33
CA MET D 41 10.07 -13.79 -5.40
C MET D 41 10.05 -12.94 -6.65
N GLU D 42 8.92 -12.31 -6.96
CA GLU D 42 8.85 -11.44 -8.13
C GLU D 42 9.71 -10.20 -7.94
N LYS D 43 9.71 -9.62 -6.73
CA LYS D 43 10.54 -8.46 -6.46
C LYS D 43 12.02 -8.78 -6.64
N GLU D 44 12.44 -9.94 -6.13
CA GLU D 44 13.82 -10.39 -6.26
C GLU D 44 14.15 -10.92 -7.65
N GLY D 45 13.23 -10.78 -8.61
CA GLY D 45 13.47 -11.25 -9.96
C GLY D 45 13.39 -12.74 -10.14
N LYS D 46 12.99 -13.49 -9.11
CA LYS D 46 12.92 -14.94 -9.21
C LYS D 46 11.85 -15.37 -10.20
N ILE D 47 10.71 -14.68 -10.23
CA ILE D 47 9.60 -15.01 -11.11
C ILE D 47 9.00 -13.73 -11.67
N SER D 48 8.28 -13.88 -12.78
CA SER D 48 7.62 -12.76 -13.45
C SER D 48 6.27 -13.20 -14.01
N LYS D 49 5.33 -12.27 -14.02
CA LYS D 49 4.00 -12.57 -14.53
C LYS D 49 4.06 -12.92 -16.02
N ILE D 50 3.12 -13.75 -16.46
CA ILE D 50 3.07 -14.19 -17.84
C ILE D 50 1.68 -13.94 -18.41
N GLY D 51 1.62 -13.77 -19.72
CA GLY D 51 0.38 -13.47 -20.39
C GLY D 51 -0.29 -14.71 -20.94
N PRO D 52 -1.41 -14.52 -21.64
CA PRO D 52 -2.15 -15.67 -22.20
C PRO D 52 -1.41 -16.39 -23.32
N GLU D 53 -0.23 -15.91 -23.72
CA GLU D 53 0.55 -16.60 -24.73
C GLU D 53 1.10 -17.92 -24.24
N ASN D 54 1.21 -18.11 -22.93
CA ASN D 54 1.75 -19.34 -22.37
C ASN D 54 0.61 -20.29 -22.06
N PRO D 55 0.52 -21.45 -22.72
CA PRO D 55 -0.52 -22.43 -22.41
C PRO D 55 -0.12 -23.47 -21.37
N TYR D 56 1.13 -23.43 -20.92
CA TYR D 56 1.68 -24.46 -20.06
C TYR D 56 1.49 -24.10 -18.59
N ASN D 57 1.31 -25.13 -17.76
CA ASN D 57 1.10 -24.96 -16.34
C ASN D 57 1.72 -26.12 -15.60
N THR D 58 2.06 -25.87 -14.33
CA THR D 58 2.65 -26.87 -13.45
C THR D 58 2.08 -26.65 -12.04
N PRO D 59 1.59 -27.71 -11.38
CA PRO D 59 0.89 -27.51 -10.10
C PRO D 59 1.82 -27.02 -9.02
N VAL D 60 1.28 -26.17 -8.14
CA VAL D 60 2.01 -25.62 -7.00
C VAL D 60 1.19 -25.84 -5.74
N PHE D 61 1.88 -26.13 -4.64
CA PHE D 61 1.24 -26.43 -3.36
C PHE D 61 1.95 -25.64 -2.27
N ALA D 62 1.27 -25.51 -1.13
CA ALA D 62 1.84 -24.87 0.05
C ALA D 62 2.07 -25.93 1.12
N ILE D 63 3.30 -26.00 1.65
CA ILE D 63 3.66 -27.01 2.63
C ILE D 63 4.46 -26.35 3.74
N LYS D 64 3.98 -26.48 4.98
CA LYS D 64 4.78 -26.06 6.13
C LYS D 64 5.87 -27.08 6.39
N LYS D 65 7.04 -26.60 6.80
CA LYS D 65 8.23 -27.44 6.97
C LYS D 65 8.54 -27.58 8.45
N LYS D 66 8.42 -28.81 8.97
CA LYS D 66 8.74 -29.12 10.35
C LYS D 66 8.01 -28.21 11.33
N ASP D 67 6.77 -27.83 10.98
CA ASP D 67 5.98 -26.87 11.76
C ASP D 67 6.78 -25.59 11.99
N SER D 68 7.47 -25.11 10.95
CA SER D 68 8.30 -23.91 11.05
C SER D 68 7.51 -22.66 11.40
N THR D 69 6.16 -22.74 11.36
CA THR D 69 5.25 -21.60 11.45
C THR D 69 5.35 -20.69 10.23
N LYS D 70 6.11 -21.09 9.20
CA LYS D 70 6.23 -20.33 7.96
C LYS D 70 5.96 -21.26 6.79
N TRP D 71 5.06 -20.82 5.90
CA TRP D 71 4.73 -21.61 4.72
C TRP D 71 5.88 -21.61 3.72
N ARG D 72 5.96 -22.69 2.94
CA ARG D 72 7.01 -22.86 1.94
C ARG D 72 6.41 -23.37 0.64
N LYS D 73 6.75 -22.71 -0.46
CA LYS D 73 6.20 -23.07 -1.77
C LYS D 73 6.81 -24.36 -2.30
N LEU D 74 5.97 -25.17 -2.96
CA LEU D 74 6.37 -26.42 -3.58
C LEU D 74 5.73 -26.50 -4.96
N VAL D 75 6.42 -27.16 -5.89
CA VAL D 75 5.94 -27.29 -7.27
C VAL D 75 6.12 -28.74 -7.73
N ASP D 76 5.09 -29.27 -8.40
CA ASP D 76 5.09 -30.64 -8.91
C ASP D 76 5.54 -30.60 -10.37
N PHE D 77 6.86 -30.59 -10.56
CA PHE D 77 7.47 -30.51 -11.88
C PHE D 77 7.62 -31.87 -12.56
N ARG D 78 6.86 -32.88 -12.13
CA ARG D 78 7.09 -34.24 -12.61
C ARG D 78 6.92 -34.33 -14.13
N GLU D 79 5.86 -33.72 -14.67
CA GLU D 79 5.68 -33.72 -16.12
C GLU D 79 6.80 -32.94 -16.80
N LEU D 80 7.15 -31.77 -16.26
CA LEU D 80 8.27 -31.01 -16.80
C LEU D 80 9.58 -31.77 -16.63
N ASN D 81 9.74 -32.47 -15.51
CA ASN D 81 10.97 -33.20 -15.26
C ASN D 81 11.18 -34.30 -16.29
N LYS D 82 10.11 -34.98 -16.69
CA LYS D 82 10.24 -36.07 -17.67
C LYS D 82 10.78 -35.57 -19.00
N ARG D 83 10.27 -34.43 -19.48
CA ARG D 83 10.61 -33.96 -20.81
C ARG D 83 12.01 -33.36 -20.87
N THR D 84 12.39 -32.58 -19.86
CA THR D 84 13.71 -31.94 -19.86
C THR D 84 14.82 -32.86 -19.34
N GLN D 85 14.47 -34.00 -18.76
CA GLN D 85 15.48 -34.87 -18.15
C GLN D 85 16.43 -35.46 -19.18
N ASP D 86 15.97 -35.64 -20.42
CA ASP D 86 16.73 -36.41 -21.40
C ASP D 86 18.11 -35.80 -21.62
N PHE D 87 18.16 -34.52 -21.99
CA PHE D 87 19.43 -33.89 -22.31
C PHE D 87 20.34 -33.81 -21.08
N TRP D 88 19.78 -33.40 -19.95
CA TRP D 88 20.60 -33.17 -18.76
C TRP D 88 21.13 -34.47 -18.18
N GLU D 89 20.35 -35.54 -18.25
CA GLU D 89 20.73 -36.80 -17.59
C GLU D 89 22.06 -37.32 -18.11
N VAL D 90 22.21 -37.42 -19.43
CA VAL D 90 23.47 -37.88 -20.00
C VAL D 90 24.57 -36.87 -19.70
N GLN D 91 24.27 -35.58 -19.78
CA GLN D 91 25.26 -34.55 -19.48
C GLN D 91 25.68 -34.60 -18.02
N LEU D 92 24.74 -34.78 -17.11
CA LEU D 92 25.04 -34.82 -15.68
C LEU D 92 24.27 -35.93 -14.97
N PRO D 95 26.45 -43.31 -12.82
CA PRO D 95 27.78 -43.12 -12.25
C PRO D 95 27.75 -42.90 -10.74
N HIS D 96 26.60 -42.45 -10.23
CA HIS D 96 26.39 -42.36 -8.80
C HIS D 96 26.55 -43.68 -8.04
N PRO D 97 26.12 -44.89 -8.58
CA PRO D 97 26.07 -46.10 -7.76
C PRO D 97 27.22 -46.27 -6.77
N ALA D 98 26.88 -46.34 -5.49
N ALA D 98 26.88 -46.34 -5.49
CA ALA D 98 27.88 -46.41 -4.42
CA ALA D 98 27.87 -46.42 -4.43
C ALA D 98 27.23 -47.05 -3.21
C ALA D 98 27.23 -47.07 -3.22
N GLY D 99 28.09 -47.64 -2.37
CA GLY D 99 27.62 -48.29 -1.16
C GLY D 99 27.27 -47.29 -0.07
N LEU D 100 26.26 -46.46 -0.32
CA LEU D 100 25.83 -45.48 0.67
C LEU D 100 25.01 -46.13 1.78
N LYS D 101 24.32 -47.23 1.46
CA LYS D 101 23.62 -47.99 2.50
C LYS D 101 24.60 -48.59 3.50
N LYS D 102 25.86 -48.80 3.11
CA LYS D 102 26.84 -49.35 4.04
C LYS D 102 27.22 -48.36 5.13
N LYS D 103 27.20 -47.06 4.82
CA LYS D 103 27.59 -46.04 5.79
C LYS D 103 26.73 -46.14 7.04
N LYS D 104 27.40 -46.08 8.20
CA LYS D 104 26.69 -46.25 9.47
C LYS D 104 25.67 -45.16 9.69
N SER D 105 26.01 -43.92 9.34
CA SER D 105 25.10 -42.80 9.47
C SER D 105 25.13 -41.98 8.18
N VAL D 106 24.05 -41.23 7.94
CA VAL D 106 23.94 -40.35 6.79
C VAL D 106 23.01 -39.21 7.13
N THR D 107 23.24 -38.05 6.52
CA THR D 107 22.39 -36.89 6.69
C THR D 107 22.17 -36.22 5.35
N VAL D 108 20.95 -35.76 5.11
CA VAL D 108 20.57 -35.10 3.87
C VAL D 108 20.51 -33.60 4.12
N LEU D 109 21.04 -32.82 3.18
CA LEU D 109 21.16 -31.37 3.32
C LEU D 109 20.56 -30.70 2.09
N ASP D 110 19.59 -29.82 2.30
CA ASP D 110 18.93 -29.14 1.21
C ASP D 110 19.86 -28.12 0.56
N VAL D 111 19.89 -28.13 -0.78
CA VAL D 111 20.72 -27.16 -1.50
C VAL D 111 20.20 -25.75 -1.27
N GLY D 112 18.89 -25.59 -1.19
CA GLY D 112 18.33 -24.29 -0.86
C GLY D 112 18.34 -23.36 -2.05
N ASP D 113 18.75 -22.11 -1.80
CA ASP D 113 18.72 -21.06 -2.81
C ASP D 113 19.98 -21.02 -3.67
N ALA D 114 20.84 -22.04 -3.57
CA ALA D 114 22.06 -22.05 -4.38
C ALA D 114 21.72 -22.07 -5.87
N TYR D 115 20.74 -22.86 -6.27
CA TYR D 115 20.27 -22.84 -7.65
C TYR D 115 19.51 -21.55 -7.96
N PHE D 116 18.93 -20.92 -6.93
CA PHE D 116 18.08 -19.74 -7.15
C PHE D 116 18.88 -18.59 -7.74
N SER D 117 20.14 -18.43 -7.32
CA SER D 117 20.96 -17.35 -7.84
C SER D 117 21.20 -17.53 -9.34
N VAL D 118 21.39 -18.77 -9.79
CA VAL D 118 21.73 -19.05 -11.19
C VAL D 118 20.54 -18.65 -12.07
N PRO D 119 20.78 -18.07 -13.24
CA PRO D 119 19.68 -17.76 -14.16
C PRO D 119 19.25 -18.98 -14.97
N LEU D 120 18.09 -18.85 -15.61
CA LEU D 120 17.49 -19.90 -16.42
C LEU D 120 17.40 -19.46 -17.86
N ASP D 121 17.67 -20.39 -18.78
CA ASP D 121 17.55 -20.12 -20.21
C ASP D 121 16.16 -19.58 -20.54
N GLU D 122 16.12 -18.49 -21.30
CA GLU D 122 14.87 -17.80 -21.57
C GLU D 122 13.88 -18.69 -22.31
N ASP D 123 14.39 -19.55 -23.21
CA ASP D 123 13.49 -20.43 -23.96
C ASP D 123 12.76 -21.39 -23.05
N PHE D 124 13.45 -21.93 -22.05
CA PHE D 124 12.83 -22.92 -21.17
C PHE D 124 11.86 -22.31 -20.17
N ARG D 125 11.91 -20.99 -19.95
CA ARG D 125 11.11 -20.37 -18.90
C ARG D 125 9.62 -20.53 -19.15
N LYS D 126 9.21 -20.65 -20.42
CA LYS D 126 7.79 -20.82 -20.71
C LYS D 126 7.24 -22.08 -20.07
N TYR D 127 8.05 -23.13 -20.01
CA TYR D 127 7.60 -24.43 -19.50
C TYR D 127 7.59 -24.50 -17.97
N THR D 128 8.15 -23.51 -17.28
CA THR D 128 8.07 -23.43 -15.84
C THR D 128 6.86 -22.65 -15.37
N ALA D 129 5.90 -22.40 -16.26
CA ALA D 129 4.73 -21.63 -15.91
C ALA D 129 3.90 -22.36 -14.85
N PHE D 130 3.39 -21.59 -13.87
CA PHE D 130 2.56 -22.14 -12.81
C PHE D 130 1.48 -21.13 -12.47
N THR D 131 0.44 -21.61 -11.79
CA THR D 131 -0.76 -20.82 -11.54
C THR D 131 -1.12 -20.82 -10.07
N ILE D 132 -1.56 -19.68 -9.57
CA ILE D 132 -2.15 -19.56 -8.24
C ILE D 132 -3.66 -19.43 -8.41
N PRO D 133 -4.45 -20.38 -7.92
CA PRO D 133 -5.89 -20.35 -8.15
C PRO D 133 -6.59 -19.29 -7.32
N SER D 134 -7.73 -18.84 -7.84
CA SER D 134 -8.62 -17.99 -7.05
C SER D 134 -9.59 -18.89 -6.30
N ILE D 135 -10.62 -18.29 -5.70
CA ILE D 135 -11.63 -19.02 -4.94
C ILE D 135 -12.98 -18.77 -5.59
N ASN D 136 -13.72 -19.84 -5.87
CA ASN D 136 -15.04 -19.76 -6.47
C ASN D 136 -15.00 -19.10 -7.84
N ASN D 137 -13.85 -19.20 -8.52
CA ASN D 137 -13.69 -18.70 -9.88
C ASN D 137 -14.09 -17.23 -10.00
N GLU D 138 -13.84 -16.46 -8.95
CA GLU D 138 -14.20 -15.04 -8.98
C GLU D 138 -13.23 -14.24 -9.83
N THR D 139 -11.93 -14.51 -9.74
CA THR D 139 -10.93 -13.77 -10.50
C THR D 139 -10.02 -14.74 -11.24
N PRO D 140 -9.44 -14.31 -12.36
CA PRO D 140 -8.71 -15.27 -13.21
C PRO D 140 -7.52 -15.96 -12.56
N GLY D 141 -6.90 -15.37 -11.54
CA GLY D 141 -5.77 -16.05 -10.90
C GLY D 141 -4.45 -15.74 -11.57
N ILE D 142 -3.39 -15.79 -10.76
CA ILE D 142 -2.09 -15.27 -11.16
C ILE D 142 -1.33 -16.31 -11.97
N ARG D 143 -0.53 -15.83 -12.93
CA ARG D 143 0.30 -16.67 -13.78
C ARG D 143 1.74 -16.14 -13.76
N TYR D 144 2.69 -17.03 -13.46
CA TYR D 144 4.11 -16.69 -13.36
C TYR D 144 4.94 -17.67 -14.16
N GLN D 145 6.15 -17.24 -14.53
CA GLN D 145 7.17 -18.14 -15.06
C GLN D 145 8.48 -17.93 -14.32
N TYR D 146 9.23 -19.00 -14.16
CA TYR D 146 10.52 -18.93 -13.48
C TYR D 146 11.55 -18.25 -14.36
N ASN D 147 12.26 -17.27 -13.80
CA ASN D 147 13.42 -16.67 -14.46
C ASN D 147 14.74 -17.25 -13.98
N VAL D 148 14.73 -18.03 -12.90
CA VAL D 148 15.91 -18.71 -12.39
C VAL D 148 15.66 -20.21 -12.50
N LEU D 149 16.65 -21.01 -12.12
CA LEU D 149 16.47 -22.45 -12.16
C LEU D 149 15.48 -22.88 -11.10
N PRO D 150 14.38 -23.53 -11.46
CA PRO D 150 13.40 -23.95 -10.45
C PRO D 150 13.98 -25.01 -9.53
N GLN D 151 13.71 -24.84 -8.23
CA GLN D 151 14.31 -25.73 -7.24
C GLN D 151 13.80 -27.16 -7.37
N GLY D 152 12.50 -27.32 -7.66
CA GLY D 152 11.98 -28.66 -7.89
C GLY D 152 12.51 -29.30 -9.16
N TRP D 153 12.78 -28.50 -10.18
CA TRP D 153 13.16 -29.03 -11.49
C TRP D 153 14.47 -29.80 -11.39
N LYS D 154 14.59 -30.83 -12.26
CA LYS D 154 15.81 -31.62 -12.31
C LYS D 154 16.98 -30.85 -12.92
N GLY D 155 16.70 -29.90 -13.81
CA GLY D 155 17.77 -29.18 -14.48
C GLY D 155 18.66 -28.42 -13.52
N SER D 156 18.06 -27.85 -12.46
CA SER D 156 18.85 -27.07 -11.50
C SER D 156 19.96 -27.89 -10.86
N PRO D 157 19.72 -29.10 -10.33
CA PRO D 157 20.86 -29.91 -9.88
C PRO D 157 21.87 -30.23 -10.96
N ALA D 158 21.40 -30.46 -12.19
CA ALA D 158 22.32 -30.87 -13.27
C ALA D 158 23.19 -29.70 -13.72
N ILE D 159 22.58 -28.53 -13.95
CA ILE D 159 23.35 -27.38 -14.40
C ILE D 159 24.33 -26.93 -13.34
N PHE D 160 23.89 -26.90 -12.08
CA PHE D 160 24.72 -26.50 -10.96
C PHE D 160 25.66 -27.60 -10.50
N GLN D 161 25.66 -28.76 -11.18
CA GLN D 161 26.54 -29.85 -10.77
C GLN D 161 28.01 -29.48 -10.91
N SER D 162 28.38 -28.82 -12.01
CA SER D 162 29.78 -28.46 -12.22
C SER D 162 30.28 -27.53 -11.13
N SER D 163 29.52 -26.48 -10.83
CA SER D 163 29.92 -25.58 -9.76
C SER D 163 29.82 -26.25 -8.39
N MET D 164 28.90 -27.21 -8.24
CA MET D 164 28.78 -27.92 -6.97
C MET D 164 30.06 -28.71 -6.67
N THR D 165 30.65 -29.34 -7.68
CA THR D 165 31.88 -30.08 -7.48
C THR D 165 33.01 -29.16 -7.02
N LYS D 166 33.11 -27.97 -7.62
CA LYS D 166 34.16 -27.02 -7.22
C LYS D 166 33.98 -26.58 -5.78
N ILE D 167 32.74 -26.30 -5.37
CA ILE D 167 32.49 -25.90 -4.00
C ILE D 167 32.79 -27.05 -3.04
N LEU D 168 32.55 -28.29 -3.46
CA LEU D 168 32.77 -29.45 -2.61
C LEU D 168 34.21 -29.93 -2.59
N GLU D 169 35.08 -29.34 -3.41
CA GLU D 169 36.48 -29.78 -3.46
C GLU D 169 37.20 -29.72 -2.11
N PRO D 170 37.06 -28.64 -1.29
CA PRO D 170 37.82 -28.60 -0.02
C PRO D 170 37.49 -29.73 0.95
N PHE D 171 36.21 -29.89 1.31
CA PHE D 171 35.85 -30.91 2.29
C PHE D 171 36.16 -32.31 1.79
N LYS D 172 36.04 -32.53 0.48
CA LYS D 172 36.34 -33.85 -0.07
C LYS D 172 37.80 -34.23 0.13
N LYS D 173 38.72 -33.29 -0.11
CA LYS D 173 40.12 -33.55 0.15
C LYS D 173 40.39 -33.74 1.64
N GLN D 174 39.76 -32.92 2.48
CA GLN D 174 39.97 -33.01 3.92
C GLN D 174 39.45 -34.32 4.49
N ASN D 175 38.36 -34.84 3.93
CA ASN D 175 37.73 -36.07 4.41
C ASN D 175 37.48 -37.01 3.23
N PRO D 176 38.55 -37.61 2.68
CA PRO D 176 38.36 -38.50 1.51
C PRO D 176 37.49 -39.71 1.79
N ASP D 177 37.53 -40.26 3.01
CA ASP D 177 36.74 -41.44 3.33
C ASP D 177 35.24 -41.16 3.25
N ILE D 178 34.82 -39.93 3.54
CA ILE D 178 33.42 -39.58 3.46
C ILE D 178 32.94 -39.68 2.01
N VAL D 179 31.68 -40.09 1.84
CA VAL D 179 31.03 -40.15 0.54
C VAL D 179 29.85 -39.19 0.56
N ILE D 180 29.77 -38.34 -0.46
CA ILE D 180 28.72 -37.33 -0.59
C ILE D 180 28.04 -37.53 -1.93
N TYR D 181 26.73 -37.76 -1.91
CA TYR D 181 25.93 -37.88 -3.12
C TYR D 181 24.72 -36.97 -3.00
N GLN D 182 24.42 -36.25 -4.08
CA GLN D 182 23.31 -35.32 -4.09
C GLN D 182 22.27 -35.75 -5.12
N TYR D 183 20.99 -35.58 -4.76
CA TYR D 183 19.89 -36.00 -5.61
C TYR D 183 18.77 -34.98 -5.52
N MET D 184 18.54 -34.25 -6.60
CA MET D 184 17.38 -33.36 -6.76
C MET D 184 17.22 -32.43 -5.55
N ASP D 185 18.22 -31.56 -5.39
CA ASP D 185 18.26 -30.54 -4.34
C ASP D 185 18.42 -31.12 -2.95
N ASP D 186 18.93 -32.34 -2.85
CA ASP D 186 19.22 -32.97 -1.56
C ASP D 186 20.65 -33.51 -1.63
N LEU D 187 21.43 -33.25 -0.59
CA LEU D 187 22.82 -33.69 -0.52
C LEU D 187 22.97 -34.73 0.58
N TYR D 188 23.35 -35.96 0.21
CA TYR D 188 23.46 -37.06 1.15
C TYR D 188 24.89 -37.11 1.70
N VAL D 189 25.03 -36.86 2.99
CA VAL D 189 26.32 -36.89 3.68
C VAL D 189 26.32 -38.10 4.59
N GLY D 190 27.17 -39.08 4.26
CA GLY D 190 27.21 -40.33 5.00
C GLY D 190 28.54 -40.52 5.71
N SER D 191 28.49 -41.25 6.83
CA SER D 191 29.69 -41.47 7.63
C SER D 191 29.60 -42.80 8.35
N ASP D 192 30.77 -43.37 8.65
CA ASP D 192 30.90 -44.57 9.48
C ASP D 192 31.54 -44.26 10.82
N LEU D 193 31.58 -42.99 11.21
CA LEU D 193 32.18 -42.57 12.47
C LEU D 193 31.11 -42.51 13.56
N GLU D 194 31.46 -41.93 14.70
CA GLU D 194 30.52 -41.78 15.80
C GLU D 194 29.61 -40.56 15.57
N ILE D 195 28.47 -40.57 16.27
CA ILE D 195 27.46 -39.53 16.05
C ILE D 195 28.02 -38.16 16.43
N GLY D 196 28.68 -38.07 17.59
CA GLY D 196 29.23 -36.79 18.01
C GLY D 196 30.25 -36.24 17.04
N GLN D 197 31.16 -37.10 16.57
CA GLN D 197 32.11 -36.67 15.55
C GLN D 197 31.42 -36.35 14.24
N HIS D 198 30.44 -37.18 13.85
CA HIS D 198 29.70 -36.93 12.62
C HIS D 198 28.84 -35.67 12.73
N ARG D 199 28.23 -35.45 13.91
CA ARG D 199 27.36 -34.28 14.08
C ARG D 199 28.15 -32.98 13.93
N THR D 200 29.36 -32.95 14.49
CA THR D 200 30.21 -31.76 14.34
C THR D 200 30.66 -31.58 12.90
N LYS D 201 30.94 -32.68 12.20
CA LYS D 201 31.38 -32.59 10.82
C LYS D 201 30.27 -32.09 9.89
N ILE D 202 29.01 -32.34 10.25
CA ILE D 202 27.90 -31.88 9.42
C ILE D 202 27.85 -30.35 9.40
N GLU D 203 27.96 -29.73 10.56
CA GLU D 203 28.01 -28.27 10.63
C GLU D 203 29.24 -27.73 9.90
N GLU D 204 30.34 -28.49 9.91
CA GLU D 204 31.52 -28.08 9.15
C GLU D 204 31.20 -28.00 7.66
N LEU D 205 30.51 -29.01 7.13
CA LEU D 205 30.03 -28.93 5.76
C LEU D 205 29.09 -27.74 5.59
N ARG D 206 28.22 -27.51 6.58
CA ARG D 206 27.39 -26.31 6.56
C ARG D 206 28.25 -25.05 6.62
N GLN D 207 29.28 -25.05 7.47
CA GLN D 207 30.20 -23.92 7.51
C GLN D 207 31.05 -23.84 6.25
N HIS D 208 31.57 -24.98 5.79
CA HIS D 208 32.31 -24.99 4.53
C HIS D 208 31.43 -24.60 3.36
N LEU D 209 30.13 -24.91 3.44
CA LEU D 209 29.16 -24.45 2.46
C LEU D 209 28.39 -23.22 2.93
N LEU D 210 28.87 -22.58 3.99
CA LEU D 210 28.22 -21.30 4.39
C LEU D 210 28.26 -20.43 3.14
N ARG D 211 29.11 -20.80 2.18
CA ARG D 211 29.22 -20.06 0.91
C ARG D 211 28.10 -20.52 -0.01
N GLY D 213 25.11 -22.38 0.95
CA GLY D 213 24.61 -21.56 2.06
C GLY D 213 23.18 -21.89 2.40
N LEU D 214 22.93 -23.12 2.84
CA LEU D 214 21.54 -23.56 3.15
C LEU D 214 21.53 -24.34 4.47
N THR D 215 20.39 -24.35 5.16
CA THR D 215 20.26 -25.11 6.44
C THR D 215 18.85 -24.88 7.01
N TYR D 232 16.88 -35.07 11.08
CA TYR D 232 17.37 -35.50 12.41
C TYR D 232 18.64 -36.35 12.22
N GLU D 233 18.49 -37.53 11.61
CA GLU D 233 19.64 -38.45 11.42
C GLU D 233 19.19 -39.68 10.65
N LEU D 234 20.12 -40.29 9.90
CA LEU D 234 19.76 -41.51 9.19
C LEU D 234 20.83 -42.57 9.47
N HIS D 235 20.42 -43.83 9.40
CA HIS D 235 21.27 -44.97 9.73
C HIS D 235 21.20 -45.99 8.61
N PRO D 236 21.85 -45.72 7.48
CA PRO D 236 21.75 -46.64 6.33
C PRO D 236 22.20 -48.06 6.64
N ASP D 237 23.24 -48.23 7.46
CA ASP D 237 23.74 -49.58 7.72
C ASP D 237 22.74 -50.41 8.52
N LYS D 238 21.96 -49.77 9.38
CA LYS D 238 20.97 -50.47 10.21
C LYS D 238 19.65 -50.58 9.47
N TRP D 239 19.70 -51.22 8.30
CA TRP D 239 18.52 -51.48 7.48
C TRP D 239 18.34 -52.99 7.37
N THR D 240 17.16 -53.47 7.74
CA THR D 240 16.86 -54.89 7.79
C THR D 240 15.71 -55.21 6.85
N VAL D 241 15.85 -56.30 6.09
CA VAL D 241 14.80 -56.75 5.20
C VAL D 241 13.76 -57.54 5.99
N GLN D 242 12.61 -57.78 5.38
CA GLN D 242 11.56 -58.57 6.03
C GLN D 242 11.70 -60.04 5.62
N PRO D 243 11.88 -60.96 6.56
CA PRO D 243 12.06 -62.36 6.21
C PRO D 243 10.74 -63.09 6.00
N ILE D 244 10.80 -64.16 5.21
CA ILE D 244 9.65 -65.02 4.99
C ILE D 244 9.50 -65.93 6.20
N VAL D 245 8.40 -65.77 6.92
CA VAL D 245 8.17 -66.46 8.19
C VAL D 245 6.90 -67.29 8.08
N LEU D 246 7.02 -68.59 8.36
CA LEU D 246 5.89 -69.49 8.42
C LEU D 246 5.66 -69.92 9.86
N PRO D 247 4.44 -69.76 10.39
CA PRO D 247 4.21 -70.07 11.81
C PRO D 247 4.48 -71.53 12.13
N GLU D 248 4.92 -71.77 13.36
CA GLU D 248 5.09 -73.11 13.90
C GLU D 248 4.32 -73.25 15.19
N LYS D 249 3.69 -74.41 15.38
CA LYS D 249 2.93 -74.69 16.59
C LYS D 249 2.79 -76.20 16.73
N ASP D 250 2.45 -76.63 17.95
CA ASP D 250 2.29 -78.06 18.21
C ASP D 250 1.04 -78.61 17.54
N SER D 251 -0.08 -77.90 17.66
CA SER D 251 -1.37 -78.35 17.15
C SER D 251 -1.75 -77.52 15.94
N TRP D 252 -2.09 -78.19 14.84
CA TRP D 252 -2.48 -77.54 13.60
C TRP D 252 -3.86 -78.05 13.17
N THR D 253 -4.79 -77.13 12.97
CA THR D 253 -6.11 -77.46 12.47
C THR D 253 -6.10 -77.52 10.95
N VAL D 254 -7.18 -78.07 10.39
CA VAL D 254 -7.31 -78.15 8.93
C VAL D 254 -7.22 -76.76 8.32
N ASN D 255 -7.92 -75.79 8.92
CA ASN D 255 -7.85 -74.42 8.43
C ASN D 255 -6.43 -73.87 8.50
N ASP D 256 -5.72 -74.17 9.59
CA ASP D 256 -4.33 -73.73 9.71
C ASP D 256 -3.46 -74.35 8.62
N ILE D 257 -3.65 -75.66 8.36
CA ILE D 257 -2.86 -76.31 7.33
C ILE D 257 -3.18 -75.73 5.95
N GLN D 258 -4.46 -75.48 5.69
CA GLN D 258 -4.84 -74.87 4.41
C GLN D 258 -4.18 -73.51 4.24
N LYS D 259 -4.29 -72.65 5.25
CA LYS D 259 -3.68 -71.33 5.19
C LYS D 259 -2.19 -71.43 4.92
N LEU D 260 -1.51 -72.36 5.61
CA LEU D 260 -0.08 -72.56 5.40
C LEU D 260 0.21 -72.94 3.94
N VAL D 261 -0.58 -73.86 3.39
CA VAL D 261 -0.35 -74.31 2.02
C VAL D 261 -0.51 -73.15 1.04
N GLY D 262 -1.45 -72.25 1.30
CA GLY D 262 -1.63 -71.10 0.43
C GLY D 262 -0.41 -70.21 0.39
N LYS D 263 0.19 -69.93 1.56
CA LYS D 263 1.41 -69.13 1.60
C LYS D 263 2.53 -69.81 0.83
N LEU D 264 2.68 -71.12 0.98
CA LEU D 264 3.75 -71.84 0.30
C LEU D 264 3.65 -71.71 -1.21
N ASN D 265 2.43 -71.82 -1.76
CA ASN D 265 2.25 -71.68 -3.20
C ASN D 265 2.63 -70.27 -3.66
N TRP D 266 2.24 -69.25 -2.91
CA TRP D 266 2.63 -67.88 -3.23
C TRP D 266 4.14 -67.72 -3.19
N ALA D 267 4.79 -68.29 -2.18
CA ALA D 267 6.24 -68.22 -2.07
C ALA D 267 6.94 -68.94 -3.22
N SER D 268 6.26 -69.89 -3.87
CA SER D 268 6.88 -70.63 -4.96
C SER D 268 7.28 -69.72 -6.11
N GLN D 269 6.54 -68.63 -6.32
CA GLN D 269 6.91 -67.68 -7.37
C GLN D 269 8.19 -66.94 -7.00
N ILE D 270 8.33 -66.54 -5.74
CA ILE D 270 9.50 -65.76 -5.33
C ILE D 270 10.76 -66.61 -5.34
N TYR D 271 10.68 -67.84 -4.83
CA TYR D 271 11.82 -68.73 -4.73
C TYR D 271 11.63 -69.91 -5.68
N PRO D 272 12.57 -70.18 -6.59
CA PRO D 272 12.37 -71.30 -7.52
C PRO D 272 12.18 -72.64 -6.85
N GLY D 273 12.89 -72.89 -5.75
CA GLY D 273 12.67 -74.11 -5.00
C GLY D 273 11.25 -74.15 -4.45
N ILE D 274 10.65 -75.33 -4.48
CA ILE D 274 9.27 -75.52 -4.03
C ILE D 274 9.29 -76.21 -2.69
N LYS D 275 8.60 -75.61 -1.72
CA LYS D 275 8.22 -76.36 -0.54
C LYS D 275 7.40 -77.56 -0.99
N VAL D 276 7.70 -78.74 -0.44
CA VAL D 276 7.08 -79.97 -0.94
C VAL D 276 5.57 -79.80 -0.99
N ARG D 277 5.00 -79.07 -0.03
CA ARG D 277 3.55 -78.89 0.06
C ARG D 277 2.82 -80.22 0.07
N GLN D 278 3.54 -81.29 0.44
CA GLN D 278 2.96 -82.62 0.54
C GLN D 278 1.91 -82.70 1.63
N LEU D 279 1.83 -81.70 2.49
CA LEU D 279 0.70 -81.56 3.41
C LEU D 279 -0.63 -81.48 2.68
N SER D 280 -0.62 -81.32 1.35
CA SER D 280 -1.83 -81.50 0.57
C SER D 280 -2.40 -82.90 0.75
N LYS D 281 -1.53 -83.91 0.71
CA LYS D 281 -1.96 -85.27 1.03
C LYS D 281 -2.31 -85.42 2.50
N LEU D 282 -1.77 -84.57 3.37
CA LEU D 282 -2.15 -84.60 4.77
C LEU D 282 -3.61 -84.20 4.97
N LEU D 283 -4.22 -83.55 4.00
CA LEU D 283 -5.64 -83.19 4.03
C LEU D 283 -6.29 -83.76 2.78
N ARG D 284 -6.93 -84.92 2.92
CA ARG D 284 -7.61 -85.58 1.81
C ARG D 284 -9.10 -85.67 2.09
N GLY D 285 -9.88 -85.76 1.01
CA GLY D 285 -11.33 -85.81 1.16
C GLY D 285 -11.89 -84.51 1.70
N THR D 286 -13.01 -84.64 2.42
CA THR D 286 -13.69 -83.49 3.01
C THR D 286 -13.61 -83.60 4.53
N LYS D 287 -12.99 -82.61 5.16
CA LYS D 287 -12.83 -82.59 6.61
C LYS D 287 -13.25 -81.24 7.14
N ALA D 288 -13.76 -81.24 8.37
CA ALA D 288 -14.11 -79.98 9.02
C ALA D 288 -12.85 -79.14 9.23
N LEU D 289 -12.98 -77.84 8.98
CA LEU D 289 -11.83 -76.95 9.14
C LEU D 289 -11.35 -76.94 10.59
N THR D 290 -12.30 -76.92 11.54
CA THR D 290 -11.94 -76.90 12.95
C THR D 290 -11.14 -78.14 13.35
N GLU D 291 -11.42 -79.29 12.74
CA GLU D 291 -10.74 -80.53 13.08
C GLU D 291 -9.23 -80.35 13.08
N VAL D 292 -8.56 -81.04 14.00
CA VAL D 292 -7.12 -80.98 14.16
C VAL D 292 -6.53 -82.28 13.66
N ILE D 293 -5.55 -82.20 12.77
CA ILE D 293 -4.91 -83.40 12.24
C ILE D 293 -3.45 -83.42 12.70
N PRO D 294 -2.87 -84.59 12.97
CA PRO D 294 -1.48 -84.64 13.40
C PRO D 294 -0.52 -84.58 12.23
N LEU D 295 0.54 -83.78 12.40
CA LEU D 295 1.52 -83.60 11.33
C LEU D 295 2.24 -84.91 11.03
N THR D 296 2.39 -85.20 9.74
CA THR D 296 3.07 -86.41 9.30
C THR D 296 4.58 -86.26 9.47
N GLU D 297 5.26 -87.40 9.61
CA GLU D 297 6.73 -87.37 9.68
C GLU D 297 7.33 -86.83 8.40
N GLU D 298 6.82 -87.27 7.24
CA GLU D 298 7.29 -86.71 5.98
C GLU D 298 6.92 -85.23 5.86
N ALA D 299 5.78 -84.83 6.42
CA ALA D 299 5.34 -83.44 6.32
C ALA D 299 6.26 -82.51 7.10
N GLU D 300 6.70 -82.94 8.28
CA GLU D 300 7.57 -82.08 9.11
C GLU D 300 8.86 -81.75 8.38
N LEU D 301 9.45 -82.72 7.68
CA LEU D 301 10.63 -82.45 6.87
C LEU D 301 10.32 -81.46 5.76
N GLU D 302 9.16 -81.60 5.12
CA GLU D 302 8.77 -80.67 4.07
C GLU D 302 8.61 -79.25 4.61
N LEU D 303 7.98 -79.11 5.77
CA LEU D 303 7.82 -77.79 6.38
C LEU D 303 9.16 -77.19 6.78
N ALA D 304 10.04 -78.02 7.35
CA ALA D 304 11.35 -77.52 7.79
C ALA D 304 12.23 -77.16 6.59
N GLU D 305 12.24 -78.01 5.55
CA GLU D 305 13.02 -77.68 4.36
C GLU D 305 12.51 -76.41 3.71
N ASN D 306 11.19 -76.19 3.74
CA ASN D 306 10.63 -74.92 3.29
C ASN D 306 11.08 -73.77 4.19
N ARG D 307 11.05 -73.99 5.51
CA ARG D 307 11.48 -72.96 6.43
C ARG D 307 12.93 -72.55 6.19
N GLU D 308 13.79 -73.53 5.86
CA GLU D 308 15.17 -73.22 5.54
C GLU D 308 15.27 -72.39 4.27
N ILE D 309 14.50 -72.75 3.24
CA ILE D 309 14.54 -71.99 1.99
C ILE D 309 13.99 -70.59 2.19
N LEU D 310 12.96 -70.45 3.03
CA LEU D 310 12.43 -69.12 3.33
C LEU D 310 13.45 -68.26 4.07
N LYS D 311 14.20 -68.87 5.00
CA LYS D 311 15.21 -68.12 5.74
C LYS D 311 16.36 -67.68 4.83
N GLU D 312 16.73 -68.52 3.88
CA GLU D 312 17.85 -68.21 3.00
C GLU D 312 17.52 -66.96 2.17
N PRO D 313 18.50 -66.08 1.93
CA PRO D 313 18.23 -64.89 1.12
C PRO D 313 17.86 -65.27 -0.31
N VAL D 314 17.02 -64.42 -0.92
CA VAL D 314 16.54 -64.71 -2.27
C VAL D 314 17.70 -64.72 -3.25
N HIS D 315 17.52 -65.44 -4.35
CA HIS D 315 18.55 -65.58 -5.39
C HIS D 315 17.99 -65.11 -6.72
N GLY D 316 18.88 -64.54 -7.54
CA GLY D 316 18.52 -64.03 -8.84
C GLY D 316 18.14 -62.57 -8.88
N VAL D 317 17.95 -61.94 -7.73
CA VAL D 317 17.57 -60.53 -7.70
C VAL D 317 18.78 -59.68 -8.10
N TYR D 318 18.63 -58.95 -9.20
CA TYR D 318 19.72 -58.11 -9.69
C TYR D 318 19.13 -56.88 -10.38
N TYR D 319 19.48 -55.71 -9.85
CA TYR D 319 18.93 -54.45 -10.32
C TYR D 319 19.26 -54.22 -11.80
N ASP D 320 18.27 -53.74 -12.54
CA ASP D 320 18.42 -53.38 -13.96
C ASP D 320 18.16 -51.89 -14.11
N PRO D 321 19.18 -51.08 -14.43
CA PRO D 321 18.98 -49.62 -14.46
C PRO D 321 17.91 -49.14 -15.42
N SER D 322 17.80 -49.76 -16.60
CA SER D 322 16.86 -49.26 -17.60
C SER D 322 15.41 -49.39 -17.13
N LYS D 323 15.06 -50.52 -16.52
CA LYS D 323 13.72 -50.70 -16.00
C LYS D 323 13.50 -49.81 -14.78
N ASP D 324 12.28 -49.31 -14.63
CA ASP D 324 11.95 -48.43 -13.52
C ASP D 324 11.59 -49.24 -12.27
N LEU D 325 11.73 -48.59 -11.12
CA LEU D 325 11.45 -49.22 -9.83
C LEU D 325 9.98 -49.07 -9.46
N ILE D 326 9.46 -50.06 -8.76
CA ILE D 326 8.06 -50.11 -8.34
C ILE D 326 8.02 -50.33 -6.83
N ALA D 327 7.12 -49.63 -6.15
CA ALA D 327 6.88 -49.80 -4.73
C ALA D 327 5.42 -50.16 -4.50
N GLU D 328 5.17 -51.09 -3.59
CA GLU D 328 3.84 -51.59 -3.29
C GLU D 328 3.65 -51.62 -1.77
N ILE D 329 2.51 -51.13 -1.30
CA ILE D 329 2.26 -50.95 0.13
C ILE D 329 1.02 -51.74 0.53
N GLN D 330 1.10 -52.38 1.70
CA GLN D 330 -0.05 -53.07 2.29
C GLN D 330 -0.26 -52.59 3.71
N LYS D 331 -1.48 -52.20 4.02
CA LYS D 331 -1.85 -51.71 5.34
C LYS D 331 -2.17 -52.89 6.25
N GLN D 332 -1.33 -53.12 7.27
CA GLN D 332 -1.57 -54.23 8.18
C GLN D 332 -2.67 -53.92 9.18
N GLY D 333 -2.75 -52.67 9.65
CA GLY D 333 -3.86 -52.24 10.48
C GLY D 333 -3.52 -51.90 11.92
N GLN D 334 -2.26 -52.04 12.34
CA GLN D 334 -1.86 -51.70 13.70
C GLN D 334 -0.97 -50.46 13.71
N GLY D 335 -1.31 -49.49 12.89
CA GLY D 335 -0.37 -48.42 12.62
C GLY D 335 0.88 -48.89 11.91
N GLN D 336 0.88 -50.11 11.37
CA GLN D 336 2.03 -50.73 10.76
C GLN D 336 1.72 -50.97 9.29
N TRP D 337 2.76 -50.85 8.47
CA TRP D 337 2.64 -50.94 7.04
C TRP D 337 3.80 -51.76 6.50
N THR D 338 3.55 -52.47 5.40
CA THR D 338 4.56 -53.32 4.76
C THR D 338 4.71 -52.90 3.30
N TYR D 339 5.90 -53.13 2.75
CA TYR D 339 6.19 -52.68 1.41
C TYR D 339 7.18 -53.61 0.72
N GLN D 340 7.17 -53.57 -0.61
CA GLN D 340 8.14 -54.25 -1.45
C GLN D 340 8.56 -53.32 -2.58
N ILE D 341 9.81 -53.46 -3.01
CA ILE D 341 10.34 -52.71 -4.14
C ILE D 341 10.85 -53.71 -5.16
N TYR D 342 10.42 -53.54 -6.42
CA TYR D 342 10.77 -54.49 -7.47
C TYR D 342 10.77 -53.78 -8.80
N GLN D 343 11.41 -54.43 -9.78
CA GLN D 343 11.39 -54.00 -11.18
C GLN D 343 10.61 -54.94 -12.08
N GLU D 344 10.75 -56.24 -11.86
CA GLU D 344 9.96 -57.28 -12.51
C GLU D 344 9.02 -57.91 -11.50
N PRO D 345 7.89 -58.49 -11.96
CA PRO D 345 6.85 -58.94 -11.03
C PRO D 345 7.35 -59.88 -9.93
N PHE D 346 7.98 -61.00 -10.31
CA PHE D 346 8.31 -62.03 -9.33
C PHE D 346 9.43 -61.58 -8.40
N LYS D 347 10.60 -61.28 -8.97
CA LYS D 347 11.76 -60.96 -8.16
C LYS D 347 11.64 -59.57 -7.58
N ASN D 348 11.69 -59.47 -6.25
CA ASN D 348 11.63 -58.20 -5.54
C ASN D 348 13.00 -57.86 -4.97
N LEU D 349 13.36 -56.58 -5.02
CA LEU D 349 14.68 -56.13 -4.61
C LEU D 349 14.78 -55.84 -3.12
N LYS D 350 13.68 -55.55 -2.44
CA LYS D 350 13.72 -55.25 -1.02
C LYS D 350 12.30 -55.30 -0.46
N THR D 351 12.15 -55.93 0.71
CA THR D 351 10.87 -56.06 1.39
C THR D 351 11.04 -55.64 2.84
N GLY D 352 10.13 -54.79 3.33
CA GLY D 352 10.25 -54.31 4.70
C GLY D 352 8.93 -53.97 5.36
N LYS D 353 9.00 -53.38 6.55
CA LYS D 353 7.82 -52.99 7.30
C LYS D 353 8.14 -51.77 8.13
N TYR D 354 7.09 -51.04 8.52
CA TYR D 354 7.21 -49.82 9.32
C TYR D 354 6.20 -49.85 10.46
N ALA D 355 6.63 -49.37 11.62
CA ALA D 355 5.76 -49.24 12.79
C ALA D 355 5.41 -47.78 13.00
N ARG D 356 4.18 -47.53 13.46
CA ARG D 356 3.72 -46.16 13.66
C ARG D 356 4.57 -45.44 14.70
N MET D 357 4.94 -46.13 15.77
CA MET D 357 5.63 -45.59 16.93
C MET D 357 4.79 -44.58 17.70
N ARG D 358 3.51 -44.45 17.36
CA ARG D 358 2.61 -43.51 18.03
C ARG D 358 1.18 -43.79 17.57
N GLY D 359 0.24 -43.65 18.50
CA GLY D 359 -1.16 -43.82 18.17
C GLY D 359 -1.99 -42.62 18.55
N ALA D 360 -1.34 -41.49 18.76
CA ALA D 360 -2.01 -40.23 19.10
C ALA D 360 -1.98 -39.30 17.90
N HIS D 361 -3.16 -38.89 17.43
CA HIS D 361 -3.30 -37.99 16.29
C HIS D 361 -2.59 -38.54 15.06
N THR D 362 -2.70 -39.85 14.84
CA THR D 362 -2.03 -40.52 13.74
C THR D 362 -3.10 -41.05 12.78
N ASN D 363 -3.49 -40.20 11.84
CA ASN D 363 -4.43 -40.61 10.81
C ASN D 363 -3.74 -41.52 9.78
N ASP D 364 -4.53 -42.35 9.12
CA ASP D 364 -3.99 -43.27 8.12
C ASP D 364 -3.23 -42.51 7.03
N VAL D 365 -3.78 -41.37 6.60
CA VAL D 365 -3.14 -40.58 5.56
C VAL D 365 -1.76 -40.11 6.01
N LYS D 366 -1.67 -39.65 7.27
CA LYS D 366 -0.37 -39.22 7.79
C LYS D 366 0.64 -40.35 7.75
N GLN D 367 0.25 -41.54 8.24
CA GLN D 367 1.15 -42.68 8.22
C GLN D 367 1.51 -43.07 6.79
N LEU D 368 0.54 -43.00 5.87
CA LEU D 368 0.79 -43.39 4.49
C LEU D 368 1.76 -42.43 3.82
N THR D 369 1.55 -41.12 3.98
CA THR D 369 2.49 -40.15 3.41
C THR D 369 3.88 -40.34 3.99
N GLU D 370 3.97 -40.52 5.31
CA GLU D 370 5.26 -40.71 5.96
C GLU D 370 5.96 -41.95 5.40
N ALA D 371 5.22 -43.04 5.23
CA ALA D 371 5.81 -44.27 4.70
C ALA D 371 6.35 -44.06 3.28
N VAL D 372 5.58 -43.38 2.43
CA VAL D 372 6.01 -43.15 1.05
C VAL D 372 7.32 -42.36 1.03
N GLN D 373 7.40 -41.30 1.84
CA GLN D 373 8.63 -40.52 1.91
C GLN D 373 9.79 -41.35 2.43
N LYS D 374 9.54 -42.16 3.46
CA LYS D 374 10.60 -43.00 4.01
C LYS D 374 11.10 -44.01 2.98
N ILE D 375 10.18 -44.59 2.20
CA ILE D 375 10.59 -45.52 1.16
C ILE D 375 11.40 -44.80 0.08
N THR D 376 10.97 -43.59 -0.30
CA THR D 376 11.65 -42.88 -1.38
C THR D 376 13.09 -42.54 -1.01
N THR D 377 13.32 -42.06 0.22
CA THR D 377 14.68 -41.74 0.64
C THR D 377 15.55 -42.99 0.67
N GLU D 378 14.99 -44.12 1.13
CA GLU D 378 15.75 -45.36 1.13
C GLU D 378 16.13 -45.79 -0.27
N SER D 379 15.19 -45.68 -1.22
CA SER D 379 15.47 -46.05 -2.60
C SER D 379 16.52 -45.13 -3.21
N ILE D 380 16.47 -43.83 -2.89
CA ILE D 380 17.49 -42.90 -3.37
C ILE D 380 18.86 -43.31 -2.83
N VAL D 381 18.93 -43.66 -1.55
CA VAL D 381 20.19 -44.12 -0.97
C VAL D 381 20.62 -45.42 -1.62
N ILE D 382 19.70 -46.37 -1.76
CA ILE D 382 20.05 -47.71 -2.25
C ILE D 382 20.46 -47.64 -3.72
N TRP D 383 19.69 -46.93 -4.54
CA TRP D 383 19.94 -46.93 -5.98
C TRP D 383 20.05 -45.55 -6.62
N GLY D 384 19.65 -44.48 -5.94
CA GLY D 384 19.69 -43.18 -6.58
C GLY D 384 18.51 -42.88 -7.48
N LYS D 385 17.35 -43.48 -7.22
CA LYS D 385 16.16 -43.23 -8.00
C LYS D 385 14.94 -43.36 -7.12
N THR D 386 13.84 -42.76 -7.55
CA THR D 386 12.61 -42.89 -6.78
C THR D 386 11.65 -43.84 -7.48
N PRO D 387 10.98 -44.73 -6.74
CA PRO D 387 10.09 -45.71 -7.36
C PRO D 387 8.67 -45.18 -7.50
N LYS D 388 7.98 -45.73 -8.49
CA LYS D 388 6.56 -45.43 -8.65
C LYS D 388 5.76 -46.16 -7.58
N PHE D 389 4.88 -45.43 -6.90
CA PHE D 389 4.18 -45.96 -5.74
C PHE D 389 2.77 -46.37 -6.13
N LYS D 390 2.39 -47.59 -5.76
CA LYS D 390 1.03 -48.09 -5.93
C LYS D 390 0.28 -47.91 -4.62
N LEU D 391 -0.20 -46.69 -4.41
CA LEU D 391 -0.76 -46.31 -3.12
C LEU D 391 -2.10 -47.01 -2.88
N PRO D 392 -2.32 -47.59 -1.70
CA PRO D 392 -3.64 -48.18 -1.35
C PRO D 392 -4.57 -47.17 -0.70
N ILE D 393 -5.10 -46.25 -1.51
CA ILE D 393 -5.95 -45.18 -1.00
C ILE D 393 -6.73 -44.60 -2.17
N GLN D 394 -7.93 -44.09 -1.88
CA GLN D 394 -8.73 -43.42 -2.90
C GLN D 394 -7.97 -42.22 -3.46
N LYS D 395 -8.08 -42.04 -4.78
CA LYS D 395 -7.34 -40.97 -5.46
C LYS D 395 -7.69 -39.61 -4.89
N GLU D 396 -8.99 -39.31 -4.76
CA GLU D 396 -9.40 -37.98 -4.31
C GLU D 396 -8.96 -37.72 -2.87
N THR D 397 -9.07 -38.72 -2.00
CA THR D 397 -8.66 -38.55 -0.61
C THR D 397 -7.18 -38.22 -0.51
N TRP D 398 -6.34 -38.95 -1.25
CA TRP D 398 -4.90 -38.67 -1.24
C TRP D 398 -4.61 -37.29 -1.81
N GLU D 399 -5.22 -36.95 -2.95
CA GLU D 399 -5.01 -35.64 -3.55
C GLU D 399 -5.50 -34.51 -2.67
N THR D 400 -6.43 -34.78 -1.76
CA THR D 400 -6.99 -33.74 -0.91
C THR D 400 -6.14 -33.48 0.33
N TRP D 401 -5.40 -34.48 0.82
CA TRP D 401 -4.70 -34.34 2.09
C TRP D 401 -3.21 -34.65 2.05
N TRP D 402 -2.64 -34.99 0.89
CA TRP D 402 -1.23 -35.38 0.88
C TRP D 402 -0.31 -34.22 1.23
N THR D 403 -0.68 -32.99 0.85
CA THR D 403 0.14 -31.82 1.16
C THR D 403 0.17 -31.48 2.64
N GLU D 404 -0.73 -32.05 3.44
CA GLU D 404 -0.82 -31.67 4.85
C GLU D 404 0.44 -32.04 5.62
N TYR D 405 1.06 -33.18 5.27
CA TYR D 405 2.21 -33.69 6.01
C TYR D 405 3.34 -34.11 5.09
N TRP D 406 3.43 -33.51 3.89
CA TRP D 406 4.36 -34.02 2.89
C TRP D 406 5.81 -33.81 3.32
N GLN D 407 6.17 -32.59 3.72
CA GLN D 407 7.48 -32.29 4.30
C GLN D 407 8.62 -32.80 3.42
N ALA D 408 8.55 -32.46 2.13
CA ALA D 408 9.56 -32.93 1.18
C ALA D 408 9.74 -31.90 0.08
N THR D 409 10.86 -32.03 -0.63
CA THR D 409 11.19 -31.17 -1.76
C THR D 409 10.92 -31.83 -3.10
N TRP D 410 10.69 -33.14 -3.11
CA TRP D 410 10.40 -33.91 -4.32
C TRP D 410 9.04 -34.58 -4.17
N ILE D 411 8.44 -34.94 -5.31
CA ILE D 411 7.19 -35.67 -5.33
C ILE D 411 7.37 -36.90 -6.23
N PRO D 412 7.17 -38.11 -5.72
CA PRO D 412 7.37 -39.30 -6.56
C PRO D 412 6.14 -39.64 -7.37
N GLU D 413 6.38 -40.31 -8.50
CA GLU D 413 5.30 -40.84 -9.31
C GLU D 413 4.47 -41.82 -8.52
N TRP D 414 3.16 -41.79 -8.72
CA TRP D 414 2.30 -42.68 -7.94
C TRP D 414 1.02 -42.98 -8.71
N GLU D 415 0.34 -44.03 -8.25
CA GLU D 415 -0.97 -44.42 -8.76
C GLU D 415 -1.73 -45.10 -7.62
N PHE D 416 -3.02 -45.30 -7.83
CA PHE D 416 -3.91 -45.81 -6.78
C PHE D 416 -4.49 -47.14 -7.23
N VAL D 417 -4.28 -48.18 -6.41
CA VAL D 417 -4.71 -49.54 -6.72
C VAL D 417 -5.36 -50.14 -5.48
N ASN D 418 -6.17 -51.17 -5.71
CA ASN D 418 -6.81 -51.94 -4.65
C ASN D 418 -5.91 -53.10 -4.21
N THR D 419 -6.13 -53.57 -2.98
CA THR D 419 -5.25 -54.55 -2.36
C THR D 419 -5.88 -55.93 -2.37
N PRO D 420 -5.23 -56.93 -2.96
CA PRO D 420 -5.71 -58.32 -2.87
C PRO D 420 -5.38 -58.92 -1.52
N PRO D 421 -5.73 -60.23 -1.25
CA PRO D 421 -5.40 -60.85 0.03
C PRO D 421 -3.94 -61.26 0.18
N LEU D 422 -3.03 -60.36 -0.21
CA LEU D 422 -1.61 -60.57 0.05
C LEU D 422 -1.18 -59.92 1.35
N VAL D 423 -2.12 -59.37 2.12
CA VAL D 423 -1.80 -58.84 3.45
C VAL D 423 -1.57 -59.96 4.46
N LYS D 424 -2.28 -61.08 4.30
CA LYS D 424 -2.06 -62.23 5.17
C LYS D 424 -0.60 -62.66 5.15
N LEU D 425 -0.08 -62.92 3.96
CA LEU D 425 1.34 -63.02 3.73
C LEU D 425 1.94 -61.62 3.81
N TRP D 426 3.25 -61.54 3.95
CA TRP D 426 3.90 -60.26 3.75
C TRP D 426 4.45 -60.24 2.32
N TYR D 427 5.12 -59.16 1.97
CA TYR D 427 5.70 -59.01 0.64
C TYR D 427 4.66 -59.19 -0.47
S SO4 E . 36.72 51.58 11.64
O1 SO4 E . 35.95 52.49 10.79
O2 SO4 E . 37.52 52.35 12.59
O3 SO4 E . 35.79 50.72 12.39
O4 SO4 E . 37.59 50.76 10.82
S SO4 F . 28.30 61.08 15.56
O1 SO4 F . 27.62 62.11 14.77
O2 SO4 F . 29.68 61.50 15.84
O3 SO4 F . 27.59 60.88 16.81
O4 SO4 F . 28.33 59.83 14.80
C1 EDO G . -11.28 39.23 32.92
O1 EDO G . -12.48 38.98 32.19
C2 EDO G . -11.02 40.73 32.98
O2 EDO G . -12.24 41.45 33.17
C00 3LQ H . -20.80 37.55 18.36
C01 3LQ H . -20.93 36.19 18.09
C02 3LQ H . -20.77 35.27 19.09
C03 3LQ H . -20.47 35.67 20.38
C04 3LQ H . -20.36 37.01 20.65
C05 3LQ H . -20.50 37.97 19.66
O0A 3LQ H . -20.06 37.46 21.93
O0B 3LQ H . -20.38 39.27 20.03
C0D 3LQ H . -20.62 40.26 19.02
C0E 3LQ H . -20.50 41.61 19.70
N0H 3LQ H . -21.40 41.70 20.88
C0K 3LQ H . -22.69 42.17 20.68
N0M 3LQ H . -23.45 42.24 21.82
C0N 3LQ H . -23.07 41.88 23.10
C0O 3LQ H . -21.72 41.39 23.20
C0P 3LQ H . -20.96 41.33 22.12
O0Q 3LQ H . -23.11 42.52 19.59
O0S 3LQ H . -23.87 41.99 24.04
CAH 3LQ H . -18.75 37.49 22.39
CAI 3LQ H . -18.62 37.64 23.77
CAY 3LQ H . -19.73 37.68 24.65
CAZ 3LQ H . -19.53 37.80 26.00
CBA 3LQ H . -18.23 37.85 26.53
CBC 3LQ H . -18.07 37.98 27.96
NBD 3LQ H . -17.93 38.00 29.09
CBB 3LQ H . -17.13 37.80 25.71
CAJ 3LQ H . -17.30 37.68 24.32
CAK 3LQ H . -16.19 37.64 23.44
CAL 3LQ H . -16.38 37.53 22.10
CAM 3LQ H . -17.68 37.46 21.56
MG MG I . -12.76 -74.57 -10.16
C1 EDO J . -27.38 -59.62 -11.96
O1 EDO J . -26.01 -59.85 -12.31
C2 EDO J . -27.88 -60.76 -11.10
O2 EDO J . -27.43 -62.00 -11.65
C00 3LQ K . -19.46 -9.19 -5.03
C01 3LQ K . -18.75 -8.38 -5.90
C02 3LQ K . -19.23 -8.12 -7.16
C03 3LQ K . -20.43 -8.68 -7.57
C04 3LQ K . -21.18 -9.41 -6.69
C05 3LQ K . -20.71 -9.70 -5.41
O0A 3LQ K . -22.37 -10.00 -7.11
O0B 3LQ K . -21.44 -10.51 -4.60
C0D 3LQ K . -22.62 -9.92 -4.04
C0E 3LQ K . -23.75 -10.88 -4.27
N0H 3LQ K . -24.98 -10.11 -4.52
C0K 3LQ K . -25.57 -9.45 -3.46
N0M 3LQ K . -26.69 -8.73 -3.78
C0N 3LQ K . -27.26 -8.60 -5.03
C0O 3LQ K . -26.56 -9.30 -6.07
C0P 3LQ K . -25.47 -10.00 -5.78
O0Q 3LQ K . -25.14 -9.51 -2.31
O0S 3LQ K . -28.28 -7.91 -5.17
CAH 3LQ K . -22.20 -10.89 -8.17
CAI 3LQ K . -23.14 -10.93 -9.22
CAY 3LQ K . -24.17 -9.98 -9.39
CAZ 3LQ K . -24.99 -10.03 -10.47
CBA 3LQ K . -24.79 -11.03 -11.47
CBC 3LQ K . -25.65 -11.02 -12.63
NBD 3LQ K . -26.32 -11.01 -13.57
CBB 3LQ K . -23.78 -11.93 -11.37
CAJ 3LQ K . -22.92 -11.90 -10.24
CAK 3LQ K . -21.87 -12.84 -10.11
CAL 3LQ K . -21.05 -12.81 -9.03
CAM 3LQ K . -21.23 -11.84 -8.03
#